data_5HWC
# 
_entry.id   5HWC 
# 
_audit_conform.dict_name       mmcif_pdbx.dic 
_audit_conform.dict_version    5.387 
_audit_conform.dict_location   http://mmcif.pdb.org/dictionaries/ascii/mmcif_pdbx.dic 
# 
loop_
_database_2.database_id 
_database_2.database_code 
_database_2.pdbx_database_accession 
_database_2.pdbx_DOI 
PDB   5HWC         pdb_00005hwc 10.2210/pdb5hwc/pdb 
WWPDB D_1000217852 ?            ?                   
# 
loop_
_pdbx_audit_revision_history.ordinal 
_pdbx_audit_revision_history.data_content_type 
_pdbx_audit_revision_history.major_revision 
_pdbx_audit_revision_history.minor_revision 
_pdbx_audit_revision_history.revision_date 
1 'Structure model' 1 0 2016-09-14 
2 'Structure model' 1 1 2024-03-06 
# 
_pdbx_audit_revision_details.ordinal             1 
_pdbx_audit_revision_details.revision_ordinal    1 
_pdbx_audit_revision_details.data_content_type   'Structure model' 
_pdbx_audit_revision_details.provider            repository 
_pdbx_audit_revision_details.type                'Initial release' 
_pdbx_audit_revision_details.description         ? 
_pdbx_audit_revision_details.details             ? 
# 
loop_
_pdbx_audit_revision_group.ordinal 
_pdbx_audit_revision_group.revision_ordinal 
_pdbx_audit_revision_group.data_content_type 
_pdbx_audit_revision_group.group 
1 2 'Structure model' 'Data collection'      
2 2 'Structure model' 'Database references'  
3 2 'Structure model' 'Derived calculations' 
# 
loop_
_pdbx_audit_revision_category.ordinal 
_pdbx_audit_revision_category.revision_ordinal 
_pdbx_audit_revision_category.data_content_type 
_pdbx_audit_revision_category.category 
1 2 'Structure model' chem_comp_atom        
2 2 'Structure model' chem_comp_bond        
3 2 'Structure model' database_2            
4 2 'Structure model' pdbx_struct_oper_list 
# 
loop_
_pdbx_audit_revision_item.ordinal 
_pdbx_audit_revision_item.revision_ordinal 
_pdbx_audit_revision_item.data_content_type 
_pdbx_audit_revision_item.item 
1 2 'Structure model' '_database_2.pdbx_DOI'                      
2 2 'Structure model' '_database_2.pdbx_database_accession'       
3 2 'Structure model' '_pdbx_struct_oper_list.symmetry_operation' 
# 
_pdbx_database_status.status_code                     REL 
_pdbx_database_status.status_code_sf                  REL 
_pdbx_database_status.status_code_mr                  ? 
_pdbx_database_status.entry_id                        5HWC 
_pdbx_database_status.recvd_initial_deposition_date   2016-01-29 
_pdbx_database_status.SG_entry                        N 
_pdbx_database_status.deposit_site                    RCSB 
_pdbx_database_status.process_site                    RCSB 
_pdbx_database_status.status_code_cs                  ? 
_pdbx_database_status.methods_development_category    ? 
_pdbx_database_status.pdb_format_compatible           Y 
_pdbx_database_status.status_code_nmr_data            ? 
# 
_pdbx_database_related.content_type   unspecified 
_pdbx_database_related.db_id          5HWB 
_pdbx_database_related.db_name        PDB 
_pdbx_database_related.details        . 
# 
loop_
_audit_author.name 
_audit_author.pdbx_ordinal 
'Tonthat, N.K.'    1 
'Schumacher, M.A.' 2 
# 
_citation.abstract                  ? 
_citation.abstract_id_CAS           ? 
_citation.book_id_ISBN              ? 
_citation.book_publisher            ? 
_citation.book_publisher_city       ? 
_citation.book_title                ? 
_citation.coordinate_linkage        ? 
_citation.country                   US 
_citation.database_id_Medline       ? 
_citation.details                   ? 
_citation.id                        primary 
_citation.journal_abbrev            Mbio 
_citation.journal_id_ASTM           ? 
_citation.journal_id_CSD            ? 
_citation.journal_id_ISSN           2150-7511 
_citation.journal_full              ? 
_citation.journal_issue             ? 
_citation.journal_volume            7 
_citation.language                  ? 
_citation.page_first                e00492 
_citation.page_last                 e00416 
_citation.title                     'Structures of Pathogenic Fungal FKBP12s Reveal Possible Self-Catalysis Function.' 
_citation.year                      2016 
_citation.database_id_CSD           ? 
_citation.pdbx_database_id_DOI      10.1128/mBio.00492-16 
_citation.pdbx_database_id_PubMed   27118592 
_citation.unpublished_flag          ? 
# 
loop_
_citation_author.citation_id 
_citation_author.name 
_citation_author.ordinal 
_citation_author.identifier_ORCID 
primary 'Tonthat, N.K.'    1 ? 
primary 'Juvvadi, P.R.'    2 ? 
primary 'Zhang, H.'        3 ? 
primary 'Lee, S.C.'        4 ? 
primary 'Venters, R.'      5 ? 
primary 'Spicer, L.'       6 ? 
primary 'Steinbach, W.J.'  7 ? 
primary 'Heitman, J.'      8 ? 
primary 'Schumacher, M.A.' 9 ? 
# 
loop_
_entity.id 
_entity.type 
_entity.src_method 
_entity.pdbx_description 
_entity.formula_weight 
_entity.pdbx_number_of_molecules 
_entity.pdbx_ec 
_entity.pdbx_mutation 
_entity.pdbx_fragment 
_entity.details 
1 polymer     man 'FK506-binding protein 1A'           12385.917 1   5.2.1.8 P90G ? ? 
2 non-polymer syn '8-DEETHYL-8-[BUT-3-ENYL]-ASCOMYCIN' 804.018   1   ?       ?    ? ? 
3 water       nat water                                18.015    147 ?       ?    ? ? 
# 
_entity_name_com.entity_id   1 
_entity_name_com.name        'FKBP,Peptidyl-prolyl cis-trans isomerase,PPIase,Rapamycin-binding protein' 
# 
_entity_poly.entity_id                      1 
_entity_poly.type                           'polypeptide(L)' 
_entity_poly.nstd_linkage                   no 
_entity_poly.nstd_monomer                   no 
_entity_poly.pdbx_seq_one_letter_code       
;GSHMGVTKELKSPGNGVDFPKKGDFVTIHYTGRLTDGSKFDSSVDRNEPFQTQIGTGRVIKGWDEGVPQMSLGEKAVLTI
TPDYGYGARGFPGVIPGNSTLIFEVELLGINNKRA
;
_entity_poly.pdbx_seq_one_letter_code_can   
;GSHMGVTKELKSPGNGVDFPKKGDFVTIHYTGRLTDGSKFDSSVDRNEPFQTQIGTGRVIKGWDEGVPQMSLGEKAVLTI
TPDYGYGARGFPGVIPGNSTLIFEVELLGINNKRA
;
_entity_poly.pdbx_strand_id                 A 
_entity_poly.pdbx_target_identifier         ? 
# 
loop_
_pdbx_entity_nonpoly.entity_id 
_pdbx_entity_nonpoly.name 
_pdbx_entity_nonpoly.comp_id 
2 '8-DEETHYL-8-[BUT-3-ENYL]-ASCOMYCIN' FK5 
3 water                                HOH 
# 
loop_
_entity_poly_seq.entity_id 
_entity_poly_seq.num 
_entity_poly_seq.mon_id 
_entity_poly_seq.hetero 
1 1   GLY n 
1 2   SER n 
1 3   HIS n 
1 4   MET n 
1 5   GLY n 
1 6   VAL n 
1 7   THR n 
1 8   LYS n 
1 9   GLU n 
1 10  LEU n 
1 11  LYS n 
1 12  SER n 
1 13  PRO n 
1 14  GLY n 
1 15  ASN n 
1 16  GLY n 
1 17  VAL n 
1 18  ASP n 
1 19  PHE n 
1 20  PRO n 
1 21  LYS n 
1 22  LYS n 
1 23  GLY n 
1 24  ASP n 
1 25  PHE n 
1 26  VAL n 
1 27  THR n 
1 28  ILE n 
1 29  HIS n 
1 30  TYR n 
1 31  THR n 
1 32  GLY n 
1 33  ARG n 
1 34  LEU n 
1 35  THR n 
1 36  ASP n 
1 37  GLY n 
1 38  SER n 
1 39  LYS n 
1 40  PHE n 
1 41  ASP n 
1 42  SER n 
1 43  SER n 
1 44  VAL n 
1 45  ASP n 
1 46  ARG n 
1 47  ASN n 
1 48  GLU n 
1 49  PRO n 
1 50  PHE n 
1 51  GLN n 
1 52  THR n 
1 53  GLN n 
1 54  ILE n 
1 55  GLY n 
1 56  THR n 
1 57  GLY n 
1 58  ARG n 
1 59  VAL n 
1 60  ILE n 
1 61  LYS n 
1 62  GLY n 
1 63  TRP n 
1 64  ASP n 
1 65  GLU n 
1 66  GLY n 
1 67  VAL n 
1 68  PRO n 
1 69  GLN n 
1 70  MET n 
1 71  SER n 
1 72  LEU n 
1 73  GLY n 
1 74  GLU n 
1 75  LYS n 
1 76  ALA n 
1 77  VAL n 
1 78  LEU n 
1 79  THR n 
1 80  ILE n 
1 81  THR n 
1 82  PRO n 
1 83  ASP n 
1 84  TYR n 
1 85  GLY n 
1 86  TYR n 
1 87  GLY n 
1 88  ALA n 
1 89  ARG n 
1 90  GLY n 
1 91  PHE n 
1 92  PRO n 
1 93  GLY n 
1 94  VAL n 
1 95  ILE n 
1 96  PRO n 
1 97  GLY n 
1 98  ASN n 
1 99  SER n 
1 100 THR n 
1 101 LEU n 
1 102 ILE n 
1 103 PHE n 
1 104 GLU n 
1 105 VAL n 
1 106 GLU n 
1 107 LEU n 
1 108 LEU n 
1 109 GLY n 
1 110 ILE n 
1 111 ASN n 
1 112 ASN n 
1 113 LYS n 
1 114 ARG n 
1 115 ALA n 
# 
_entity_src_gen.entity_id                          1 
_entity_src_gen.pdbx_src_id                        1 
_entity_src_gen.pdbx_alt_source_flag               sample 
_entity_src_gen.pdbx_seq_type                      'Biological sequence' 
_entity_src_gen.pdbx_beg_seq_num                   1 
_entity_src_gen.pdbx_end_seq_num                   115 
_entity_src_gen.gene_src_common_name               ? 
_entity_src_gen.gene_src_genus                     ? 
_entity_src_gen.pdbx_gene_src_gene                 'fpr1A, AFUA_6G12170' 
_entity_src_gen.gene_src_species                   ? 
_entity_src_gen.gene_src_strain                    'ATCC MYA-4609 / Af293 / CBS 101355 / FGSC A1100' 
_entity_src_gen.gene_src_tissue                    ? 
_entity_src_gen.gene_src_tissue_fraction           ? 
_entity_src_gen.gene_src_details                   ? 
_entity_src_gen.pdbx_gene_src_fragment             ? 
_entity_src_gen.pdbx_gene_src_scientific_name      'Neosartorya fumigata (strain ATCC MYA-4609 / Af293 / CBS 101355 / FGSC A1100)' 
_entity_src_gen.pdbx_gene_src_ncbi_taxonomy_id     330879 
_entity_src_gen.pdbx_gene_src_variant              ? 
_entity_src_gen.pdbx_gene_src_cell_line            ? 
_entity_src_gen.pdbx_gene_src_atcc                 ? 
_entity_src_gen.pdbx_gene_src_organ                ? 
_entity_src_gen.pdbx_gene_src_organelle            ? 
_entity_src_gen.pdbx_gene_src_cell                 ? 
_entity_src_gen.pdbx_gene_src_cellular_location    ? 
_entity_src_gen.host_org_common_name               ? 
_entity_src_gen.pdbx_host_org_scientific_name      'Escherichia coli' 
_entity_src_gen.pdbx_host_org_ncbi_taxonomy_id     562 
_entity_src_gen.host_org_genus                     ? 
_entity_src_gen.pdbx_host_org_gene                 ? 
_entity_src_gen.pdbx_host_org_organ                ? 
_entity_src_gen.host_org_species                   ? 
_entity_src_gen.pdbx_host_org_tissue               ? 
_entity_src_gen.pdbx_host_org_tissue_fraction      ? 
_entity_src_gen.pdbx_host_org_strain               ? 
_entity_src_gen.pdbx_host_org_variant              ? 
_entity_src_gen.pdbx_host_org_cell_line            ? 
_entity_src_gen.pdbx_host_org_atcc                 ? 
_entity_src_gen.pdbx_host_org_culture_collection   ? 
_entity_src_gen.pdbx_host_org_cell                 ? 
_entity_src_gen.pdbx_host_org_organelle            ? 
_entity_src_gen.pdbx_host_org_cellular_location    ? 
_entity_src_gen.pdbx_host_org_vector_type          ? 
_entity_src_gen.pdbx_host_org_vector               ? 
_entity_src_gen.host_org_details                   ? 
_entity_src_gen.expression_system_id               ? 
_entity_src_gen.plasmid_name                       ? 
_entity_src_gen.plasmid_details                    ? 
_entity_src_gen.pdbx_description                   ? 
# 
loop_
_chem_comp.id 
_chem_comp.type 
_chem_comp.mon_nstd_flag 
_chem_comp.name 
_chem_comp.pdbx_synonyms 
_chem_comp.formula 
_chem_comp.formula_weight 
ALA 'L-peptide linking' y ALANINE                              ?    'C3 H7 N O2'     89.093  
ARG 'L-peptide linking' y ARGININE                             ?    'C6 H15 N4 O2 1' 175.209 
ASN 'L-peptide linking' y ASPARAGINE                           ?    'C4 H8 N2 O3'    132.118 
ASP 'L-peptide linking' y 'ASPARTIC ACID'                      ?    'C4 H7 N O4'     133.103 
FK5 non-polymer         . '8-DEETHYL-8-[BUT-3-ENYL]-ASCOMYCIN' K506 'C44 H69 N O12'  804.018 
GLN 'L-peptide linking' y GLUTAMINE                            ?    'C5 H10 N2 O3'   146.144 
GLU 'L-peptide linking' y 'GLUTAMIC ACID'                      ?    'C5 H9 N O4'     147.129 
GLY 'peptide linking'   y GLYCINE                              ?    'C2 H5 N O2'     75.067  
HIS 'L-peptide linking' y HISTIDINE                            ?    'C6 H10 N3 O2 1' 156.162 
HOH non-polymer         . WATER                                ?    'H2 O'           18.015  
ILE 'L-peptide linking' y ISOLEUCINE                           ?    'C6 H13 N O2'    131.173 
LEU 'L-peptide linking' y LEUCINE                              ?    'C6 H13 N O2'    131.173 
LYS 'L-peptide linking' y LYSINE                               ?    'C6 H15 N2 O2 1' 147.195 
MET 'L-peptide linking' y METHIONINE                           ?    'C5 H11 N O2 S'  149.211 
PHE 'L-peptide linking' y PHENYLALANINE                        ?    'C9 H11 N O2'    165.189 
PRO 'L-peptide linking' y PROLINE                              ?    'C5 H9 N O2'     115.130 
SER 'L-peptide linking' y SERINE                               ?    'C3 H7 N O3'     105.093 
THR 'L-peptide linking' y THREONINE                            ?    'C4 H9 N O3'     119.119 
TRP 'L-peptide linking' y TRYPTOPHAN                           ?    'C11 H12 N2 O2'  204.225 
TYR 'L-peptide linking' y TYROSINE                             ?    'C9 H11 N O3'    181.189 
VAL 'L-peptide linking' y VALINE                               ?    'C5 H11 N O2'    117.146 
# 
loop_
_pdbx_poly_seq_scheme.asym_id 
_pdbx_poly_seq_scheme.entity_id 
_pdbx_poly_seq_scheme.seq_id 
_pdbx_poly_seq_scheme.mon_id 
_pdbx_poly_seq_scheme.ndb_seq_num 
_pdbx_poly_seq_scheme.pdb_seq_num 
_pdbx_poly_seq_scheme.auth_seq_num 
_pdbx_poly_seq_scheme.pdb_mon_id 
_pdbx_poly_seq_scheme.auth_mon_id 
_pdbx_poly_seq_scheme.pdb_strand_id 
_pdbx_poly_seq_scheme.pdb_ins_code 
_pdbx_poly_seq_scheme.hetero 
A 1 1   GLY 1   -2  ?   ?   ?   A . n 
A 1 2   SER 2   -1  ?   ?   ?   A . n 
A 1 3   HIS 3   0   0   HIS HIS A . n 
A 1 4   MET 4   1   1   MET MET A . n 
A 1 5   GLY 5   2   2   GLY GLY A . n 
A 1 6   VAL 6   3   3   VAL VAL A . n 
A 1 7   THR 7   4   4   THR THR A . n 
A 1 8   LYS 8   5   5   LYS LYS A . n 
A 1 9   GLU 9   6   6   GLU GLU A . n 
A 1 10  LEU 10  7   7   LEU LEU A . n 
A 1 11  LYS 11  8   8   LYS LYS A . n 
A 1 12  SER 12  9   9   SER SER A . n 
A 1 13  PRO 13  10  10  PRO PRO A . n 
A 1 14  GLY 14  11  11  GLY GLY A . n 
A 1 15  ASN 15  12  12  ASN ASN A . n 
A 1 16  GLY 16  13  13  GLY GLY A . n 
A 1 17  VAL 17  14  14  VAL VAL A . n 
A 1 18  ASP 18  15  15  ASP ASP A . n 
A 1 19  PHE 19  16  16  PHE PHE A . n 
A 1 20  PRO 20  17  17  PRO PRO A . n 
A 1 21  LYS 21  18  18  LYS LYS A . n 
A 1 22  LYS 22  19  19  LYS LYS A . n 
A 1 23  GLY 23  20  20  GLY GLY A . n 
A 1 24  ASP 24  21  21  ASP ASP A . n 
A 1 25  PHE 25  22  22  PHE PHE A . n 
A 1 26  VAL 26  23  23  VAL VAL A . n 
A 1 27  THR 27  24  24  THR THR A . n 
A 1 28  ILE 28  25  25  ILE ILE A . n 
A 1 29  HIS 29  26  26  HIS HIS A . n 
A 1 30  TYR 30  27  27  TYR TYR A . n 
A 1 31  THR 31  28  28  THR THR A . n 
A 1 32  GLY 32  29  29  GLY GLY A . n 
A 1 33  ARG 33  30  30  ARG ARG A . n 
A 1 34  LEU 34  31  31  LEU LEU A . n 
A 1 35  THR 35  32  32  THR THR A . n 
A 1 36  ASP 36  33  33  ASP ASP A . n 
A 1 37  GLY 37  34  34  GLY GLY A . n 
A 1 38  SER 38  35  35  SER SER A . n 
A 1 39  LYS 39  36  36  LYS LYS A . n 
A 1 40  PHE 40  37  37  PHE PHE A . n 
A 1 41  ASP 41  38  38  ASP ASP A . n 
A 1 42  SER 42  39  39  SER SER A . n 
A 1 43  SER 43  40  40  SER SER A . n 
A 1 44  VAL 44  41  41  VAL VAL A . n 
A 1 45  ASP 45  42  42  ASP ASP A . n 
A 1 46  ARG 46  43  43  ARG ARG A . n 
A 1 47  ASN 47  44  44  ASN ASN A . n 
A 1 48  GLU 48  45  45  GLU GLU A . n 
A 1 49  PRO 49  46  46  PRO PRO A . n 
A 1 50  PHE 50  47  47  PHE PHE A . n 
A 1 51  GLN 51  48  48  GLN GLN A . n 
A 1 52  THR 52  49  49  THR THR A . n 
A 1 53  GLN 53  50  50  GLN GLN A . n 
A 1 54  ILE 54  51  51  ILE ILE A . n 
A 1 55  GLY 55  52  52  GLY GLY A . n 
A 1 56  THR 56  53  53  THR THR A . n 
A 1 57  GLY 57  54  54  GLY GLY A . n 
A 1 58  ARG 58  55  55  ARG ARG A . n 
A 1 59  VAL 59  56  56  VAL VAL A . n 
A 1 60  ILE 60  57  57  ILE ILE A . n 
A 1 61  LYS 61  58  58  LYS LYS A . n 
A 1 62  GLY 62  59  59  GLY GLY A . n 
A 1 63  TRP 63  60  60  TRP TRP A . n 
A 1 64  ASP 64  61  61  ASP ASP A . n 
A 1 65  GLU 65  62  62  GLU GLU A . n 
A 1 66  GLY 66  63  63  GLY GLY A . n 
A 1 67  VAL 67  64  64  VAL VAL A . n 
A 1 68  PRO 68  65  65  PRO PRO A . n 
A 1 69  GLN 69  66  66  GLN GLN A . n 
A 1 70  MET 70  67  67  MET MET A . n 
A 1 71  SER 71  68  68  SER SER A . n 
A 1 72  LEU 72  69  69  LEU LEU A . n 
A 1 73  GLY 73  70  70  GLY GLY A . n 
A 1 74  GLU 74  71  71  GLU GLU A . n 
A 1 75  LYS 75  72  72  LYS LYS A . n 
A 1 76  ALA 76  73  73  ALA ALA A . n 
A 1 77  VAL 77  74  74  VAL VAL A . n 
A 1 78  LEU 78  75  75  LEU LEU A . n 
A 1 79  THR 79  76  76  THR THR A . n 
A 1 80  ILE 80  77  77  ILE ILE A . n 
A 1 81  THR 81  78  78  THR THR A . n 
A 1 82  PRO 82  79  79  PRO PRO A . n 
A 1 83  ASP 83  80  80  ASP ASP A . n 
A 1 84  TYR 84  81  81  TYR TYR A . n 
A 1 85  GLY 85  82  82  GLY GLY A . n 
A 1 86  TYR 86  83  83  TYR TYR A . n 
A 1 87  GLY 87  84  84  GLY GLY A . n 
A 1 88  ALA 88  85  85  ALA ALA A . n 
A 1 89  ARG 89  86  86  ARG ARG A . n 
A 1 90  GLY 90  87  87  GLY GLY A . n 
A 1 91  PHE 91  88  88  PHE PHE A . n 
A 1 92  PRO 92  89  89  PRO PRO A . n 
A 1 93  GLY 93  90  90  GLY GLY A . n 
A 1 94  VAL 94  91  91  VAL VAL A . n 
A 1 95  ILE 95  92  92  ILE ILE A . n 
A 1 96  PRO 96  93  93  PRO PRO A . n 
A 1 97  GLY 97  94  94  GLY GLY A . n 
A 1 98  ASN 98  95  95  ASN ASN A . n 
A 1 99  SER 99  96  96  SER SER A . n 
A 1 100 THR 100 97  97  THR THR A . n 
A 1 101 LEU 101 98  98  LEU LEU A . n 
A 1 102 ILE 102 99  99  ILE ILE A . n 
A 1 103 PHE 103 100 100 PHE PHE A . n 
A 1 104 GLU 104 101 101 GLU GLU A . n 
A 1 105 VAL 105 102 102 VAL VAL A . n 
A 1 106 GLU 106 103 103 GLU GLU A . n 
A 1 107 LEU 107 104 104 LEU LEU A . n 
A 1 108 LEU 108 105 105 LEU LEU A . n 
A 1 109 GLY 109 106 106 GLY GLY A . n 
A 1 110 ILE 110 107 107 ILE ILE A . n 
A 1 111 ASN 111 108 108 ASN ASN A . n 
A 1 112 ASN 112 109 109 ASN ASN A . n 
A 1 113 LYS 113 110 110 LYS LYS A . n 
A 1 114 ARG 114 111 111 ARG ARG A . n 
A 1 115 ALA 115 112 112 ALA ALA A . n 
# 
loop_
_pdbx_nonpoly_scheme.asym_id 
_pdbx_nonpoly_scheme.entity_id 
_pdbx_nonpoly_scheme.mon_id 
_pdbx_nonpoly_scheme.ndb_seq_num 
_pdbx_nonpoly_scheme.pdb_seq_num 
_pdbx_nonpoly_scheme.auth_seq_num 
_pdbx_nonpoly_scheme.pdb_mon_id 
_pdbx_nonpoly_scheme.auth_mon_id 
_pdbx_nonpoly_scheme.pdb_strand_id 
_pdbx_nonpoly_scheme.pdb_ins_code 
B 2 FK5 1   201 108 FK5 FK5 A . 
C 3 HOH 1   301 134 HOH HOH A . 
C 3 HOH 2   302 72  HOH HOH A . 
C 3 HOH 3   303 85  HOH HOH A . 
C 3 HOH 4   304 40  HOH HOH A . 
C 3 HOH 5   305 1   HOH HOH A . 
C 3 HOH 6   306 53  HOH HOH A . 
C 3 HOH 7   307 58  HOH HOH A . 
C 3 HOH 8   308 33  HOH HOH A . 
C 3 HOH 9   309 66  HOH HOH A . 
C 3 HOH 10  310 28  HOH HOH A . 
C 3 HOH 11  311 63  HOH HOH A . 
C 3 HOH 12  312 14  HOH HOH A . 
C 3 HOH 13  313 71  HOH HOH A . 
C 3 HOH 14  314 92  HOH HOH A . 
C 3 HOH 15  315 103 HOH HOH A . 
C 3 HOH 16  316 22  HOH HOH A . 
C 3 HOH 17  317 30  HOH HOH A . 
C 3 HOH 18  318 8   HOH HOH A . 
C 3 HOH 19  319 4   HOH HOH A . 
C 3 HOH 20  320 97  HOH HOH A . 
C 3 HOH 21  321 137 HOH HOH A . 
C 3 HOH 22  322 145 HOH HOH A . 
C 3 HOH 23  323 114 HOH HOH A . 
C 3 HOH 24  324 104 HOH HOH A . 
C 3 HOH 25  325 96  HOH HOH A . 
C 3 HOH 26  326 120 HOH HOH A . 
C 3 HOH 27  327 51  HOH HOH A . 
C 3 HOH 28  328 68  HOH HOH A . 
C 3 HOH 29  329 36  HOH HOH A . 
C 3 HOH 30  330 61  HOH HOH A . 
C 3 HOH 31  331 24  HOH HOH A . 
C 3 HOH 32  332 23  HOH HOH A . 
C 3 HOH 33  333 3   HOH HOH A . 
C 3 HOH 34  334 9   HOH HOH A . 
C 3 HOH 35  335 122 HOH HOH A . 
C 3 HOH 36  336 113 HOH HOH A . 
C 3 HOH 37  337 7   HOH HOH A . 
C 3 HOH 38  338 13  HOH HOH A . 
C 3 HOH 39  339 105 HOH HOH A . 
C 3 HOH 40  340 55  HOH HOH A . 
C 3 HOH 41  341 34  HOH HOH A . 
C 3 HOH 42  342 41  HOH HOH A . 
C 3 HOH 43  343 62  HOH HOH A . 
C 3 HOH 44  344 26  HOH HOH A . 
C 3 HOH 45  345 6   HOH HOH A . 
C 3 HOH 46  346 84  HOH HOH A . 
C 3 HOH 47  347 70  HOH HOH A . 
C 3 HOH 48  348 32  HOH HOH A . 
C 3 HOH 49  349 12  HOH HOH A . 
C 3 HOH 50  350 73  HOH HOH A . 
C 3 HOH 51  351 82  HOH HOH A . 
C 3 HOH 52  352 35  HOH HOH A . 
C 3 HOH 53  353 59  HOH HOH A . 
C 3 HOH 54  354 112 HOH HOH A . 
C 3 HOH 55  355 83  HOH HOH A . 
C 3 HOH 56  356 124 HOH HOH A . 
C 3 HOH 57  357 118 HOH HOH A . 
C 3 HOH 58  358 44  HOH HOH A . 
C 3 HOH 59  359 10  HOH HOH A . 
C 3 HOH 60  360 69  HOH HOH A . 
C 3 HOH 61  361 15  HOH HOH A . 
C 3 HOH 62  362 16  HOH HOH A . 
C 3 HOH 63  363 54  HOH HOH A . 
C 3 HOH 64  364 115 HOH HOH A . 
C 3 HOH 65  365 107 HOH HOH A . 
C 3 HOH 66  366 20  HOH HOH A . 
C 3 HOH 67  367 111 HOH HOH A . 
C 3 HOH 68  368 76  HOH HOH A . 
C 3 HOH 69  369 119 HOH HOH A . 
C 3 HOH 70  370 27  HOH HOH A . 
C 3 HOH 71  371 46  HOH HOH A . 
C 3 HOH 72  372 93  HOH HOH A . 
C 3 HOH 73  373 25  HOH HOH A . 
C 3 HOH 74  374 125 HOH HOH A . 
C 3 HOH 75  375 52  HOH HOH A . 
C 3 HOH 76  376 116 HOH HOH A . 
C 3 HOH 77  377 5   HOH HOH A . 
C 3 HOH 78  378 2   HOH HOH A . 
C 3 HOH 79  379 131 HOH HOH A . 
C 3 HOH 80  380 129 HOH HOH A . 
C 3 HOH 81  381 18  HOH HOH A . 
C 3 HOH 82  382 126 HOH HOH A . 
C 3 HOH 83  383 74  HOH HOH A . 
C 3 HOH 84  384 48  HOH HOH A . 
C 3 HOH 85  385 101 HOH HOH A . 
C 3 HOH 86  386 80  HOH HOH A . 
C 3 HOH 87  387 45  HOH HOH A . 
C 3 HOH 88  388 19  HOH HOH A . 
C 3 HOH 89  389 135 HOH HOH A . 
C 3 HOH 90  390 43  HOH HOH A . 
C 3 HOH 91  391 89  HOH HOH A . 
C 3 HOH 92  392 127 HOH HOH A . 
C 3 HOH 93  393 56  HOH HOH A . 
C 3 HOH 94  394 138 HOH HOH A . 
C 3 HOH 95  395 29  HOH HOH A . 
C 3 HOH 96  396 39  HOH HOH A . 
C 3 HOH 97  397 77  HOH HOH A . 
C 3 HOH 98  398 123 HOH HOH A . 
C 3 HOH 99  399 47  HOH HOH A . 
C 3 HOH 100 400 50  HOH HOH A . 
C 3 HOH 101 401 88  HOH HOH A . 
C 3 HOH 102 402 67  HOH HOH A . 
C 3 HOH 103 403 49  HOH HOH A . 
C 3 HOH 104 404 21  HOH HOH A . 
C 3 HOH 105 405 133 HOH HOH A . 
C 3 HOH 106 406 108 HOH HOH A . 
C 3 HOH 107 407 78  HOH HOH A . 
C 3 HOH 108 408 81  HOH HOH A . 
C 3 HOH 109 409 140 HOH HOH A . 
C 3 HOH 110 410 136 HOH HOH A . 
C 3 HOH 111 411 90  HOH HOH A . 
C 3 HOH 112 412 65  HOH HOH A . 
C 3 HOH 113 413 99  HOH HOH A . 
C 3 HOH 114 414 142 HOH HOH A . 
C 3 HOH 115 415 31  HOH HOH A . 
C 3 HOH 116 416 128 HOH HOH A . 
C 3 HOH 117 417 91  HOH HOH A . 
C 3 HOH 118 418 100 HOH HOH A . 
C 3 HOH 119 419 37  HOH HOH A . 
C 3 HOH 120 420 94  HOH HOH A . 
C 3 HOH 121 421 132 HOH HOH A . 
C 3 HOH 122 422 87  HOH HOH A . 
C 3 HOH 123 423 117 HOH HOH A . 
C 3 HOH 124 424 109 HOH HOH A . 
C 3 HOH 125 425 106 HOH HOH A . 
C 3 HOH 126 426 121 HOH HOH A . 
C 3 HOH 127 427 60  HOH HOH A . 
C 3 HOH 128 428 79  HOH HOH A . 
C 3 HOH 129 429 64  HOH HOH A . 
C 3 HOH 130 430 38  HOH HOH A . 
C 3 HOH 131 431 146 HOH HOH A . 
C 3 HOH 132 432 130 HOH HOH A . 
C 3 HOH 133 433 11  HOH HOH A . 
C 3 HOH 134 434 95  HOH HOH A . 
C 3 HOH 135 435 17  HOH HOH A . 
C 3 HOH 136 436 57  HOH HOH A . 
C 3 HOH 137 437 86  HOH HOH A . 
C 3 HOH 138 438 110 HOH HOH A . 
C 3 HOH 139 439 75  HOH HOH A . 
C 3 HOH 140 440 143 HOH HOH A . 
C 3 HOH 141 441 98  HOH HOH A . 
C 3 HOH 142 442 141 HOH HOH A . 
C 3 HOH 143 443 102 HOH HOH A . 
C 3 HOH 144 444 147 HOH HOH A . 
C 3 HOH 145 445 42  HOH HOH A . 
C 3 HOH 146 446 144 HOH HOH A . 
C 3 HOH 147 447 139 HOH HOH A . 
# 
loop_
_software.citation_id 
_software.classification 
_software.compiler_name 
_software.compiler_version 
_software.contact_author 
_software.contact_author_email 
_software.date 
_software.description 
_software.dependencies 
_software.hardware 
_software.language 
_software.location 
_software.mods 
_software.name 
_software.os 
_software.os_version 
_software.type 
_software.version 
_software.pdbx_ordinal 
? 'data scaling'    ? ? ? ? ? ? ? ? ? ? ? HKL-2000    ? ? ? .          1 
? refinement        ? ? ? ? ? ? ? ? ? ? ? PHENIX      ? ? ? 1.8.1_1168 2 
? 'data extraction' ? ? ? ? ? ? ? ? ? ? ? PDB_EXTRACT ? ? ? 3.20       3 
? 'data reduction'  ? ? ? ? ? ? ? ? ? ? ? HKL-2000    ? ? ? .          4 
? phasing           ? ? ? ? ? ? ? ? ? ? ? PHENIX      ? ? ? .          5 
# 
_cell.angle_alpha                  90.000 
_cell.angle_alpha_esd              ? 
_cell.angle_beta                   90.000 
_cell.angle_beta_esd               ? 
_cell.angle_gamma                  90.000 
_cell.angle_gamma_esd              ? 
_cell.entry_id                     5HWC 
_cell.details                      ? 
_cell.formula_units_Z              ? 
_cell.length_a                     37.010 
_cell.length_a_esd                 ? 
_cell.length_b                     51.138 
_cell.length_b_esd                 ? 
_cell.length_c                     55.592 
_cell.length_c_esd                 ? 
_cell.volume                       ? 
_cell.volume_esd                   ? 
_cell.Z_PDB                        4 
_cell.reciprocal_angle_alpha       ? 
_cell.reciprocal_angle_beta        ? 
_cell.reciprocal_angle_gamma       ? 
_cell.reciprocal_angle_alpha_esd   ? 
_cell.reciprocal_angle_beta_esd    ? 
_cell.reciprocal_angle_gamma_esd   ? 
_cell.reciprocal_length_a          ? 
_cell.reciprocal_length_b          ? 
_cell.reciprocal_length_c          ? 
_cell.reciprocal_length_a_esd      ? 
_cell.reciprocal_length_b_esd      ? 
_cell.reciprocal_length_c_esd      ? 
_cell.pdbx_unique_axis             ? 
# 
_symmetry.entry_id                         5HWC 
_symmetry.cell_setting                     ? 
_symmetry.Int_Tables_number                19 
_symmetry.space_group_name_Hall            ? 
_symmetry.space_group_name_H-M             'P 21 21 21' 
_symmetry.pdbx_full_space_group_name_H-M   ? 
# 
_exptl.absorpt_coefficient_mu     ? 
_exptl.absorpt_correction_T_max   ? 
_exptl.absorpt_correction_T_min   ? 
_exptl.absorpt_correction_type    ? 
_exptl.absorpt_process_details    ? 
_exptl.entry_id                   5HWC 
_exptl.crystals_number            1 
_exptl.details                    ? 
_exptl.method                     'X-RAY DIFFRACTION' 
_exptl.method_details             ? 
# 
_exptl_crystal.colour                      ? 
_exptl_crystal.density_diffrn              ? 
_exptl_crystal.density_Matthews            2.15 
_exptl_crystal.density_method              ? 
_exptl_crystal.density_percent_sol         42.76 
_exptl_crystal.description                 ? 
_exptl_crystal.F_000                       ? 
_exptl_crystal.id                          1 
_exptl_crystal.preparation                 ? 
_exptl_crystal.size_max                    ? 
_exptl_crystal.size_mid                    ? 
_exptl_crystal.size_min                    ? 
_exptl_crystal.size_rad                    ? 
_exptl_crystal.colour_lustre               ? 
_exptl_crystal.colour_modifier             ? 
_exptl_crystal.colour_primary              ? 
_exptl_crystal.density_meas                ? 
_exptl_crystal.density_meas_esd            ? 
_exptl_crystal.density_meas_gt             ? 
_exptl_crystal.density_meas_lt             ? 
_exptl_crystal.density_meas_temp           ? 
_exptl_crystal.density_meas_temp_esd       ? 
_exptl_crystal.density_meas_temp_gt        ? 
_exptl_crystal.density_meas_temp_lt        ? 
_exptl_crystal.pdbx_crystal_image_url      ? 
_exptl_crystal.pdbx_crystal_image_format   ? 
_exptl_crystal.pdbx_mosaicity              ? 
_exptl_crystal.pdbx_mosaicity_esd          ? 
# 
_exptl_crystal_grow.apparatus       ? 
_exptl_crystal_grow.atmosphere      ? 
_exptl_crystal_grow.crystal_id      1 
_exptl_crystal_grow.details         ? 
_exptl_crystal_grow.method          'VAPOR DIFFUSION, HANGING DROP' 
_exptl_crystal_grow.method_ref      ? 
_exptl_crystal_grow.pH              ? 
_exptl_crystal_grow.pressure        ? 
_exptl_crystal_grow.pressure_esd    ? 
_exptl_crystal_grow.seeding         ? 
_exptl_crystal_grow.seeding_ref     ? 
_exptl_crystal_grow.temp            298 
_exptl_crystal_grow.temp_details    ? 
_exptl_crystal_grow.temp_esd        ? 
_exptl_crystal_grow.time            ? 
_exptl_crystal_grow.pdbx_details    '0.8M Sodium Phosphate,1.2M Potassium Phosphate, 0.1M Acetate pH 4.5' 
_exptl_crystal_grow.pdbx_pH_range   ? 
# 
_diffrn.ambient_environment    ? 
_diffrn.ambient_temp           100 
_diffrn.ambient_temp_details   ? 
_diffrn.ambient_temp_esd       ? 
_diffrn.crystal_id             1 
_diffrn.crystal_support        ? 
_diffrn.crystal_treatment      ? 
_diffrn.details                ? 
_diffrn.id                     1 
_diffrn.ambient_pressure       ? 
_diffrn.ambient_pressure_esd   ? 
_diffrn.ambient_pressure_gt    ? 
_diffrn.ambient_pressure_lt    ? 
_diffrn.ambient_temp_gt        ? 
_diffrn.ambient_temp_lt        ? 
# 
_diffrn_detector.details                      ? 
_diffrn_detector.detector                     'IMAGE PLATE' 
_diffrn_detector.diffrn_id                    1 
_diffrn_detector.type                         'RIGAKU RAXIS IV' 
_diffrn_detector.area_resol_mean              ? 
_diffrn_detector.dtime                        ? 
_diffrn_detector.pdbx_frames_total            ? 
_diffrn_detector.pdbx_collection_time_total   ? 
_diffrn_detector.pdbx_collection_date         2012-10-10 
# 
_diffrn_radiation.collimation                      ? 
_diffrn_radiation.diffrn_id                        1 
_diffrn_radiation.filter_edge                      ? 
_diffrn_radiation.inhomogeneity                    ? 
_diffrn_radiation.monochromator                    ? 
_diffrn_radiation.polarisn_norm                    ? 
_diffrn_radiation.polarisn_ratio                   ? 
_diffrn_radiation.probe                            ? 
_diffrn_radiation.type                             ? 
_diffrn_radiation.xray_symbol                      ? 
_diffrn_radiation.wavelength_id                    1 
_diffrn_radiation.pdbx_monochromatic_or_laue_m_l   M 
_diffrn_radiation.pdbx_wavelength_list             ? 
_diffrn_radiation.pdbx_wavelength                  ? 
_diffrn_radiation.pdbx_diffrn_protocol             'SINGLE WAVELENGTH' 
_diffrn_radiation.pdbx_analyzer                    ? 
_diffrn_radiation.pdbx_scattering_type             x-ray 
# 
_diffrn_radiation_wavelength.id           1 
_diffrn_radiation_wavelength.wavelength   1.54 
_diffrn_radiation_wavelength.wt           1.0 
# 
_diffrn_source.current                     ? 
_diffrn_source.details                     ? 
_diffrn_source.diffrn_id                   1 
_diffrn_source.power                       ? 
_diffrn_source.size                        ? 
_diffrn_source.source                      'ROTATING ANODE' 
_diffrn_source.target                      ? 
_diffrn_source.type                        'RIGAKU FR-E+ SUPERBRIGHT' 
_diffrn_source.voltage                     ? 
_diffrn_source.take-off_angle              ? 
_diffrn_source.pdbx_wavelength_list        1.54 
_diffrn_source.pdbx_wavelength             ? 
_diffrn_source.pdbx_synchrotron_beamline   ? 
_diffrn_source.pdbx_synchrotron_site       ? 
# 
_reflns.B_iso_Wilson_estimate            ? 
_reflns.entry_id                         5HWC 
_reflns.data_reduction_details           ? 
_reflns.data_reduction_method            ? 
_reflns.d_resolution_high                2.050 
_reflns.d_resolution_low                 50.000 
_reflns.details                          ? 
_reflns.limit_h_max                      ? 
_reflns.limit_h_min                      ? 
_reflns.limit_k_max                      ? 
_reflns.limit_k_min                      ? 
_reflns.limit_l_max                      ? 
_reflns.limit_l_min                      ? 
_reflns.number_all                       ? 
_reflns.number_obs                       6350 
_reflns.observed_criterion               ? 
_reflns.observed_criterion_F_max         ? 
_reflns.observed_criterion_F_min         ? 
_reflns.observed_criterion_I_max         ? 
_reflns.observed_criterion_I_min         ? 
_reflns.observed_criterion_sigma_F       ? 
_reflns.observed_criterion_sigma_I       ? 
_reflns.percent_possible_obs             90.300 
_reflns.R_free_details                   ? 
_reflns.Rmerge_F_all                     ? 
_reflns.Rmerge_F_obs                     ? 
_reflns.Friedel_coverage                 ? 
_reflns.number_gt                        ? 
_reflns.threshold_expression             ? 
_reflns.pdbx_redundancy                  5.200 
_reflns.pdbx_Rmerge_I_obs                0.057 
_reflns.pdbx_Rmerge_I_all                ? 
_reflns.pdbx_Rsym_value                  ? 
_reflns.pdbx_netI_over_av_sigmaI         19.687 
_reflns.pdbx_netI_over_sigmaI            34.100 
_reflns.pdbx_res_netI_over_av_sigmaI_2   ? 
_reflns.pdbx_res_netI_over_sigmaI_2      ? 
_reflns.pdbx_chi_squared                 ? 
_reflns.pdbx_scaling_rejects             ? 
_reflns.pdbx_d_res_high_opt              ? 
_reflns.pdbx_d_res_low_opt               ? 
_reflns.pdbx_d_res_opt_method            ? 
_reflns.phase_calculation_details        ? 
_reflns.pdbx_Rrim_I_all                  ? 
_reflns.pdbx_Rpim_I_all                  ? 
_reflns.pdbx_d_opt                       ? 
_reflns.pdbx_number_measured_all         ? 
_reflns.pdbx_diffrn_id                   1 
_reflns.pdbx_ordinal                     1 
_reflns.pdbx_CC_half                     ? 
_reflns.pdbx_R_split                     ? 
# 
loop_
_reflns_shell.d_res_high 
_reflns_shell.d_res_low 
_reflns_shell.meanI_over_sigI_all 
_reflns_shell.meanI_over_sigI_obs 
_reflns_shell.number_measured_all 
_reflns_shell.number_measured_obs 
_reflns_shell.number_possible 
_reflns_shell.number_unique_all 
_reflns_shell.number_unique_obs 
_reflns_shell.percent_possible_all 
_reflns_shell.percent_possible_obs 
_reflns_shell.Rmerge_F_all 
_reflns_shell.Rmerge_F_obs 
_reflns_shell.Rmerge_I_all 
_reflns_shell.Rmerge_I_obs 
_reflns_shell.meanI_over_sigI_gt 
_reflns_shell.meanI_over_uI_all 
_reflns_shell.meanI_over_uI_gt 
_reflns_shell.number_measured_gt 
_reflns_shell.number_unique_gt 
_reflns_shell.percent_possible_gt 
_reflns_shell.Rmerge_F_gt 
_reflns_shell.Rmerge_I_gt 
_reflns_shell.pdbx_redundancy 
_reflns_shell.pdbx_Rsym_value 
_reflns_shell.pdbx_chi_squared 
_reflns_shell.pdbx_netI_over_sigmaI_all 
_reflns_shell.pdbx_netI_over_sigmaI_obs 
_reflns_shell.pdbx_Rrim_I_all 
_reflns_shell.pdbx_Rpim_I_all 
_reflns_shell.pdbx_rejects 
_reflns_shell.pdbx_ordinal 
_reflns_shell.pdbx_diffrn_id 
_reflns_shell.pdbx_CC_half 
_reflns_shell.pdbx_R_split 
2.050 2.090  ? ? ? ? ? ? ? 99.100  ? ? ? ? 0.095 ? ? ? ? ? ? ? ? 5.200 ? ? ? ? ? ? ? 1  1 ? ? 
2.090 2.120  ? ? ? ? ? ? ? 100.000 ? ? ? ? 0.086 ? ? ? ? ? ? ? ? 5.400 ? ? ? ? ? ? ? 2  1 ? ? 
2.120 2.160  ? ? ? ? ? ? ? 100.000 ? ? ? ? 0.088 ? ? ? ? ? ? ? ? 5.300 ? ? ? ? ? ? ? 3  1 ? ? 
2.160 2.210  ? ? ? ? ? ? ? 99.700  ? ? ? ? 0.079 ? ? ? ? ? ? ? ? 5.300 ? ? ? ? ? ? ? 4  1 ? ? 
2.210 2.260  ? ? ? ? ? ? ? 26.400  ? ? ? ? 0.090 ? ? ? ? ? ? ? ? 3.000 ? ? ? ? ? ? ? 5  1 ? ? 
2.260 2.310  ? ? ? ? ? ? ? 67.100  ? ? ? ? 0.079 ? ? ? ? ? ? ? ? 4.300 ? ? ? ? ? ? ? 6  1 ? ? 
2.310 2.370  ? ? ? ? ? ? ? 100.000 ? ? ? ? 0.073 ? ? ? ? ? ? ? ? 5.500 ? ? ? ? ? ? ? 7  1 ? ? 
2.370 2.430  ? ? ? ? ? ? ? 100.000 ? ? ? ? 0.072 ? ? ? ? ? ? ? ? 5.400 ? ? ? ? ? ? ? 8  1 ? ? 
2.430 2.500  ? ? ? ? ? ? ? 100.000 ? ? ? ? 0.066 ? ? ? ? ? ? ? ? 5.400 ? ? ? ? ? ? ? 9  1 ? ? 
2.500 2.580  ? ? ? ? ? ? ? 100.000 ? ? ? ? 0.062 ? ? ? ? ? ? ? ? 5.400 ? ? ? ? ? ? ? 10 1 ? ? 
2.580 2.680  ? ? ? ? ? ? ? 99.700  ? ? ? ? 0.065 ? ? ? ? ? ? ? ? 5.400 ? ? ? ? ? ? ? 11 1 ? ? 
2.680 2.780  ? ? ? ? ? ? ? 100.000 ? ? ? ? 0.066 ? ? ? ? ? ? ? ? 5.400 ? ? ? ? ? ? ? 12 1 ? ? 
2.780 2.910  ? ? ? ? ? ? ? 100.000 ? ? ? ? 0.062 ? ? ? ? ? ? ? ? 5.400 ? ? ? ? ? ? ? 13 1 ? ? 
2.910 3.060  ? ? ? ? ? ? ? 99.700  ? ? ? ? 0.057 ? ? ? ? ? ? ? ? 5.400 ? ? ? ? ? ? ? 14 1 ? ? 
3.060 3.250  ? ? ? ? ? ? ? 100.000 ? ? ? ? 0.053 ? ? ? ? ? ? ? ? 5.400 ? ? ? ? ? ? ? 15 1 ? ? 
3.250 3.510  ? ? ? ? ? ? ? 97.000  ? ? ? ? 0.053 ? ? ? ? ? ? ? ? 4.800 ? ? ? ? ? ? ? 16 1 ? ? 
3.510 3.860  ? ? ? ? ? ? ? 42.600  ? ? ? ? 0.050 ? ? ? ? ? ? ? ? 3.900 ? ? ? ? ? ? ? 17 1 ? ? 
3.860 4.420  ? ? ? ? ? ? ? 73.400  ? ? ? ? 0.050 ? ? ? ? ? ? ? ? 5.000 ? ? ? ? ? ? ? 18 1 ? ? 
4.420 5.560  ? ? ? ? ? ? ? 99.700  ? ? ? ? 0.050 ? ? ? ? ? ? ? ? 5.200 ? ? ? ? ? ? ? 19 1 ? ? 
5.560 50.000 ? ? ? ? ? ? ? 99.500  ? ? ? ? 0.050 ? ? ? ? ? ? ? ? 4.700 ? ? ? ? ? ? ? 20 1 ? ? 
# 
_refine.aniso_B[1][1]                            ? 
_refine.aniso_B[1][2]                            ? 
_refine.aniso_B[1][3]                            ? 
_refine.aniso_B[2][2]                            ? 
_refine.aniso_B[2][3]                            ? 
_refine.aniso_B[3][3]                            ? 
_refine.B_iso_max                                47.150 
_refine.B_iso_mean                               12.5400 
_refine.B_iso_min                                2.530 
_refine.correlation_coeff_Fo_to_Fc               ? 
_refine.correlation_coeff_Fo_to_Fc_free          ? 
_refine.details                                  ? 
_refine.diff_density_max                         ? 
_refine.diff_density_max_esd                     ? 
_refine.diff_density_min                         ? 
_refine.diff_density_min_esd                     ? 
_refine.diff_density_rms                         ? 
_refine.diff_density_rms_esd                     ? 
_refine.entry_id                                 5HWC 
_refine.pdbx_refine_id                           'X-RAY DIFFRACTION' 
_refine.ls_abs_structure_details                 ? 
_refine.ls_abs_structure_Flack                   ? 
_refine.ls_abs_structure_Flack_esd               ? 
_refine.ls_abs_structure_Rogers                  ? 
_refine.ls_abs_structure_Rogers_esd              ? 
_refine.ls_d_res_high                            2.05 
_refine.ls_d_res_low                             37.6360 
_refine.ls_extinction_coef                       ? 
_refine.ls_extinction_coef_esd                   ? 
_refine.ls_extinction_expression                 ? 
_refine.ls_extinction_method                     ? 
_refine.ls_goodness_of_fit_all                   ? 
_refine.ls_goodness_of_fit_all_esd               ? 
_refine.ls_goodness_of_fit_obs                   ? 
_refine.ls_goodness_of_fit_obs_esd               ? 
_refine.ls_hydrogen_treatment                    ? 
_refine.ls_matrix_type                           ? 
_refine.ls_number_constraints                    ? 
_refine.ls_number_parameters                     ? 
_refine.ls_number_reflns_all                     ? 
_refine.ls_number_reflns_obs                     6323 
_refine.ls_number_reflns_R_free                  627 
_refine.ls_number_reflns_R_work                  ? 
_refine.ls_number_restraints                     ? 
_refine.ls_percent_reflns_obs                    90.1200 
_refine.ls_percent_reflns_R_free                 9.9200 
_refine.ls_R_factor_all                          ? 
_refine.ls_R_factor_obs                          0.1706 
_refine.ls_R_factor_R_free                       0.2260 
_refine.ls_R_factor_R_free_error                 ? 
_refine.ls_R_factor_R_free_error_details         ? 
_refine.ls_R_factor_R_work                       0.1646 
_refine.ls_R_Fsqd_factor_obs                     ? 
_refine.ls_R_I_factor_obs                        ? 
_refine.ls_redundancy_reflns_all                 ? 
_refine.ls_redundancy_reflns_obs                 ? 
_refine.ls_restrained_S_all                      ? 
_refine.ls_restrained_S_obs                      ? 
_refine.ls_shift_over_esd_max                    ? 
_refine.ls_shift_over_esd_mean                   ? 
_refine.ls_structure_factor_coef                 ? 
_refine.ls_weighting_details                     ? 
_refine.ls_weighting_scheme                      ? 
_refine.ls_wR_factor_all                         ? 
_refine.ls_wR_factor_obs                         ? 
_refine.ls_wR_factor_R_free                      ? 
_refine.ls_wR_factor_R_work                      ? 
_refine.occupancy_max                            ? 
_refine.occupancy_min                            ? 
_refine.solvent_model_details                    ? 
_refine.solvent_model_param_bsol                 ? 
_refine.solvent_model_param_ksol                 ? 
_refine.ls_R_factor_gt                           ? 
_refine.ls_goodness_of_fit_gt                    ? 
_refine.ls_goodness_of_fit_ref                   ? 
_refine.ls_shift_over_su_max                     ? 
_refine.ls_shift_over_su_max_lt                  ? 
_refine.ls_shift_over_su_mean                    ? 
_refine.ls_shift_over_su_mean_lt                 ? 
_refine.pdbx_ls_sigma_I                          ? 
_refine.pdbx_ls_sigma_F                          1.340 
_refine.pdbx_ls_sigma_Fsqd                       ? 
_refine.pdbx_data_cutoff_high_absF               ? 
_refine.pdbx_data_cutoff_high_rms_absF           ? 
_refine.pdbx_data_cutoff_low_absF                ? 
_refine.pdbx_isotropic_thermal_model             ? 
_refine.pdbx_ls_cross_valid_method               'FREE R-VALUE' 
_refine.pdbx_method_to_determine_struct          'MOLECULAR REPLACEMENT' 
_refine.pdbx_starting_model                      ? 
_refine.pdbx_stereochemistry_target_values       ? 
_refine.pdbx_R_Free_selection_details            ? 
_refine.pdbx_stereochem_target_val_spec_case     ? 
_refine.pdbx_overall_ESU_R                       ? 
_refine.pdbx_overall_ESU_R_Free                  ? 
_refine.pdbx_solvent_vdw_probe_radii             1.1100 
_refine.pdbx_solvent_ion_probe_radii             ? 
_refine.pdbx_solvent_shrinkage_radii             0.9000 
_refine.pdbx_real_space_R                        ? 
_refine.pdbx_density_correlation                 ? 
_refine.pdbx_pd_number_of_powder_patterns        ? 
_refine.pdbx_pd_number_of_points                 ? 
_refine.pdbx_pd_meas_number_of_points            ? 
_refine.pdbx_pd_proc_ls_prof_R_factor            ? 
_refine.pdbx_pd_proc_ls_prof_wR_factor           ? 
_refine.pdbx_pd_Marquardt_correlation_coeff      ? 
_refine.pdbx_pd_Fsqrd_R_factor                   ? 
_refine.pdbx_pd_ls_matrix_band_width             ? 
_refine.pdbx_overall_phase_error                 21.2800 
_refine.pdbx_overall_SU_R_free_Cruickshank_DPI   ? 
_refine.pdbx_overall_SU_R_free_Blow_DPI          ? 
_refine.pdbx_overall_SU_R_Blow_DPI               ? 
_refine.pdbx_TLS_residual_ADP_flag               ? 
_refine.pdbx_diffrn_id                           1 
_refine.overall_SU_B                             ? 
_refine.overall_SU_ML                            0.2100 
_refine.overall_SU_R_Cruickshank_DPI             ? 
_refine.overall_SU_R_free                        ? 
_refine.overall_FOM_free_R_set                   ? 
_refine.overall_FOM_work_R_set                   ? 
_refine.pdbx_average_fsc_overall                 ? 
_refine.pdbx_average_fsc_work                    ? 
_refine.pdbx_average_fsc_free                    ? 
# 
_refine_hist.cycle_id                         final 
_refine_hist.pdbx_refine_id                   'X-RAY DIFFRACTION' 
_refine_hist.d_res_high                       2.05 
_refine_hist.d_res_low                        37.6360 
_refine_hist.pdbx_number_atoms_ligand         57 
_refine_hist.number_atoms_solvent             147 
_refine_hist.number_atoms_total               1066 
_refine_hist.pdbx_number_residues_total       113 
_refine_hist.pdbx_B_iso_mean_ligand           18.80 
_refine_hist.pdbx_B_iso_mean_solvent          20.24 
_refine_hist.pdbx_number_atoms_protein        862 
_refine_hist.pdbx_number_atoms_nucleic_acid   0 
# 
loop_
_refine_ls_restr.pdbx_refine_id 
_refine_ls_restr.criterion 
_refine_ls_restr.dev_ideal 
_refine_ls_restr.dev_ideal_target 
_refine_ls_restr.number 
_refine_ls_restr.rejects 
_refine_ls_restr.type 
_refine_ls_restr.weight 
_refine_ls_restr.pdbx_restraint_function 
'X-RAY DIFFRACTION' ? 0.007  ? 941  ? f_bond_d           ? ? 
'X-RAY DIFFRACTION' ? 1.221  ? 1276 ? f_angle_d          ? ? 
'X-RAY DIFFRACTION' ? 0.078  ? 141  ? f_chiral_restr     ? ? 
'X-RAY DIFFRACTION' ? 0.004  ? 164  ? f_plane_restr      ? ? 
'X-RAY DIFFRACTION' ? 15.622 ? 371  ? f_dihedral_angle_d ? ? 
# 
loop_
_refine_ls_shell.pdbx_refine_id 
_refine_ls_shell.d_res_high 
_refine_ls_shell.d_res_low 
_refine_ls_shell.number_reflns_all 
_refine_ls_shell.number_reflns_obs 
_refine_ls_shell.number_reflns_R_free 
_refine_ls_shell.number_reflns_R_work 
_refine_ls_shell.percent_reflns_obs 
_refine_ls_shell.percent_reflns_R_free 
_refine_ls_shell.R_factor_all 
_refine_ls_shell.R_factor_obs 
_refine_ls_shell.R_factor_R_free 
_refine_ls_shell.R_factor_R_free_error 
_refine_ls_shell.R_factor_R_work 
_refine_ls_shell.redundancy_reflns_all 
_refine_ls_shell.redundancy_reflns_obs 
_refine_ls_shell.wR_factor_all 
_refine_ls_shell.wR_factor_obs 
_refine_ls_shell.wR_factor_R_free 
_refine_ls_shell.wR_factor_R_work 
_refine_ls_shell.pdbx_total_number_of_bins_used 
_refine_ls_shell.pdbx_phase_error 
_refine_ls_shell.pdbx_fsc_work 
_refine_ls_shell.pdbx_fsc_free 
'X-RAY DIFFRACTION' 2.0492 2.2554  1445 . 142 1303 97.0000  . . . 0.2305 . 0.1663 . . . . . . 4 . . . 
'X-RAY DIFFRACTION' 2.2554 2.5817  1598 . 154 1444 99.0000  . . . 0.2552 . 0.1797 . . . . . . 4 . . . 
'X-RAY DIFFRACTION' 2.5817 3.2523  1738 . 176 1562 100.0000 . . . 0.2548 . 0.1756 . . . . . . 4 . . . 
'X-RAY DIFFRACTION' 3.2523 37.6426 1542 . 155 1387 83.0000  . . . 0.1916 . 0.1491 . . . . . . 4 . . . 
# 
_struct.entry_id                     5HWC 
_struct.title                        'Aspergillus fumigatus FKBP12 P90G protein bound with FK506 in P212121 space group' 
_struct.pdbx_model_details           ? 
_struct.pdbx_formula_weight          ? 
_struct.pdbx_formula_weight_method   ? 
_struct.pdbx_model_type_details      ? 
_struct.pdbx_CASP_flag               ? 
# 
_struct_keywords.entry_id        5HWC 
_struct_keywords.text            'FKBP12, prolyl isomerase, FK506, ISOMERASE' 
_struct_keywords.pdbx_keywords   ISOMERASE 
# 
loop_
_struct_asym.id 
_struct_asym.pdbx_blank_PDB_chainid_flag 
_struct_asym.pdbx_modified 
_struct_asym.entity_id 
_struct_asym.details 
A N N 1 ? 
B N N 2 ? 
C N N 3 ? 
# 
_struct_ref.id                         1 
_struct_ref.db_name                    UNP 
_struct_ref.db_code                    FKB1A_ASPFU 
_struct_ref.pdbx_db_accession          Q4WLV6 
_struct_ref.pdbx_db_isoform            ? 
_struct_ref.entity_id                  1 
_struct_ref.pdbx_seq_one_letter_code   
;MGVTKELKSPGNGVDFPKKGDFVTIHYTGRLTDGSKFDSSVDRNEPFQTQIGTGRVIKGWDEGVPQMSLGEKAVLTITPD
YGYGARGFPPVIPGNSTLIFEVELLGINNKRA
;
_struct_ref.pdbx_align_begin           1 
# 
_struct_ref_seq.align_id                      1 
_struct_ref_seq.ref_id                        1 
_struct_ref_seq.pdbx_PDB_id_code              5HWC 
_struct_ref_seq.pdbx_strand_id                A 
_struct_ref_seq.seq_align_beg                 4 
_struct_ref_seq.pdbx_seq_align_beg_ins_code   ? 
_struct_ref_seq.seq_align_end                 115 
_struct_ref_seq.pdbx_seq_align_end_ins_code   ? 
_struct_ref_seq.pdbx_db_accession             Q4WLV6 
_struct_ref_seq.db_align_beg                  1 
_struct_ref_seq.pdbx_db_align_beg_ins_code    ? 
_struct_ref_seq.db_align_end                  112 
_struct_ref_seq.pdbx_db_align_end_ins_code    ? 
_struct_ref_seq.pdbx_auth_seq_align_beg       1 
_struct_ref_seq.pdbx_auth_seq_align_end       112 
# 
loop_
_struct_ref_seq_dif.align_id 
_struct_ref_seq_dif.pdbx_pdb_id_code 
_struct_ref_seq_dif.mon_id 
_struct_ref_seq_dif.pdbx_pdb_strand_id 
_struct_ref_seq_dif.seq_num 
_struct_ref_seq_dif.pdbx_pdb_ins_code 
_struct_ref_seq_dif.pdbx_seq_db_name 
_struct_ref_seq_dif.pdbx_seq_db_accession_code 
_struct_ref_seq_dif.db_mon_id 
_struct_ref_seq_dif.pdbx_seq_db_seq_num 
_struct_ref_seq_dif.details 
_struct_ref_seq_dif.pdbx_auth_seq_num 
_struct_ref_seq_dif.pdbx_ordinal 
1 5HWC GLY A 1  ? UNP Q4WLV6 ?   ?  'expression tag'      -2 1 
1 5HWC SER A 2  ? UNP Q4WLV6 ?   ?  'expression tag'      -1 2 
1 5HWC HIS A 3  ? UNP Q4WLV6 ?   ?  'expression tag'      0  3 
1 5HWC GLY A 93 ? UNP Q4WLV6 PRO 90 'engineered mutation' 90 4 
# 
_pdbx_struct_assembly.id                   1 
_pdbx_struct_assembly.details              author_and_software_defined_assembly 
_pdbx_struct_assembly.method_details       PISA 
_pdbx_struct_assembly.oligomeric_details   monomeric 
_pdbx_struct_assembly.oligomeric_count     1 
# 
_pdbx_struct_assembly_gen.assembly_id       1 
_pdbx_struct_assembly_gen.oper_expression   1 
_pdbx_struct_assembly_gen.asym_id_list      A,B,C 
# 
_pdbx_struct_oper_list.id                   1 
_pdbx_struct_oper_list.type                 'identity operation' 
_pdbx_struct_oper_list.name                 1_555 
_pdbx_struct_oper_list.symmetry_operation   x,y,z 
_pdbx_struct_oper_list.matrix[1][1]         1.0000000000 
_pdbx_struct_oper_list.matrix[1][2]         0.0000000000 
_pdbx_struct_oper_list.matrix[1][3]         0.0000000000 
_pdbx_struct_oper_list.vector[1]            0.0000000000 
_pdbx_struct_oper_list.matrix[2][1]         0.0000000000 
_pdbx_struct_oper_list.matrix[2][2]         1.0000000000 
_pdbx_struct_oper_list.matrix[2][3]         0.0000000000 
_pdbx_struct_oper_list.vector[2]            0.0000000000 
_pdbx_struct_oper_list.matrix[3][1]         0.0000000000 
_pdbx_struct_oper_list.matrix[3][2]         0.0000000000 
_pdbx_struct_oper_list.matrix[3][3]         1.0000000000 
_pdbx_struct_oper_list.vector[3]            0.0000000000 
# 
loop_
_struct_conf.conf_type_id 
_struct_conf.id 
_struct_conf.pdbx_PDB_helix_id 
_struct_conf.beg_label_comp_id 
_struct_conf.beg_label_asym_id 
_struct_conf.beg_label_seq_id 
_struct_conf.pdbx_beg_PDB_ins_code 
_struct_conf.end_label_comp_id 
_struct_conf.end_label_asym_id 
_struct_conf.end_label_seq_id 
_struct_conf.pdbx_end_PDB_ins_code 
_struct_conf.beg_auth_comp_id 
_struct_conf.beg_auth_asym_id 
_struct_conf.beg_auth_seq_id 
_struct_conf.end_auth_comp_id 
_struct_conf.end_auth_asym_id 
_struct_conf.end_auth_seq_id 
_struct_conf.pdbx_PDB_helix_class 
_struct_conf.details 
_struct_conf.pdbx_PDB_helix_length 
HELX_P HELX_P1 AA1 ILE A 60 ? VAL A 67 ? ILE A 57 VAL A 64 1 ? 8 
HELX_P HELX_P2 AA2 PRO A 68 ? MET A 70 ? PRO A 65 MET A 67 5 ? 3 
HELX_P HELX_P3 AA3 PRO A 82 ? GLY A 85 ? PRO A 79 GLY A 82 5 ? 4 
# 
_struct_conf_type.id          HELX_P 
_struct_conf_type.criteria    ? 
_struct_conf_type.reference   ? 
# 
loop_
_struct_sheet.id 
_struct_sheet.type 
_struct_sheet.number_strands 
_struct_sheet.details 
AA1 ? 5 ? 
AA2 ? 4 ? 
# 
loop_
_struct_sheet_order.sheet_id 
_struct_sheet_order.range_id_1 
_struct_sheet_order.range_id_2 
_struct_sheet_order.offset 
_struct_sheet_order.sense 
AA1 1 2 ? anti-parallel 
AA1 2 3 ? anti-parallel 
AA1 3 4 ? anti-parallel 
AA1 4 5 ? anti-parallel 
AA2 1 2 ? anti-parallel 
AA2 2 3 ? anti-parallel 
AA2 3 4 ? anti-parallel 
# 
loop_
_struct_sheet_range.sheet_id 
_struct_sheet_range.id 
_struct_sheet_range.beg_label_comp_id 
_struct_sheet_range.beg_label_asym_id 
_struct_sheet_range.beg_label_seq_id 
_struct_sheet_range.pdbx_beg_PDB_ins_code 
_struct_sheet_range.end_label_comp_id 
_struct_sheet_range.end_label_asym_id 
_struct_sheet_range.end_label_seq_id 
_struct_sheet_range.pdbx_end_PDB_ins_code 
_struct_sheet_range.beg_auth_comp_id 
_struct_sheet_range.beg_auth_asym_id 
_struct_sheet_range.beg_auth_seq_id 
_struct_sheet_range.end_auth_comp_id 
_struct_sheet_range.end_auth_asym_id 
_struct_sheet_range.end_auth_seq_id 
AA1 1 VAL A 6   ? SER A 12  ? VAL A 3   SER A 9   
AA1 2 LYS A 75  ? ILE A 80  ? LYS A 72  ILE A 77  
AA1 3 LEU A 101 ? ILE A 110 ? LEU A 98  ILE A 107 
AA1 4 PHE A 25  ? ARG A 33  ? PHE A 22  ARG A 30  
AA1 5 PHE A 50  ? GLN A 53  ? PHE A 47  GLN A 50  
AA2 1 LYS A 39  ? SER A 42  ? LYS A 36  SER A 39  
AA2 2 PHE A 25  ? ARG A 33  ? PHE A 22  ARG A 30  
AA2 3 LEU A 101 ? ILE A 110 ? LEU A 98  ILE A 107 
AA2 4 LYS A 113 ? ARG A 114 ? LYS A 110 ARG A 111 
# 
loop_
_pdbx_struct_sheet_hbond.sheet_id 
_pdbx_struct_sheet_hbond.range_id_1 
_pdbx_struct_sheet_hbond.range_id_2 
_pdbx_struct_sheet_hbond.range_1_label_atom_id 
_pdbx_struct_sheet_hbond.range_1_label_comp_id 
_pdbx_struct_sheet_hbond.range_1_label_asym_id 
_pdbx_struct_sheet_hbond.range_1_label_seq_id 
_pdbx_struct_sheet_hbond.range_1_PDB_ins_code 
_pdbx_struct_sheet_hbond.range_1_auth_atom_id 
_pdbx_struct_sheet_hbond.range_1_auth_comp_id 
_pdbx_struct_sheet_hbond.range_1_auth_asym_id 
_pdbx_struct_sheet_hbond.range_1_auth_seq_id 
_pdbx_struct_sheet_hbond.range_2_label_atom_id 
_pdbx_struct_sheet_hbond.range_2_label_comp_id 
_pdbx_struct_sheet_hbond.range_2_label_asym_id 
_pdbx_struct_sheet_hbond.range_2_label_seq_id 
_pdbx_struct_sheet_hbond.range_2_PDB_ins_code 
_pdbx_struct_sheet_hbond.range_2_auth_atom_id 
_pdbx_struct_sheet_hbond.range_2_auth_comp_id 
_pdbx_struct_sheet_hbond.range_2_auth_asym_id 
_pdbx_struct_sheet_hbond.range_2_auth_seq_id 
AA1 1 2 N LYS A 11  ? N LYS A 8   O LYS A 75  ? O LYS A 72  
AA1 2 3 N ILE A 80  ? N ILE A 77  O LEU A 101 ? O LEU A 98  
AA1 3 4 O GLU A 106 ? O GLU A 103 N HIS A 29  ? N HIS A 26  
AA1 4 5 N ILE A 28  ? N ILE A 25  O PHE A 50  ? O PHE A 47  
AA2 1 2 O ASP A 41  ? O ASP A 38  N GLY A 32  ? N GLY A 29  
AA2 2 3 N HIS A 29  ? N HIS A 26  O GLU A 106 ? O GLU A 103 
AA2 3 4 N ILE A 110 ? N ILE A 107 O LYS A 113 ? O LYS A 110 
# 
_struct_site.id                   AC1 
_struct_site.pdbx_evidence_code   Software 
_struct_site.pdbx_auth_asym_id    A 
_struct_site.pdbx_auth_comp_id    FK5 
_struct_site.pdbx_auth_seq_id     201 
_struct_site.pdbx_auth_ins_code   ? 
_struct_site.pdbx_num_residues    20 
_struct_site.details              'binding site for residue FK5 A 201' 
# 
loop_
_struct_site_gen.id 
_struct_site_gen.site_id 
_struct_site_gen.pdbx_num_res 
_struct_site_gen.label_comp_id 
_struct_site_gen.label_asym_id 
_struct_site_gen.label_seq_id 
_struct_site_gen.pdbx_auth_ins_code 
_struct_site_gen.auth_comp_id 
_struct_site_gen.auth_asym_id 
_struct_site_gen.auth_seq_id 
_struct_site_gen.label_atom_id 
_struct_site_gen.label_alt_id 
_struct_site_gen.symmetry 
_struct_site_gen.details 
1  AC1 20 THR A 27  ? THR A 24  . ? 4_475 ? 
2  AC1 20 TYR A 30  ? TYR A 27  . ? 1_555 ? 
3  AC1 20 PHE A 40  ? PHE A 37  . ? 1_555 ? 
4  AC1 20 ASP A 41  ? ASP A 38  . ? 1_555 ? 
5  AC1 20 GLU A 48  ? GLU A 45  . ? 4_475 ? 
6  AC1 20 PHE A 50  ? PHE A 47  . ? 1_555 ? 
7  AC1 20 ARG A 58  ? ARG A 55  . ? 1_555 ? 
8  AC1 20 VAL A 59  ? VAL A 56  . ? 1_555 ? 
9  AC1 20 ILE A 60  ? ILE A 57  . ? 1_555 ? 
10 AC1 20 TRP A 63  ? TRP A 60  . ? 1_555 ? 
11 AC1 20 GLY A 85  ? GLY A 82  . ? 1_555 ? 
12 AC1 20 TYR A 86  ? TYR A 83  . ? 1_555 ? 
13 AC1 20 ARG A 89  ? ARG A 86  . ? 4_575 ? 
14 AC1 20 PHE A 91  ? PHE A 88  . ? 1_555 ? 
15 AC1 20 LEU A 108 ? LEU A 105 . ? 4_475 ? 
16 AC1 20 ARG A 114 ? ARG A 111 . ? 4_475 ? 
17 AC1 20 HOH C .   ? HOH A 352 . ? 1_555 ? 
18 AC1 20 HOH C .   ? HOH A 387 . ? 1_555 ? 
19 AC1 20 HOH C .   ? HOH A 399 . ? 1_555 ? 
20 AC1 20 HOH C .   ? HOH A 429 . ? 4_475 ? 
# 
loop_
_pdbx_validate_close_contact.id 
_pdbx_validate_close_contact.PDB_model_num 
_pdbx_validate_close_contact.auth_atom_id_1 
_pdbx_validate_close_contact.auth_asym_id_1 
_pdbx_validate_close_contact.auth_comp_id_1 
_pdbx_validate_close_contact.auth_seq_id_1 
_pdbx_validate_close_contact.PDB_ins_code_1 
_pdbx_validate_close_contact.label_alt_id_1 
_pdbx_validate_close_contact.auth_atom_id_2 
_pdbx_validate_close_contact.auth_asym_id_2 
_pdbx_validate_close_contact.auth_comp_id_2 
_pdbx_validate_close_contact.auth_seq_id_2 
_pdbx_validate_close_contact.PDB_ins_code_2 
_pdbx_validate_close_contact.label_alt_id_2 
_pdbx_validate_close_contact.dist 
1 1 O   A PRO 89 ? ? O A HOH 301 ? ? 1.95 
2 1 O   A MET 1  ? ? O A HOH 302 ? ? 2.07 
3 1 OD2 A ASP 42 ? ? O A HOH 303 ? ? 2.09 
# 
_pdbx_validate_symm_contact.id                1 
_pdbx_validate_symm_contact.PDB_model_num     1 
_pdbx_validate_symm_contact.auth_atom_id_1    O 
_pdbx_validate_symm_contact.auth_asym_id_1    A 
_pdbx_validate_symm_contact.auth_comp_id_1    HOH 
_pdbx_validate_symm_contact.auth_seq_id_1     427 
_pdbx_validate_symm_contact.PDB_ins_code_1    ? 
_pdbx_validate_symm_contact.label_alt_id_1    ? 
_pdbx_validate_symm_contact.site_symmetry_1   1_555 
_pdbx_validate_symm_contact.auth_atom_id_2    O 
_pdbx_validate_symm_contact.auth_asym_id_2    A 
_pdbx_validate_symm_contact.auth_comp_id_2    HOH 
_pdbx_validate_symm_contact.auth_seq_id_2     443 
_pdbx_validate_symm_contact.PDB_ins_code_2    ? 
_pdbx_validate_symm_contact.label_alt_id_2    ? 
_pdbx_validate_symm_contact.site_symmetry_2   4_475 
_pdbx_validate_symm_contact.dist              2.07 
# 
loop_
_pdbx_validate_torsion.id 
_pdbx_validate_torsion.PDB_model_num 
_pdbx_validate_torsion.auth_comp_id 
_pdbx_validate_torsion.auth_asym_id 
_pdbx_validate_torsion.auth_seq_id 
_pdbx_validate_torsion.PDB_ins_code 
_pdbx_validate_torsion.label_alt_id 
_pdbx_validate_torsion.phi 
_pdbx_validate_torsion.psi 
1 1 VAL A 91  ? ? -138.37 -50.50  
2 1 ASN A 108 ? ? 43.15   -114.46 
# 
loop_
_pdbx_unobs_or_zero_occ_residues.id 
_pdbx_unobs_or_zero_occ_residues.PDB_model_num 
_pdbx_unobs_or_zero_occ_residues.polymer_flag 
_pdbx_unobs_or_zero_occ_residues.occupancy_flag 
_pdbx_unobs_or_zero_occ_residues.auth_asym_id 
_pdbx_unobs_or_zero_occ_residues.auth_comp_id 
_pdbx_unobs_or_zero_occ_residues.auth_seq_id 
_pdbx_unobs_or_zero_occ_residues.PDB_ins_code 
_pdbx_unobs_or_zero_occ_residues.label_asym_id 
_pdbx_unobs_or_zero_occ_residues.label_comp_id 
_pdbx_unobs_or_zero_occ_residues.label_seq_id 
1 1 Y 1 A GLY -2 ? A GLY 1 
2 1 Y 1 A SER -1 ? A SER 2 
# 
loop_
_chem_comp_atom.comp_id 
_chem_comp_atom.atom_id 
_chem_comp_atom.type_symbol 
_chem_comp_atom.pdbx_aromatic_flag 
_chem_comp_atom.pdbx_stereo_config 
_chem_comp_atom.pdbx_ordinal 
ALA N    N N N 1   
ALA CA   C N S 2   
ALA C    C N N 3   
ALA O    O N N 4   
ALA CB   C N N 5   
ALA OXT  O N N 6   
ALA H    H N N 7   
ALA H2   H N N 8   
ALA HA   H N N 9   
ALA HB1  H N N 10  
ALA HB2  H N N 11  
ALA HB3  H N N 12  
ALA HXT  H N N 13  
ARG N    N N N 14  
ARG CA   C N S 15  
ARG C    C N N 16  
ARG O    O N N 17  
ARG CB   C N N 18  
ARG CG   C N N 19  
ARG CD   C N N 20  
ARG NE   N N N 21  
ARG CZ   C N N 22  
ARG NH1  N N N 23  
ARG NH2  N N N 24  
ARG OXT  O N N 25  
ARG H    H N N 26  
ARG H2   H N N 27  
ARG HA   H N N 28  
ARG HB2  H N N 29  
ARG HB3  H N N 30  
ARG HG2  H N N 31  
ARG HG3  H N N 32  
ARG HD2  H N N 33  
ARG HD3  H N N 34  
ARG HE   H N N 35  
ARG HH11 H N N 36  
ARG HH12 H N N 37  
ARG HH21 H N N 38  
ARG HH22 H N N 39  
ARG HXT  H N N 40  
ASN N    N N N 41  
ASN CA   C N S 42  
ASN C    C N N 43  
ASN O    O N N 44  
ASN CB   C N N 45  
ASN CG   C N N 46  
ASN OD1  O N N 47  
ASN ND2  N N N 48  
ASN OXT  O N N 49  
ASN H    H N N 50  
ASN H2   H N N 51  
ASN HA   H N N 52  
ASN HB2  H N N 53  
ASN HB3  H N N 54  
ASN HD21 H N N 55  
ASN HD22 H N N 56  
ASN HXT  H N N 57  
ASP N    N N N 58  
ASP CA   C N S 59  
ASP C    C N N 60  
ASP O    O N N 61  
ASP CB   C N N 62  
ASP CG   C N N 63  
ASP OD1  O N N 64  
ASP OD2  O N N 65  
ASP OXT  O N N 66  
ASP H    H N N 67  
ASP H2   H N N 68  
ASP HA   H N N 69  
ASP HB2  H N N 70  
ASP HB3  H N N 71  
ASP HD2  H N N 72  
ASP HXT  H N N 73  
FK5 C1   C N N 74  
FK5 C2   C N S 75  
FK5 C3   C N N 76  
FK5 C4   C N N 77  
FK5 C5   C N N 78  
FK5 C6   C N N 79  
FK5 C8   C N N 80  
FK5 C9   C N N 81  
FK5 C10  C N R 82  
FK5 C11  C N R 83  
FK5 C12  C N N 84  
FK5 C13  C N S 85  
FK5 C14  C N R 86  
FK5 C15  C N S 87  
FK5 C16  C N N 88  
FK5 C17  C N S 89  
FK5 C18  C N N 90  
FK5 C19  C N N 91  
FK5 C20  C N N 92  
FK5 C21  C N R 93  
FK5 C22  C N N 94  
FK5 C23  C N N 95  
FK5 C24  C N S 96  
FK5 C25  C N R 97  
FK5 C26  C N S 98  
FK5 C27  C N N 99  
FK5 C28  C N N 100 
FK5 C29  C N R 101 
FK5 C30  C N N 102 
FK5 C31  C N R 103 
FK5 C32  C N R 104 
FK5 C33  C N N 105 
FK5 C34  C N N 106 
FK5 C35  C N N 107 
FK5 C36  C N N 108 
FK5 C37  C N N 109 
FK5 C38  C N N 110 
FK5 C39  C N N 111 
FK5 C40  C N N 112 
FK5 C41  C N N 113 
FK5 C42  C N N 114 
FK5 C43  C N N 115 
FK5 C44  C N N 116 
FK5 C45  C N N 117 
FK5 N7   N N N 118 
FK5 O1   O N N 119 
FK5 O2   O N N 120 
FK5 O3   O N N 121 
FK5 O4   O N N 122 
FK5 O5   O N N 123 
FK5 O6   O N N 124 
FK5 O7   O N N 125 
FK5 O8   O N N 126 
FK5 O9   O N N 127 
FK5 O10  O N N 128 
FK5 O11  O N N 129 
FK5 O12  O N N 130 
FK5 H2   H N N 131 
FK5 H31A H N N 132 
FK5 H32A H N N 133 
FK5 H41  H N N 134 
FK5 H42  H N N 135 
FK5 H51  H N N 136 
FK5 H52  H N N 137 
FK5 H61  H N N 138 
FK5 H62  H N N 139 
FK5 H11  H N N 140 
FK5 H121 H N N 141 
FK5 H122 H N N 142 
FK5 H13  H N N 143 
FK5 H14  H N N 144 
FK5 H15  H N N 145 
FK5 H161 H N N 146 
FK5 H162 H N N 147 
FK5 H17  H N N 148 
FK5 H181 H N N 149 
FK5 H182 H N N 150 
FK5 H20  H N N 151 
FK5 H21  H N N 152 
FK5 H231 H N N 153 
FK5 H232 H N N 154 
FK5 H24  H N N 155 
FK5 H25  H N N 156 
FK5 H26  H N N 157 
FK5 H28  H N N 158 
FK5 H29  H N N 159 
FK5 H301 H N N 160 
FK5 H302 H N N 161 
FK5 H31  H N N 162 
FK5 H32  H N N 163 
FK5 H331 H N N 164 
FK5 H332 H N N 165 
FK5 H341 H N N 166 
FK5 H342 H N N 167 
FK5 H351 H N N 168 
FK5 H352 H N N 169 
FK5 H353 H N N 170 
FK5 H361 H N N 171 
FK5 H362 H N N 172 
FK5 H363 H N N 173 
FK5 H371 H N N 174 
FK5 H372 H N N 175 
FK5 H373 H N N 176 
FK5 H381 H N N 177 
FK5 H382 H N N 178 
FK5 H39  H N N 179 
FK5 H401 H N N 180 
FK5 H402 H N N 181 
FK5 H411 H N N 182 
FK5 H412 H N N 183 
FK5 H413 H N N 184 
FK5 H421 H N N 185 
FK5 H422 H N N 186 
FK5 H423 H N N 187 
FK5 H431 H N N 188 
FK5 H432 H N N 189 
FK5 H433 H N N 190 
FK5 H441 H N N 191 
FK5 H442 H N N 192 
FK5 H443 H N N 193 
FK5 H451 H N N 194 
FK5 H452 H N N 195 
FK5 H453 H N N 196 
FK5 HO6  H N N 197 
FK5 HO10 H N N 198 
FK5 HO12 H N N 199 
GLN N    N N N 200 
GLN CA   C N S 201 
GLN C    C N N 202 
GLN O    O N N 203 
GLN CB   C N N 204 
GLN CG   C N N 205 
GLN CD   C N N 206 
GLN OE1  O N N 207 
GLN NE2  N N N 208 
GLN OXT  O N N 209 
GLN H    H N N 210 
GLN H2   H N N 211 
GLN HA   H N N 212 
GLN HB2  H N N 213 
GLN HB3  H N N 214 
GLN HG2  H N N 215 
GLN HG3  H N N 216 
GLN HE21 H N N 217 
GLN HE22 H N N 218 
GLN HXT  H N N 219 
GLU N    N N N 220 
GLU CA   C N S 221 
GLU C    C N N 222 
GLU O    O N N 223 
GLU CB   C N N 224 
GLU CG   C N N 225 
GLU CD   C N N 226 
GLU OE1  O N N 227 
GLU OE2  O N N 228 
GLU OXT  O N N 229 
GLU H    H N N 230 
GLU H2   H N N 231 
GLU HA   H N N 232 
GLU HB2  H N N 233 
GLU HB3  H N N 234 
GLU HG2  H N N 235 
GLU HG3  H N N 236 
GLU HE2  H N N 237 
GLU HXT  H N N 238 
GLY N    N N N 239 
GLY CA   C N N 240 
GLY C    C N N 241 
GLY O    O N N 242 
GLY OXT  O N N 243 
GLY H    H N N 244 
GLY H2   H N N 245 
GLY HA2  H N N 246 
GLY HA3  H N N 247 
GLY HXT  H N N 248 
HIS N    N N N 249 
HIS CA   C N S 250 
HIS C    C N N 251 
HIS O    O N N 252 
HIS CB   C N N 253 
HIS CG   C Y N 254 
HIS ND1  N Y N 255 
HIS CD2  C Y N 256 
HIS CE1  C Y N 257 
HIS NE2  N Y N 258 
HIS OXT  O N N 259 
HIS H    H N N 260 
HIS H2   H N N 261 
HIS HA   H N N 262 
HIS HB2  H N N 263 
HIS HB3  H N N 264 
HIS HD1  H N N 265 
HIS HD2  H N N 266 
HIS HE1  H N N 267 
HIS HE2  H N N 268 
HIS HXT  H N N 269 
HOH O    O N N 270 
HOH H1   H N N 271 
HOH H2   H N N 272 
ILE N    N N N 273 
ILE CA   C N S 274 
ILE C    C N N 275 
ILE O    O N N 276 
ILE CB   C N S 277 
ILE CG1  C N N 278 
ILE CG2  C N N 279 
ILE CD1  C N N 280 
ILE OXT  O N N 281 
ILE H    H N N 282 
ILE H2   H N N 283 
ILE HA   H N N 284 
ILE HB   H N N 285 
ILE HG12 H N N 286 
ILE HG13 H N N 287 
ILE HG21 H N N 288 
ILE HG22 H N N 289 
ILE HG23 H N N 290 
ILE HD11 H N N 291 
ILE HD12 H N N 292 
ILE HD13 H N N 293 
ILE HXT  H N N 294 
LEU N    N N N 295 
LEU CA   C N S 296 
LEU C    C N N 297 
LEU O    O N N 298 
LEU CB   C N N 299 
LEU CG   C N N 300 
LEU CD1  C N N 301 
LEU CD2  C N N 302 
LEU OXT  O N N 303 
LEU H    H N N 304 
LEU H2   H N N 305 
LEU HA   H N N 306 
LEU HB2  H N N 307 
LEU HB3  H N N 308 
LEU HG   H N N 309 
LEU HD11 H N N 310 
LEU HD12 H N N 311 
LEU HD13 H N N 312 
LEU HD21 H N N 313 
LEU HD22 H N N 314 
LEU HD23 H N N 315 
LEU HXT  H N N 316 
LYS N    N N N 317 
LYS CA   C N S 318 
LYS C    C N N 319 
LYS O    O N N 320 
LYS CB   C N N 321 
LYS CG   C N N 322 
LYS CD   C N N 323 
LYS CE   C N N 324 
LYS NZ   N N N 325 
LYS OXT  O N N 326 
LYS H    H N N 327 
LYS H2   H N N 328 
LYS HA   H N N 329 
LYS HB2  H N N 330 
LYS HB3  H N N 331 
LYS HG2  H N N 332 
LYS HG3  H N N 333 
LYS HD2  H N N 334 
LYS HD3  H N N 335 
LYS HE2  H N N 336 
LYS HE3  H N N 337 
LYS HZ1  H N N 338 
LYS HZ2  H N N 339 
LYS HZ3  H N N 340 
LYS HXT  H N N 341 
MET N    N N N 342 
MET CA   C N S 343 
MET C    C N N 344 
MET O    O N N 345 
MET CB   C N N 346 
MET CG   C N N 347 
MET SD   S N N 348 
MET CE   C N N 349 
MET OXT  O N N 350 
MET H    H N N 351 
MET H2   H N N 352 
MET HA   H N N 353 
MET HB2  H N N 354 
MET HB3  H N N 355 
MET HG2  H N N 356 
MET HG3  H N N 357 
MET HE1  H N N 358 
MET HE2  H N N 359 
MET HE3  H N N 360 
MET HXT  H N N 361 
PHE N    N N N 362 
PHE CA   C N S 363 
PHE C    C N N 364 
PHE O    O N N 365 
PHE CB   C N N 366 
PHE CG   C Y N 367 
PHE CD1  C Y N 368 
PHE CD2  C Y N 369 
PHE CE1  C Y N 370 
PHE CE2  C Y N 371 
PHE CZ   C Y N 372 
PHE OXT  O N N 373 
PHE H    H N N 374 
PHE H2   H N N 375 
PHE HA   H N N 376 
PHE HB2  H N N 377 
PHE HB3  H N N 378 
PHE HD1  H N N 379 
PHE HD2  H N N 380 
PHE HE1  H N N 381 
PHE HE2  H N N 382 
PHE HZ   H N N 383 
PHE HXT  H N N 384 
PRO N    N N N 385 
PRO CA   C N S 386 
PRO C    C N N 387 
PRO O    O N N 388 
PRO CB   C N N 389 
PRO CG   C N N 390 
PRO CD   C N N 391 
PRO OXT  O N N 392 
PRO H    H N N 393 
PRO HA   H N N 394 
PRO HB2  H N N 395 
PRO HB3  H N N 396 
PRO HG2  H N N 397 
PRO HG3  H N N 398 
PRO HD2  H N N 399 
PRO HD3  H N N 400 
PRO HXT  H N N 401 
SER N    N N N 402 
SER CA   C N S 403 
SER C    C N N 404 
SER O    O N N 405 
SER CB   C N N 406 
SER OG   O N N 407 
SER OXT  O N N 408 
SER H    H N N 409 
SER H2   H N N 410 
SER HA   H N N 411 
SER HB2  H N N 412 
SER HB3  H N N 413 
SER HG   H N N 414 
SER HXT  H N N 415 
THR N    N N N 416 
THR CA   C N S 417 
THR C    C N N 418 
THR O    O N N 419 
THR CB   C N R 420 
THR OG1  O N N 421 
THR CG2  C N N 422 
THR OXT  O N N 423 
THR H    H N N 424 
THR H2   H N N 425 
THR HA   H N N 426 
THR HB   H N N 427 
THR HG1  H N N 428 
THR HG21 H N N 429 
THR HG22 H N N 430 
THR HG23 H N N 431 
THR HXT  H N N 432 
TRP N    N N N 433 
TRP CA   C N S 434 
TRP C    C N N 435 
TRP O    O N N 436 
TRP CB   C N N 437 
TRP CG   C Y N 438 
TRP CD1  C Y N 439 
TRP CD2  C Y N 440 
TRP NE1  N Y N 441 
TRP CE2  C Y N 442 
TRP CE3  C Y N 443 
TRP CZ2  C Y N 444 
TRP CZ3  C Y N 445 
TRP CH2  C Y N 446 
TRP OXT  O N N 447 
TRP H    H N N 448 
TRP H2   H N N 449 
TRP HA   H N N 450 
TRP HB2  H N N 451 
TRP HB3  H N N 452 
TRP HD1  H N N 453 
TRP HE1  H N N 454 
TRP HE3  H N N 455 
TRP HZ2  H N N 456 
TRP HZ3  H N N 457 
TRP HH2  H N N 458 
TRP HXT  H N N 459 
TYR N    N N N 460 
TYR CA   C N S 461 
TYR C    C N N 462 
TYR O    O N N 463 
TYR CB   C N N 464 
TYR CG   C Y N 465 
TYR CD1  C Y N 466 
TYR CD2  C Y N 467 
TYR CE1  C Y N 468 
TYR CE2  C Y N 469 
TYR CZ   C Y N 470 
TYR OH   O N N 471 
TYR OXT  O N N 472 
TYR H    H N N 473 
TYR H2   H N N 474 
TYR HA   H N N 475 
TYR HB2  H N N 476 
TYR HB3  H N N 477 
TYR HD1  H N N 478 
TYR HD2  H N N 479 
TYR HE1  H N N 480 
TYR HE2  H N N 481 
TYR HH   H N N 482 
TYR HXT  H N N 483 
VAL N    N N N 484 
VAL CA   C N S 485 
VAL C    C N N 486 
VAL O    O N N 487 
VAL CB   C N N 488 
VAL CG1  C N N 489 
VAL CG2  C N N 490 
VAL OXT  O N N 491 
VAL H    H N N 492 
VAL H2   H N N 493 
VAL HA   H N N 494 
VAL HB   H N N 495 
VAL HG11 H N N 496 
VAL HG12 H N N 497 
VAL HG13 H N N 498 
VAL HG21 H N N 499 
VAL HG22 H N N 500 
VAL HG23 H N N 501 
VAL HXT  H N N 502 
# 
loop_
_chem_comp_bond.comp_id 
_chem_comp_bond.atom_id_1 
_chem_comp_bond.atom_id_2 
_chem_comp_bond.value_order 
_chem_comp_bond.pdbx_aromatic_flag 
_chem_comp_bond.pdbx_stereo_config 
_chem_comp_bond.pdbx_ordinal 
ALA N   CA   sing N N 1   
ALA N   H    sing N N 2   
ALA N   H2   sing N N 3   
ALA CA  C    sing N N 4   
ALA CA  CB   sing N N 5   
ALA CA  HA   sing N N 6   
ALA C   O    doub N N 7   
ALA C   OXT  sing N N 8   
ALA CB  HB1  sing N N 9   
ALA CB  HB2  sing N N 10  
ALA CB  HB3  sing N N 11  
ALA OXT HXT  sing N N 12  
ARG N   CA   sing N N 13  
ARG N   H    sing N N 14  
ARG N   H2   sing N N 15  
ARG CA  C    sing N N 16  
ARG CA  CB   sing N N 17  
ARG CA  HA   sing N N 18  
ARG C   O    doub N N 19  
ARG C   OXT  sing N N 20  
ARG CB  CG   sing N N 21  
ARG CB  HB2  sing N N 22  
ARG CB  HB3  sing N N 23  
ARG CG  CD   sing N N 24  
ARG CG  HG2  sing N N 25  
ARG CG  HG3  sing N N 26  
ARG CD  NE   sing N N 27  
ARG CD  HD2  sing N N 28  
ARG CD  HD3  sing N N 29  
ARG NE  CZ   sing N N 30  
ARG NE  HE   sing N N 31  
ARG CZ  NH1  sing N N 32  
ARG CZ  NH2  doub N N 33  
ARG NH1 HH11 sing N N 34  
ARG NH1 HH12 sing N N 35  
ARG NH2 HH21 sing N N 36  
ARG NH2 HH22 sing N N 37  
ARG OXT HXT  sing N N 38  
ASN N   CA   sing N N 39  
ASN N   H    sing N N 40  
ASN N   H2   sing N N 41  
ASN CA  C    sing N N 42  
ASN CA  CB   sing N N 43  
ASN CA  HA   sing N N 44  
ASN C   O    doub N N 45  
ASN C   OXT  sing N N 46  
ASN CB  CG   sing N N 47  
ASN CB  HB2  sing N N 48  
ASN CB  HB3  sing N N 49  
ASN CG  OD1  doub N N 50  
ASN CG  ND2  sing N N 51  
ASN ND2 HD21 sing N N 52  
ASN ND2 HD22 sing N N 53  
ASN OXT HXT  sing N N 54  
ASP N   CA   sing N N 55  
ASP N   H    sing N N 56  
ASP N   H2   sing N N 57  
ASP CA  C    sing N N 58  
ASP CA  CB   sing N N 59  
ASP CA  HA   sing N N 60  
ASP C   O    doub N N 61  
ASP C   OXT  sing N N 62  
ASP CB  CG   sing N N 63  
ASP CB  HB2  sing N N 64  
ASP CB  HB3  sing N N 65  
ASP CG  OD1  doub N N 66  
ASP CG  OD2  sing N N 67  
ASP OD2 HD2  sing N N 68  
ASP OXT HXT  sing N N 69  
FK5 C1  C2   sing N N 70  
FK5 C1  O1   sing N N 71  
FK5 C1  O2   doub N N 72  
FK5 C2  C3   sing N N 73  
FK5 C2  N7   sing N N 74  
FK5 C2  H2   sing N N 75  
FK5 C3  C4   sing N N 76  
FK5 C3  H31A sing N N 77  
FK5 C3  H32A sing N N 78  
FK5 C4  C5   sing N N 79  
FK5 C4  H41  sing N N 80  
FK5 C4  H42  sing N N 81  
FK5 C5  C6   sing N N 82  
FK5 C5  H51  sing N N 83  
FK5 C5  H52  sing N N 84  
FK5 C6  N7   sing N N 85  
FK5 C6  H61  sing N N 86  
FK5 C6  H62  sing N N 87  
FK5 C8  C9   sing N N 88  
FK5 C8  N7   sing N N 89  
FK5 C8  O3   doub N N 90  
FK5 C9  C10  sing N N 91  
FK5 C9  O4   doub N N 92  
FK5 C10 C11  sing N N 93  
FK5 C10 O5   sing N N 94  
FK5 C10 O6   sing N N 95  
FK5 C11 C12  sing N N 96  
FK5 C11 C35  sing N N 97  
FK5 C11 H11  sing N N 98  
FK5 C12 C13  sing N N 99  
FK5 C12 H121 sing N N 100 
FK5 C12 H122 sing N N 101 
FK5 C13 C14  sing N N 102 
FK5 C13 O7   sing N N 103 
FK5 C13 H13  sing N N 104 
FK5 C14 C15  sing N N 105 
FK5 C14 O5   sing N N 106 
FK5 C14 H14  sing N N 107 
FK5 C15 C16  sing N N 108 
FK5 C15 O8   sing N N 109 
FK5 C15 H15  sing N N 110 
FK5 C16 C17  sing N N 111 
FK5 C16 H161 sing N N 112 
FK5 C16 H162 sing N N 113 
FK5 C17 C18  sing N N 114 
FK5 C17 C36  sing N N 115 
FK5 C17 H17  sing N N 116 
FK5 C18 C19  sing N N 117 
FK5 C18 H181 sing N N 118 
FK5 C18 H182 sing N N 119 
FK5 C19 C20  doub N E 120 
FK5 C19 C37  sing N N 121 
FK5 C20 C21  sing N N 122 
FK5 C20 H20  sing N N 123 
FK5 C21 C22  sing N N 124 
FK5 C21 C38  sing N N 125 
FK5 C21 H21  sing N N 126 
FK5 C22 C23  sing N N 127 
FK5 C22 O9   doub N N 128 
FK5 C23 C24  sing N N 129 
FK5 C23 H231 sing N N 130 
FK5 C23 H232 sing N N 131 
FK5 C24 C25  sing N N 132 
FK5 C24 O10  sing N N 133 
FK5 C24 H24  sing N N 134 
FK5 C25 C26  sing N N 135 
FK5 C25 C41  sing N N 136 
FK5 C25 H25  sing N N 137 
FK5 C26 C27  sing N N 138 
FK5 C26 O1   sing N N 139 
FK5 C26 H26  sing N N 140 
FK5 C27 C28  doub N E 141 
FK5 C27 C42  sing N N 142 
FK5 C28 C29  sing N N 143 
FK5 C28 H28  sing N N 144 
FK5 C29 C30  sing N N 145 
FK5 C29 C34  sing N N 146 
FK5 C29 H29  sing N N 147 
FK5 C30 C31  sing N N 148 
FK5 C30 H301 sing N N 149 
FK5 C30 H302 sing N N 150 
FK5 C31 C32  sing N N 151 
FK5 C31 O11  sing N N 152 
FK5 C31 H31  sing N N 153 
FK5 C32 C33  sing N N 154 
FK5 C32 O12  sing N N 155 
FK5 C32 H32  sing N N 156 
FK5 C33 C34  sing N N 157 
FK5 C33 H331 sing N N 158 
FK5 C33 H332 sing N N 159 
FK5 C34 H341 sing N N 160 
FK5 C34 H342 sing N N 161 
FK5 C35 H351 sing N N 162 
FK5 C35 H352 sing N N 163 
FK5 C35 H353 sing N N 164 
FK5 C36 H361 sing N N 165 
FK5 C36 H362 sing N N 166 
FK5 C36 H363 sing N N 167 
FK5 C37 H371 sing N N 168 
FK5 C37 H372 sing N N 169 
FK5 C37 H373 sing N N 170 
FK5 C38 C39  sing N N 171 
FK5 C38 H381 sing N N 172 
FK5 C38 H382 sing N N 173 
FK5 C39 C40  doub N N 174 
FK5 C39 H39  sing N N 175 
FK5 C40 H401 sing N N 176 
FK5 C40 H402 sing N N 177 
FK5 C41 H411 sing N N 178 
FK5 C41 H412 sing N N 179 
FK5 C41 H413 sing N N 180 
FK5 C42 H421 sing N N 181 
FK5 C42 H422 sing N N 182 
FK5 C42 H423 sing N N 183 
FK5 C43 O7   sing N N 184 
FK5 C43 H431 sing N N 185 
FK5 C43 H432 sing N N 186 
FK5 C43 H433 sing N N 187 
FK5 C44 O8   sing N N 188 
FK5 C44 H441 sing N N 189 
FK5 C44 H442 sing N N 190 
FK5 C44 H443 sing N N 191 
FK5 C45 O11  sing N N 192 
FK5 C45 H451 sing N N 193 
FK5 C45 H452 sing N N 194 
FK5 C45 H453 sing N N 195 
FK5 O6  HO6  sing N N 196 
FK5 O10 HO10 sing N N 197 
FK5 O12 HO12 sing N N 198 
GLN N   CA   sing N N 199 
GLN N   H    sing N N 200 
GLN N   H2   sing N N 201 
GLN CA  C    sing N N 202 
GLN CA  CB   sing N N 203 
GLN CA  HA   sing N N 204 
GLN C   O    doub N N 205 
GLN C   OXT  sing N N 206 
GLN CB  CG   sing N N 207 
GLN CB  HB2  sing N N 208 
GLN CB  HB3  sing N N 209 
GLN CG  CD   sing N N 210 
GLN CG  HG2  sing N N 211 
GLN CG  HG3  sing N N 212 
GLN CD  OE1  doub N N 213 
GLN CD  NE2  sing N N 214 
GLN NE2 HE21 sing N N 215 
GLN NE2 HE22 sing N N 216 
GLN OXT HXT  sing N N 217 
GLU N   CA   sing N N 218 
GLU N   H    sing N N 219 
GLU N   H2   sing N N 220 
GLU CA  C    sing N N 221 
GLU CA  CB   sing N N 222 
GLU CA  HA   sing N N 223 
GLU C   O    doub N N 224 
GLU C   OXT  sing N N 225 
GLU CB  CG   sing N N 226 
GLU CB  HB2  sing N N 227 
GLU CB  HB3  sing N N 228 
GLU CG  CD   sing N N 229 
GLU CG  HG2  sing N N 230 
GLU CG  HG3  sing N N 231 
GLU CD  OE1  doub N N 232 
GLU CD  OE2  sing N N 233 
GLU OE2 HE2  sing N N 234 
GLU OXT HXT  sing N N 235 
GLY N   CA   sing N N 236 
GLY N   H    sing N N 237 
GLY N   H2   sing N N 238 
GLY CA  C    sing N N 239 
GLY CA  HA2  sing N N 240 
GLY CA  HA3  sing N N 241 
GLY C   O    doub N N 242 
GLY C   OXT  sing N N 243 
GLY OXT HXT  sing N N 244 
HIS N   CA   sing N N 245 
HIS N   H    sing N N 246 
HIS N   H2   sing N N 247 
HIS CA  C    sing N N 248 
HIS CA  CB   sing N N 249 
HIS CA  HA   sing N N 250 
HIS C   O    doub N N 251 
HIS C   OXT  sing N N 252 
HIS CB  CG   sing N N 253 
HIS CB  HB2  sing N N 254 
HIS CB  HB3  sing N N 255 
HIS CG  ND1  sing Y N 256 
HIS CG  CD2  doub Y N 257 
HIS ND1 CE1  doub Y N 258 
HIS ND1 HD1  sing N N 259 
HIS CD2 NE2  sing Y N 260 
HIS CD2 HD2  sing N N 261 
HIS CE1 NE2  sing Y N 262 
HIS CE1 HE1  sing N N 263 
HIS NE2 HE2  sing N N 264 
HIS OXT HXT  sing N N 265 
HOH O   H1   sing N N 266 
HOH O   H2   sing N N 267 
ILE N   CA   sing N N 268 
ILE N   H    sing N N 269 
ILE N   H2   sing N N 270 
ILE CA  C    sing N N 271 
ILE CA  CB   sing N N 272 
ILE CA  HA   sing N N 273 
ILE C   O    doub N N 274 
ILE C   OXT  sing N N 275 
ILE CB  CG1  sing N N 276 
ILE CB  CG2  sing N N 277 
ILE CB  HB   sing N N 278 
ILE CG1 CD1  sing N N 279 
ILE CG1 HG12 sing N N 280 
ILE CG1 HG13 sing N N 281 
ILE CG2 HG21 sing N N 282 
ILE CG2 HG22 sing N N 283 
ILE CG2 HG23 sing N N 284 
ILE CD1 HD11 sing N N 285 
ILE CD1 HD12 sing N N 286 
ILE CD1 HD13 sing N N 287 
ILE OXT HXT  sing N N 288 
LEU N   CA   sing N N 289 
LEU N   H    sing N N 290 
LEU N   H2   sing N N 291 
LEU CA  C    sing N N 292 
LEU CA  CB   sing N N 293 
LEU CA  HA   sing N N 294 
LEU C   O    doub N N 295 
LEU C   OXT  sing N N 296 
LEU CB  CG   sing N N 297 
LEU CB  HB2  sing N N 298 
LEU CB  HB3  sing N N 299 
LEU CG  CD1  sing N N 300 
LEU CG  CD2  sing N N 301 
LEU CG  HG   sing N N 302 
LEU CD1 HD11 sing N N 303 
LEU CD1 HD12 sing N N 304 
LEU CD1 HD13 sing N N 305 
LEU CD2 HD21 sing N N 306 
LEU CD2 HD22 sing N N 307 
LEU CD2 HD23 sing N N 308 
LEU OXT HXT  sing N N 309 
LYS N   CA   sing N N 310 
LYS N   H    sing N N 311 
LYS N   H2   sing N N 312 
LYS CA  C    sing N N 313 
LYS CA  CB   sing N N 314 
LYS CA  HA   sing N N 315 
LYS C   O    doub N N 316 
LYS C   OXT  sing N N 317 
LYS CB  CG   sing N N 318 
LYS CB  HB2  sing N N 319 
LYS CB  HB3  sing N N 320 
LYS CG  CD   sing N N 321 
LYS CG  HG2  sing N N 322 
LYS CG  HG3  sing N N 323 
LYS CD  CE   sing N N 324 
LYS CD  HD2  sing N N 325 
LYS CD  HD3  sing N N 326 
LYS CE  NZ   sing N N 327 
LYS CE  HE2  sing N N 328 
LYS CE  HE3  sing N N 329 
LYS NZ  HZ1  sing N N 330 
LYS NZ  HZ2  sing N N 331 
LYS NZ  HZ3  sing N N 332 
LYS OXT HXT  sing N N 333 
MET N   CA   sing N N 334 
MET N   H    sing N N 335 
MET N   H2   sing N N 336 
MET CA  C    sing N N 337 
MET CA  CB   sing N N 338 
MET CA  HA   sing N N 339 
MET C   O    doub N N 340 
MET C   OXT  sing N N 341 
MET CB  CG   sing N N 342 
MET CB  HB2  sing N N 343 
MET CB  HB3  sing N N 344 
MET CG  SD   sing N N 345 
MET CG  HG2  sing N N 346 
MET CG  HG3  sing N N 347 
MET SD  CE   sing N N 348 
MET CE  HE1  sing N N 349 
MET CE  HE2  sing N N 350 
MET CE  HE3  sing N N 351 
MET OXT HXT  sing N N 352 
PHE N   CA   sing N N 353 
PHE N   H    sing N N 354 
PHE N   H2   sing N N 355 
PHE CA  C    sing N N 356 
PHE CA  CB   sing N N 357 
PHE CA  HA   sing N N 358 
PHE C   O    doub N N 359 
PHE C   OXT  sing N N 360 
PHE CB  CG   sing N N 361 
PHE CB  HB2  sing N N 362 
PHE CB  HB3  sing N N 363 
PHE CG  CD1  doub Y N 364 
PHE CG  CD2  sing Y N 365 
PHE CD1 CE1  sing Y N 366 
PHE CD1 HD1  sing N N 367 
PHE CD2 CE2  doub Y N 368 
PHE CD2 HD2  sing N N 369 
PHE CE1 CZ   doub Y N 370 
PHE CE1 HE1  sing N N 371 
PHE CE2 CZ   sing Y N 372 
PHE CE2 HE2  sing N N 373 
PHE CZ  HZ   sing N N 374 
PHE OXT HXT  sing N N 375 
PRO N   CA   sing N N 376 
PRO N   CD   sing N N 377 
PRO N   H    sing N N 378 
PRO CA  C    sing N N 379 
PRO CA  CB   sing N N 380 
PRO CA  HA   sing N N 381 
PRO C   O    doub N N 382 
PRO C   OXT  sing N N 383 
PRO CB  CG   sing N N 384 
PRO CB  HB2  sing N N 385 
PRO CB  HB3  sing N N 386 
PRO CG  CD   sing N N 387 
PRO CG  HG2  sing N N 388 
PRO CG  HG3  sing N N 389 
PRO CD  HD2  sing N N 390 
PRO CD  HD3  sing N N 391 
PRO OXT HXT  sing N N 392 
SER N   CA   sing N N 393 
SER N   H    sing N N 394 
SER N   H2   sing N N 395 
SER CA  C    sing N N 396 
SER CA  CB   sing N N 397 
SER CA  HA   sing N N 398 
SER C   O    doub N N 399 
SER C   OXT  sing N N 400 
SER CB  OG   sing N N 401 
SER CB  HB2  sing N N 402 
SER CB  HB3  sing N N 403 
SER OG  HG   sing N N 404 
SER OXT HXT  sing N N 405 
THR N   CA   sing N N 406 
THR N   H    sing N N 407 
THR N   H2   sing N N 408 
THR CA  C    sing N N 409 
THR CA  CB   sing N N 410 
THR CA  HA   sing N N 411 
THR C   O    doub N N 412 
THR C   OXT  sing N N 413 
THR CB  OG1  sing N N 414 
THR CB  CG2  sing N N 415 
THR CB  HB   sing N N 416 
THR OG1 HG1  sing N N 417 
THR CG2 HG21 sing N N 418 
THR CG2 HG22 sing N N 419 
THR CG2 HG23 sing N N 420 
THR OXT HXT  sing N N 421 
TRP N   CA   sing N N 422 
TRP N   H    sing N N 423 
TRP N   H2   sing N N 424 
TRP CA  C    sing N N 425 
TRP CA  CB   sing N N 426 
TRP CA  HA   sing N N 427 
TRP C   O    doub N N 428 
TRP C   OXT  sing N N 429 
TRP CB  CG   sing N N 430 
TRP CB  HB2  sing N N 431 
TRP CB  HB3  sing N N 432 
TRP CG  CD1  doub Y N 433 
TRP CG  CD2  sing Y N 434 
TRP CD1 NE1  sing Y N 435 
TRP CD1 HD1  sing N N 436 
TRP CD2 CE2  doub Y N 437 
TRP CD2 CE3  sing Y N 438 
TRP NE1 CE2  sing Y N 439 
TRP NE1 HE1  sing N N 440 
TRP CE2 CZ2  sing Y N 441 
TRP CE3 CZ3  doub Y N 442 
TRP CE3 HE3  sing N N 443 
TRP CZ2 CH2  doub Y N 444 
TRP CZ2 HZ2  sing N N 445 
TRP CZ3 CH2  sing Y N 446 
TRP CZ3 HZ3  sing N N 447 
TRP CH2 HH2  sing N N 448 
TRP OXT HXT  sing N N 449 
TYR N   CA   sing N N 450 
TYR N   H    sing N N 451 
TYR N   H2   sing N N 452 
TYR CA  C    sing N N 453 
TYR CA  CB   sing N N 454 
TYR CA  HA   sing N N 455 
TYR C   O    doub N N 456 
TYR C   OXT  sing N N 457 
TYR CB  CG   sing N N 458 
TYR CB  HB2  sing N N 459 
TYR CB  HB3  sing N N 460 
TYR CG  CD1  doub Y N 461 
TYR CG  CD2  sing Y N 462 
TYR CD1 CE1  sing Y N 463 
TYR CD1 HD1  sing N N 464 
TYR CD2 CE2  doub Y N 465 
TYR CD2 HD2  sing N N 466 
TYR CE1 CZ   doub Y N 467 
TYR CE1 HE1  sing N N 468 
TYR CE2 CZ   sing Y N 469 
TYR CE2 HE2  sing N N 470 
TYR CZ  OH   sing N N 471 
TYR OH  HH   sing N N 472 
TYR OXT HXT  sing N N 473 
VAL N   CA   sing N N 474 
VAL N   H    sing N N 475 
VAL N   H2   sing N N 476 
VAL CA  C    sing N N 477 
VAL CA  CB   sing N N 478 
VAL CA  HA   sing N N 479 
VAL C   O    doub N N 480 
VAL C   OXT  sing N N 481 
VAL CB  CG1  sing N N 482 
VAL CB  CG2  sing N N 483 
VAL CB  HB   sing N N 484 
VAL CG1 HG11 sing N N 485 
VAL CG1 HG12 sing N N 486 
VAL CG1 HG13 sing N N 487 
VAL CG2 HG21 sing N N 488 
VAL CG2 HG22 sing N N 489 
VAL CG2 HG23 sing N N 490 
VAL OXT HXT  sing N N 491 
# 
_atom_sites.entry_id                    5HWC 
_atom_sites.fract_transf_matrix[1][1]   0.00698046 
_atom_sites.fract_transf_matrix[1][2]   0.01599245 
_atom_sites.fract_transf_matrix[1][3]   0.02062996 
_atom_sites.fract_transf_matrix[2][1]   0.01888646 
_atom_sites.fract_transf_matrix[2][2]   -0.00343946 
_atom_sites.fract_transf_matrix[2][3]   -0.00372423 
_atom_sites.fract_transf_matrix[3][1]   0.00038798 
_atom_sites.fract_transf_matrix[3][2]   0.01414946 
_atom_sites.fract_transf_matrix[3][3]   -0.01110002 
_atom_sites.fract_transf_vector[1]      0.086782 
_atom_sites.fract_transf_vector[2]      1.085089 
_atom_sites.fract_transf_vector[3]      0.153681 
# 
loop_
_atom_type.symbol 
C 
N 
O 
S 
# 
loop_
_atom_site.group_PDB 
_atom_site.id 
_atom_site.type_symbol 
_atom_site.label_atom_id 
_atom_site.label_alt_id 
_atom_site.label_comp_id 
_atom_site.label_asym_id 
_atom_site.label_entity_id 
_atom_site.label_seq_id 
_atom_site.pdbx_PDB_ins_code 
_atom_site.Cartn_x 
_atom_site.Cartn_y 
_atom_site.Cartn_z 
_atom_site.occupancy 
_atom_site.B_iso_or_equiv 
_atom_site.pdbx_formal_charge 
_atom_site.auth_seq_id 
_atom_site.auth_comp_id 
_atom_site.auth_asym_id 
_atom_site.auth_atom_id 
_atom_site.pdbx_PDB_model_num 
ATOM   1    N N   . HIS A 1 3   ? -2.083  7.906   -11.562 1.00 27.50 ? 0   HIS A N   1 
ATOM   2    C CA  . HIS A 1 3   ? -1.720  6.607   -12.129 1.00 30.82 ? 0   HIS A CA  1 
ATOM   3    C C   . HIS A 1 3   ? -2.919  5.662   -12.152 1.00 24.78 ? 0   HIS A C   1 
ATOM   4    O O   . HIS A 1 3   ? -3.491  5.356   -11.108 1.00 21.23 ? 0   HIS A O   1 
ATOM   5    C CB  . HIS A 1 3   ? -0.554  6.014   -11.347 1.00 20.15 ? 0   HIS A CB  1 
ATOM   6    C CG  . HIS A 1 3   ? 0.674   6.863   -11.392 1.00 34.34 ? 0   HIS A CG  1 
ATOM   7    N ND1 . HIS A 1 3   ? 1.550   6.844   -12.456 1.00 33.87 ? 0   HIS A ND1 1 
ATOM   8    C CD2 . HIS A 1 3   ? 1.160   7.780   -10.520 1.00 35.03 ? 0   HIS A CD2 1 
ATOM   9    C CE1 . HIS A 1 3   ? 2.529   7.704   -12.233 1.00 41.14 ? 0   HIS A CE1 1 
ATOM   10   N NE2 . HIS A 1 3   ? 2.314   8.285   -11.064 1.00 36.03 ? 0   HIS A NE2 1 
ATOM   11   N N   . MET A 1 4   ? -3.290  5.184   -13.338 1.00 26.82 ? 1   MET A N   1 
ATOM   12   C CA  . MET A 1 4   ? -4.655  4.696   -13.538 1.00 25.06 ? 1   MET A CA  1 
ATOM   13   C C   . MET A 1 4   ? -5.148  3.464   -12.770 1.00 25.58 ? 1   MET A C   1 
ATOM   14   O O   . MET A 1 4   ? -6.313  3.413   -12.379 1.00 37.36 ? 1   MET A O   1 
ATOM   15   C CB  . MET A 1 4   ? -4.990  4.579   -15.017 1.00 28.24 ? 1   MET A CB  1 
ATOM   16   C CG  . MET A 1 4   ? -5.852  5.730   -15.485 1.00 37.68 ? 1   MET A CG  1 
ATOM   17   S SD  . MET A 1 4   ? -6.806  5.281   -16.926 1.00 39.31 ? 1   MET A SD  1 
ATOM   18   C CE  . MET A 1 4   ? -5.491  5.092   -18.133 1.00 26.66 ? 1   MET A CE  1 
ATOM   19   N N   . GLY A 1 5   ? -4.289  2.481   -12.553 1.00 23.52 ? 2   GLY A N   1 
ATOM   20   C CA  . GLY A 1 5   ? -4.716  1.282   -11.855 1.00 12.25 ? 2   GLY A CA  1 
ATOM   21   C C   . GLY A 1 5   ? -4.878  1.417   -10.349 1.00 9.95  ? 2   GLY A C   1 
ATOM   22   O O   . GLY A 1 5   ? -5.260  0.453   -9.677  1.00 7.55  ? 2   GLY A O   1 
ATOM   23   N N   . VAL A 1 6   ? -4.587  2.592   -9.801  1.00 8.43  ? 3   VAL A N   1 
ATOM   24   C CA  . VAL A 1 6   ? -4.702  2.792   -8.355  1.00 7.18  ? 3   VAL A CA  1 
ATOM   25   C C   . VAL A 1 6   ? -5.274  4.168   -8.041  1.00 5.32  ? 3   VAL A C   1 
ATOM   26   O O   . VAL A 1 6   ? -4.975  5.145   -8.718  1.00 6.46  ? 3   VAL A O   1 
ATOM   27   C CB  . VAL A 1 6   ? -3.342  2.589   -7.631  1.00 8.05  ? 3   VAL A CB  1 
ATOM   28   C CG1 . VAL A 1 6   ? -2.298  3.574   -8.146  1.00 9.45  ? 3   VAL A CG1 1 
ATOM   29   C CG2 . VAL A 1 6   ? -3.496  2.710   -6.115  1.00 4.98  ? 3   VAL A CG2 1 
ATOM   30   N N   . THR A 1 7   ? -6.137  4.218   -7.037  1.00 3.72  ? 4   THR A N   1 
ATOM   31   C CA  . THR A 1 7   ? -6.703  5.463   -6.547  1.00 5.93  ? 4   THR A CA  1 
ATOM   32   C C   . THR A 1 7   ? -6.322  5.632   -5.078  1.00 6.71  ? 4   THR A C   1 
ATOM   33   O O   . THR A 1 7   ? -6.468  4.700   -4.285  1.00 5.86  ? 4   THR A O   1 
ATOM   34   C CB  . THR A 1 7   ? -8.237  5.442   -6.668  1.00 6.52  ? 4   THR A CB  1 
ATOM   35   O OG1 . THR A 1 7   ? -8.603  5.235   -8.038  1.00 6.10  ? 4   THR A OG1 1 
ATOM   36   C CG2 . THR A 1 7   ? -8.847  6.749   -6.165  1.00 5.37  ? 4   THR A CG2 1 
ATOM   37   N N   . LYS A 1 8   ? -5.818  6.811   -4.721  1.00 5.37  ? 5   LYS A N   1 
ATOM   38   C CA  . LYS A 1 8   ? -5.520  7.113   -3.329  1.00 6.08  ? 5   LYS A CA  1 
ATOM   39   C C   . LYS A 1 8   ? -6.548  8.059   -2.717  1.00 7.91  ? 5   LYS A C   1 
ATOM   40   O O   . LYS A 1 8   ? -6.793  9.141   -3.249  1.00 11.46 ? 5   LYS A O   1 
ATOM   41   C CB  . LYS A 1 8   ? -4.145  7.757   -3.193  1.00 9.43  ? 5   LYS A CB  1 
ATOM   42   C CG  . LYS A 1 8   ? -3.772  8.034   -1.739  1.00 9.24  ? 5   LYS A CG  1 
ATOM   43   C CD  . LYS A 1 8   ? -2.551  8.933   -1.631  1.00 14.93 ? 5   LYS A CD  1 
ATOM   44   C CE  . LYS A 1 8   ? -2.891  10.374  -1.959  1.00 11.45 ? 5   LYS A CE  1 
ATOM   45   N NZ  . LYS A 1 8   ? -2.690  11.245  -0.775  1.00 10.86 ? 5   LYS A NZ  1 
ATOM   46   N N   . GLU A 1 9   ? -7.136  7.652   -1.594  1.00 8.41  ? 6   GLU A N   1 
ATOM   47   C CA  . GLU A 1 9   ? -7.987  8.531   -0.798  1.00 6.01  ? 6   GLU A CA  1 
ATOM   48   C C   . GLU A 1 9   ? -7.270  8.841   0.501   1.00 8.53  ? 6   GLU A C   1 
ATOM   49   O O   . GLU A 1 9   ? -6.998  7.938   1.290   1.00 7.90  ? 6   GLU A O   1 
ATOM   50   C CB  . GLU A 1 9   ? -9.337  7.876   -0.478  1.00 4.96  ? 6   GLU A CB  1 
ATOM   51   C CG  . GLU A 1 9   ? -10.267 8.771   0.344   1.00 11.58 ? 6   GLU A CG  1 
ATOM   52   C CD  . GLU A 1 9   ? -11.609 8.118   0.636   1.00 18.33 ? 6   GLU A CD  1 
ATOM   53   O OE1 . GLU A 1 9   ? -11.740 6.893   0.431   1.00 24.34 ? 6   GLU A OE1 1 
ATOM   54   O OE2 . GLU A 1 9   ? -12.539 8.832   1.065   1.00 23.10 ? 6   GLU A OE2 1 
ATOM   55   N N   . LEU A 1 10  ? -6.956  10.116  0.715   1.00 5.96  ? 7   LEU A N   1 
ATOM   56   C CA  . LEU A 1 10  ? -6.318  10.563  1.942   1.00 6.37  ? 7   LEU A CA  1 
ATOM   57   C C   . LEU A 1 10  ? -7.315  10.456  3.080   1.00 7.91  ? 7   LEU A C   1 
ATOM   58   O O   . LEU A 1 10  ? -8.441  10.912  2.950   1.00 11.51 ? 7   LEU A O   1 
ATOM   59   C CB  . LEU A 1 10  ? -5.857  12.017  1.799   1.00 10.63 ? 7   LEU A CB  1 
ATOM   60   C CG  . LEU A 1 10  ? -5.155  12.587  3.039   1.00 12.78 ? 7   LEU A CG  1 
ATOM   61   C CD1 . LEU A 1 10  ? -3.814  13.219  2.682   1.00 15.41 ? 7   LEU A CD1 1 
ATOM   62   C CD2 . LEU A 1 10  ? -6.042  13.601  3.749   1.00 9.28  ? 7   LEU A CD2 1 
ATOM   63   N N   . LYS A 1 11  ? -6.919  9.846   4.191   1.00 8.90  ? 8   LYS A N   1 
ATOM   64   C CA  . LYS A 1 11  ? -7.798  9.807   5.356   1.00 7.57  ? 8   LYS A CA  1 
ATOM   65   C C   . LYS A 1 11  ? -7.344  10.809  6.407   1.00 13.21 ? 8   LYS A C   1 
ATOM   66   O O   . LYS A 1 11  ? -8.161  11.512  7.001   1.00 10.44 ? 8   LYS A O   1 
ATOM   67   C CB  . LYS A 1 11  ? -7.857  8.407   5.967   1.00 7.90  ? 8   LYS A CB  1 
ATOM   68   C CG  . LYS A 1 11  ? -8.417  7.358   5.037   1.00 7.01  ? 8   LYS A CG  1 
ATOM   69   C CD  . LYS A 1 11  ? -9.741  7.797   4.425   1.00 12.59 ? 8   LYS A CD  1 
ATOM   70   C CE  . LYS A 1 11  ? -10.920 7.216   5.163   1.00 21.61 ? 8   LYS A CE  1 
ATOM   71   N NZ  . LYS A 1 11  ? -12.093 7.099   4.247   1.00 33.34 ? 8   LYS A NZ  1 
ATOM   72   N N   . SER A 1 12  ? -6.037  10.855  6.641   1.00 6.91  ? 9   SER A N   1 
ATOM   73   C CA  . SER A 1 12  ? -5.447  11.840  7.544   1.00 9.76  ? 9   SER A CA  1 
ATOM   74   C C   . SER A 1 12  ? -4.100  12.241  6.970   1.00 10.03 ? 9   SER A C   1 
ATOM   75   O O   . SER A 1 12  ? -3.329  11.386  6.545   1.00 10.58 ? 9   SER A O   1 
ATOM   76   C CB  . SER A 1 12  ? -5.285  11.250  8.947   1.00 13.64 ? 9   SER A CB  1 
ATOM   77   O OG  . SER A 1 12  ? -4.885  12.243  9.865   1.00 25.32 ? 9   SER A OG  1 
ATOM   78   N N   . PRO A 1 13  ? -3.812  13.549  6.937   1.00 17.59 ? 10  PRO A N   1 
ATOM   79   C CA  . PRO A 1 13  ? -2.613  14.043  6.250   1.00 11.85 ? 10  PRO A CA  1 
ATOM   80   C C   . PRO A 1 13  ? -1.330  13.683  6.980   1.00 11.75 ? 10  PRO A C   1 
ATOM   81   O O   . PRO A 1 13  ? -1.326  13.607  8.213   1.00 9.68  ? 10  PRO A O   1 
ATOM   82   C CB  . PRO A 1 13  ? -2.792  15.558  6.306   1.00 14.91 ? 10  PRO A CB  1 
ATOM   83   C CG  . PRO A 1 13  ? -3.570  15.778  7.559   1.00 18.23 ? 10  PRO A CG  1 
ATOM   84   C CD  . PRO A 1 13  ? -4.539  14.633  7.625   1.00 19.84 ? 10  PRO A CD  1 
ATOM   85   N N   . GLY A 1 14  ? -0.259  13.473  6.218   1.00 7.45  ? 11  GLY A N   1 
ATOM   86   C CA  . GLY A 1 14  ? 1.074   13.358  6.787   1.00 11.45 ? 11  GLY A CA  1 
ATOM   87   C C   . GLY A 1 14  ? 1.660   14.746  6.969   1.00 10.83 ? 11  GLY A C   1 
ATOM   88   O O   . GLY A 1 14  ? 0.922   15.705  7.161   1.00 9.94  ? 11  GLY A O   1 
ATOM   89   N N   . ASN A 1 15  ? 2.982   14.871  6.900   1.00 12.27 ? 12  ASN A N   1 
ATOM   90   C CA  . ASN A 1 15  ? 3.591   16.186  7.084   1.00 10.05 ? 12  ASN A CA  1 
ATOM   91   C C   . ASN A 1 15  ? 3.536   17.055  5.828   1.00 12.08 ? 12  ASN A C   1 
ATOM   92   O O   . ASN A 1 15  ? 3.949   18.210  5.853   1.00 12.54 ? 12  ASN A O   1 
ATOM   93   C CB  . ASN A 1 15  ? 5.016   16.097  7.662   1.00 10.60 ? 12  ASN A CB  1 
ATOM   94   C CG  . ASN A 1 15  ? 6.032   15.520  6.683   1.00 8.72  ? 12  ASN A CG  1 
ATOM   95   O OD1 . ASN A 1 15  ? 5.783   15.413  5.483   1.00 8.74  ? 12  ASN A OD1 1 
ATOM   96   N ND2 . ASN A 1 15  ? 7.199   15.153  7.205   1.00 7.06  ? 12  ASN A ND2 1 
ATOM   97   N N   . GLY A 1 16  ? 3.047   16.479  4.729   1.00 9.59  ? 13  GLY A N   1 
ATOM   98   C CA  . GLY A 1 16  ? 2.829   17.220  3.503   1.00 8.38  ? 13  GLY A CA  1 
ATOM   99   C C   . GLY A 1 16  ? 4.091   17.631  2.778   1.00 8.85  ? 13  GLY A C   1 
ATOM   100  O O   . GLY A 1 16  ? 4.015   18.311  1.748   1.00 9.35  ? 13  GLY A O   1 
ATOM   101  N N   . VAL A 1 17  ? 5.243   17.208  3.299   1.00 10.18 ? 14  VAL A N   1 
ATOM   102  C CA  . VAL A 1 17  ? 6.538   17.617  2.757   1.00 8.16  ? 14  VAL A CA  1 
ATOM   103  C C   . VAL A 1 17  ? 7.419   16.459  2.261   1.00 13.66 ? 14  VAL A C   1 
ATOM   104  O O   . VAL A 1 17  ? 8.056   16.570  1.215   1.00 9.91  ? 14  VAL A O   1 
ATOM   105  C CB  . VAL A 1 17  ? 7.342   18.481  3.780   1.00 13.45 ? 14  VAL A CB  1 
ATOM   106  C CG1 . VAL A 1 17  ? 8.756   18.705  3.291   1.00 24.54 ? 14  VAL A CG1 1 
ATOM   107  C CG2 . VAL A 1 17  ? 6.652   19.823  4.034   1.00 10.22 ? 14  VAL A CG2 1 
ATOM   108  N N   . ASP A 1 18  ? 7.464   15.351  3.003   1.00 8.63  ? 15  ASP A N   1 
ATOM   109  C CA  . ASP A 1 18  ? 8.310   14.227  2.619   1.00 7.13  ? 15  ASP A CA  1 
ATOM   110  C C   . ASP A 1 18  ? 7.523   13.093  1.946   1.00 6.68  ? 15  ASP A C   1 
ATOM   111  O O   . ASP A 1 18  ? 6.730   12.406  2.582   1.00 6.85  ? 15  ASP A O   1 
ATOM   112  C CB  . ASP A 1 18  ? 9.077   13.695  3.829   1.00 6.45  ? 15  ASP A CB  1 
ATOM   113  C CG  . ASP A 1 18  ? 9.875   14.776  4.538   1.00 13.88 ? 15  ASP A CG  1 
ATOM   114  O OD1 . ASP A 1 18  ? 10.745  15.413  3.897   1.00 12.88 ? 15  ASP A OD1 1 
ATOM   115  O OD2 . ASP A 1 18  ? 9.619   14.994  5.740   1.00 10.55 ? 15  ASP A OD2 1 
ATOM   116  N N   . PHE A 1 19  ? 7.773   12.914  0.655   1.00 7.87  ? 16  PHE A N   1 
ATOM   117  C CA  . PHE A 1 19  ? 7.113   11.917  -0.183  1.00 8.14  ? 16  PHE A CA  1 
ATOM   118  C C   . PHE A 1 19  ? 8.139   10.897  -0.678  1.00 8.50  ? 16  PHE A C   1 
ATOM   119  O O   . PHE A 1 19  ? 9.251   11.272  -1.051  1.00 7.51  ? 16  PHE A O   1 
ATOM   120  C CB  . PHE A 1 19  ? 6.495   12.593  -1.411  1.00 8.50  ? 16  PHE A CB  1 
ATOM   121  C CG  . PHE A 1 19  ? 5.371   13.530  -1.092  1.00 9.36  ? 16  PHE A CG  1 
ATOM   122  C CD1 . PHE A 1 19  ? 4.055   13.106  -1.179  1.00 10.21 ? 16  PHE A CD1 1 
ATOM   123  C CD2 . PHE A 1 19  ? 5.628   14.839  -0.698  1.00 13.22 ? 16  PHE A CD2 1 
ATOM   124  C CE1 . PHE A 1 19  ? 3.006   13.972  -0.884  1.00 16.87 ? 16  PHE A CE1 1 
ATOM   125  C CE2 . PHE A 1 19  ? 4.590   15.710  -0.403  1.00 10.85 ? 16  PHE A CE2 1 
ATOM   126  C CZ  . PHE A 1 19  ? 3.276   15.280  -0.499  1.00 13.27 ? 16  PHE A CZ  1 
ATOM   127  N N   . PRO A 1 20  ? 7.767   9.603   -0.685  1.00 6.07  ? 17  PRO A N   1 
ATOM   128  C CA  . PRO A 1 20  ? 8.688   8.568   -1.167  1.00 7.07  ? 17  PRO A CA  1 
ATOM   129  C C   . PRO A 1 20  ? 8.990   8.754   -2.659  1.00 6.69  ? 17  PRO A C   1 
ATOM   130  O O   . PRO A 1 20  ? 8.119   9.191   -3.401  1.00 8.14  ? 17  PRO A O   1 
ATOM   131  C CB  . PRO A 1 20  ? 7.911   7.263   -0.934  1.00 8.51  ? 17  PRO A CB  1 
ATOM   132  C CG  . PRO A 1 20  ? 6.877   7.609   0.133   1.00 7.54  ? 17  PRO A CG  1 
ATOM   133  C CD  . PRO A 1 20  ? 6.522   9.040   -0.129  1.00 6.44  ? 17  PRO A CD  1 
ATOM   134  N N   . LYS A 1 21  ? 10.216  8.450   -3.077  1.00 9.66  ? 18  LYS A N   1 
ATOM   135  C CA  . LYS A 1 21  ? 10.586  8.485   -4.490  1.00 9.29  ? 18  LYS A CA  1 
ATOM   136  C C   . LYS A 1 21  ? 11.001  7.081   -4.902  1.00 6.47  ? 18  LYS A C   1 
ATOM   137  O O   . LYS A 1 21  ? 11.292  6.250   -4.041  1.00 7.73  ? 18  LYS A O   1 
ATOM   138  C CB  . LYS A 1 21  ? 11.760  9.439   -4.725  1.00 12.57 ? 18  LYS A CB  1 
ATOM   139  C CG  . LYS A 1 21  ? 11.525  10.871  -4.274  1.00 12.22 ? 18  LYS A CG  1 
ATOM   140  C CD  . LYS A 1 21  ? 10.330  11.486  -4.997  1.00 12.66 ? 18  LYS A CD  1 
ATOM   141  C CE  . LYS A 1 21  ? 10.067  12.911  -4.510  1.00 11.24 ? 18  LYS A CE  1 
ATOM   142  N NZ  . LYS A 1 21  ? 8.731   13.387  -4.965  1.00 23.43 ? 18  LYS A NZ  1 
ATOM   143  N N   . LYS A 1 22  ? 11.008  6.811   -6.208  1.00 4.21  ? 19  LYS A N   1 
ATOM   144  C CA  . LYS A 1 22  ? 11.465  5.518   -6.703  1.00 6.82  ? 19  LYS A CA  1 
ATOM   145  C C   . LYS A 1 22  ? 12.837  5.208   -6.107  1.00 5.39  ? 19  LYS A C   1 
ATOM   146  O O   . LYS A 1 22  ? 13.734  6.057   -6.133  1.00 6.55  ? 19  LYS A O   1 
ATOM   147  C CB  . LYS A 1 22  ? 11.532  5.508   -8.229  1.00 5.29  ? 19  LYS A CB  1 
ATOM   148  C CG  . LYS A 1 22  ? 10.172  5.600   -8.920  1.00 10.21 ? 19  LYS A CG  1 
ATOM   149  C CD  . LYS A 1 22  ? 10.323  5.322   -10.412 1.00 9.75  ? 19  LYS A CD  1 
ATOM   150  C CE  . LYS A 1 22  ? 8.995   5.076   -11.083 1.00 10.31 ? 19  LYS A CE  1 
ATOM   151  N NZ  . LYS A 1 22  ? 9.232   4.851   -12.545 1.00 17.83 ? 19  LYS A NZ  1 
ATOM   152  N N   . GLY A 1 23  ? 12.973  4.013   -5.536  1.00 4.59  ? 20  GLY A N   1 
ATOM   153  C CA  . GLY A 1 23  ? 14.213  3.590   -4.902  1.00 5.40  ? 20  GLY A CA  1 
ATOM   154  C C   . GLY A 1 23  ? 14.273  3.789   -3.390  1.00 6.36  ? 20  GLY A C   1 
ATOM   155  O O   . GLY A 1 23  ? 15.120  3.194   -2.717  1.00 6.92  ? 20  GLY A O   1 
ATOM   156  N N   . ASP A 1 24  ? 13.407  4.635   -2.838  1.00 5.65  ? 21  ASP A N   1 
ATOM   157  C CA  . ASP A 1 24  ? 13.418  4.829   -1.387  1.00 5.41  ? 21  ASP A CA  1 
ATOM   158  C C   . ASP A 1 24  ? 12.977  3.572   -0.671  1.00 5.89  ? 21  ASP A C   1 
ATOM   159  O O   . ASP A 1 24  ? 12.241  2.763   -1.221  1.00 5.94  ? 21  ASP A O   1 
ATOM   160  C CB  . ASP A 1 24  ? 12.506  5.984   -0.961  1.00 8.41  ? 21  ASP A CB  1 
ATOM   161  C CG  . ASP A 1 24  ? 13.048  7.347   -1.383  1.00 12.14 ? 21  ASP A CG  1 
ATOM   162  O OD1 . ASP A 1 24  ? 14.249  7.442   -1.715  1.00 5.67  ? 21  ASP A OD1 1 
ATOM   163  O OD2 . ASP A 1 24  ? 12.261  8.319   -1.382  1.00 10.88 ? 21  ASP A OD2 1 
ATOM   164  N N   . PHE A 1 25  ? 13.407  3.429   0.574   1.00 4.68  ? 22  PHE A N   1 
ATOM   165  C CA  . PHE A 1 25  ? 12.905  2.380   1.433   1.00 5.58  ? 22  PHE A CA  1 
ATOM   166  C C   . PHE A 1 25  ? 11.843  2.933   2.405   1.00 9.20  ? 22  PHE A C   1 
ATOM   167  O O   . PHE A 1 25  ? 12.092  3.888   3.154   1.00 8.65  ? 22  PHE A O   1 
ATOM   168  C CB  . PHE A 1 25  ? 14.074  1.720   2.160   1.00 5.42  ? 22  PHE A CB  1 
ATOM   169  C CG  . PHE A 1 25  ? 15.012  0.986   1.235   1.00 8.25  ? 22  PHE A CG  1 
ATOM   170  C CD1 . PHE A 1 25  ? 14.787  -0.339  0.913   1.00 5.12  ? 22  PHE A CD1 1 
ATOM   171  C CD2 . PHE A 1 25  ? 16.107  1.628   0.670   1.00 7.38  ? 22  PHE A CD2 1 
ATOM   172  C CE1 . PHE A 1 25  ? 15.648  -1.028  0.050   1.00 10.91 ? 22  PHE A CE1 1 
ATOM   173  C CE2 . PHE A 1 25  ? 16.973  0.946   -0.198  1.00 8.99  ? 22  PHE A CE2 1 
ATOM   174  C CZ  . PHE A 1 25  ? 16.740  -0.382  -0.509  1.00 6.87  ? 22  PHE A CZ  1 
ATOM   175  N N   . VAL A 1 26  ? 10.655  2.334   2.385   1.00 4.06  ? 23  VAL A N   1 
ATOM   176  C CA  . VAL A 1 26  ? 9.542   2.843   3.183   1.00 4.87  ? 23  VAL A CA  1 
ATOM   177  C C   . VAL A 1 26  ? 9.135   1.850   4.247   1.00 6.17  ? 23  VAL A C   1 
ATOM   178  O O   . VAL A 1 26  ? 9.364   0.646   4.117   1.00 9.01  ? 23  VAL A O   1 
ATOM   179  C CB  . VAL A 1 26  ? 8.298   3.159   2.319   1.00 6.90  ? 23  VAL A CB  1 
ATOM   180  C CG1 . VAL A 1 26  ? 8.583   4.302   1.353   1.00 3.84  ? 23  VAL A CG1 1 
ATOM   181  C CG2 . VAL A 1 26  ? 7.841   1.909   1.564   1.00 4.93  ? 23  VAL A CG2 1 
ATOM   182  N N   . THR A 1 27  ? 8.533   2.371   5.304   1.00 6.72  ? 24  THR A N   1 
ATOM   183  C CA  . THR A 1 27  ? 8.028   1.556   6.394   1.00 9.08  ? 24  THR A CA  1 
ATOM   184  C C   . THR A 1 27  ? 6.546   1.841   6.498   1.00 8.43  ? 24  THR A C   1 
ATOM   185  O O   . THR A 1 27  ? 6.136   3.003   6.584   1.00 7.41  ? 24  THR A O   1 
ATOM   186  C CB  . THR A 1 27  ? 8.717   1.918   7.714   1.00 7.55  ? 24  THR A CB  1 
ATOM   187  O OG1 . THR A 1 27  ? 10.124  1.703   7.577   1.00 13.35 ? 24  THR A OG1 1 
ATOM   188  C CG2 . THR A 1 27  ? 8.193   1.065   8.844   1.00 7.39  ? 24  THR A CG2 1 
ATOM   189  N N   . ILE A 1 28  ? 5.746   0.783   6.478   1.00 9.04  ? 25  ILE A N   1 
ATOM   190  C CA  . ILE A 1 28  ? 4.300   0.920   6.372   1.00 9.16  ? 25  ILE A CA  1 
ATOM   191  C C   . ILE A 1 28  ? 3.561   -0.044  7.298   1.00 8.15  ? 25  ILE A C   1 
ATOM   192  O O   . ILE A 1 28  ? 3.986   -1.182  7.496   1.00 7.18  ? 25  ILE A O   1 
ATOM   193  C CB  . ILE A 1 28  ? 3.839   0.724   4.898   1.00 6.52  ? 25  ILE A CB  1 
ATOM   194  C CG1 . ILE A 1 28  ? 4.203   1.954   4.064   1.00 6.37  ? 25  ILE A CG1 1 
ATOM   195  C CG2 . ILE A 1 28  ? 2.351   0.453   4.809   1.00 8.03  ? 25  ILE A CG2 1 
ATOM   196  C CD1 . ILE A 1 28  ? 4.036   1.753   2.584   1.00 10.51 ? 25  ILE A CD1 1 
ATOM   197  N N   . HIS A 1 29  ? 2.474   0.449   7.887   1.00 7.47  ? 26  HIS A N   1 
ATOM   198  C CA  . HIS A 1 29  ? 1.467   -0.394  8.505   1.00 6.22  ? 26  HIS A CA  1 
ATOM   199  C C   . HIS A 1 29  ? 0.231   -0.411  7.616   1.00 8.72  ? 26  HIS A C   1 
ATOM   200  O O   . HIS A 1 29  ? -0.214  0.637   7.154   1.00 7.43  ? 26  HIS A O   1 
ATOM   201  C CB  . HIS A 1 29  ? 1.117   0.132   9.891   1.00 7.49  ? 26  HIS A CB  1 
ATOM   202  C CG  . HIS A 1 29  ? 1.723   -0.663  10.995  1.00 9.37  ? 26  HIS A CG  1 
ATOM   203  N ND1 . HIS A 1 29  ? 1.833   -2.040  10.937  1.00 8.34  ? 26  HIS A ND1 1 
ATOM   204  C CD2 . HIS A 1 29  ? 2.256   -0.294  12.183  1.00 9.76  ? 26  HIS A CD2 1 
ATOM   205  C CE1 . HIS A 1 29  ? 2.406   -2.478  12.043  1.00 9.90  ? 26  HIS A CE1 1 
ATOM   206  N NE2 . HIS A 1 29  ? 2.670   -1.441  12.818  1.00 14.65 ? 26  HIS A NE2 1 
ATOM   207  N N   . TYR A 1 30  ? -0.327  -1.597  7.383   1.00 7.83  ? 27  TYR A N   1 
ATOM   208  C CA  . TYR A 1 30  ? -1.399  -1.746  6.405   1.00 4.61  ? 27  TYR A CA  1 
ATOM   209  C C   . TYR A 1 30  ? -2.487  -2.746  6.807   1.00 5.75  ? 27  TYR A C   1 
ATOM   210  O O   . TYR A 1 30  ? -2.257  -3.636  7.622   1.00 6.67  ? 27  TYR A O   1 
ATOM   211  C CB  . TYR A 1 30  ? -0.814  -2.145  5.041   1.00 4.63  ? 27  TYR A CB  1 
ATOM   212  C CG  . TYR A 1 30  ? -0.283  -3.566  4.956   1.00 6.29  ? 27  TYR A CG  1 
ATOM   213  C CD1 . TYR A 1 30  ? -1.096  -4.608  4.533   1.00 8.26  ? 27  TYR A CD1 1 
ATOM   214  C CD2 . TYR A 1 30  ? 1.039   -3.861  5.279   1.00 7.72  ? 27  TYR A CD2 1 
ATOM   215  C CE1 . TYR A 1 30  ? -0.610  -5.919  4.446   1.00 10.49 ? 27  TYR A CE1 1 
ATOM   216  C CE2 . TYR A 1 30  ? 1.528   -5.166  5.196   1.00 7.17  ? 27  TYR A CE2 1 
ATOM   217  C CZ  . TYR A 1 30  ? 0.698   -6.184  4.783   1.00 14.18 ? 27  TYR A CZ  1 
ATOM   218  O OH  . TYR A 1 30  ? 1.178   -7.469  4.698   1.00 13.07 ? 27  TYR A OH  1 
ATOM   219  N N   . THR A 1 31  ? -3.669  -2.592  6.218   1.00 5.23  ? 28  THR A N   1 
ATOM   220  C CA  . THR A 1 31  ? -4.721  -3.610  6.288   1.00 7.64  ? 28  THR A CA  1 
ATOM   221  C C   . THR A 1 31  ? -5.325  -3.742  4.906   1.00 7.78  ? 28  THR A C   1 
ATOM   222  O O   . THR A 1 31  ? -5.724  -2.747  4.303   1.00 6.31  ? 28  THR A O   1 
ATOM   223  C CB  . THR A 1 31  ? -5.843  -3.245  7.274   1.00 6.81  ? 28  THR A CB  1 
ATOM   224  O OG1 . THR A 1 31  ? -5.328  -3.261  8.608   1.00 9.60  ? 28  THR A OG1 1 
ATOM   225  C CG2 . THR A 1 31  ? -7.009  -4.239  7.174   1.00 6.38  ? 28  THR A CG2 1 
ATOM   226  N N   . GLY A 1 32  ? -5.363  -4.964  4.390   1.00 5.12  ? 29  GLY A N   1 
ATOM   227  C CA  . GLY A 1 32  ? -5.922  -5.201  3.070   1.00 7.69  ? 29  GLY A CA  1 
ATOM   228  C C   . GLY A 1 32  ? -7.267  -5.884  3.178   1.00 6.86  ? 29  GLY A C   1 
ATOM   229  O O   . GLY A 1 32  ? -7.432  -6.807  3.962   1.00 7.12  ? 29  GLY A O   1 
ATOM   230  N N   . ARG A 1 33  ? -8.237  -5.397  2.416   1.00 6.14  ? 30  ARG A N   1 
ATOM   231  C CA  . ARG A 1 33  ? -9.559  -6.003  2.351   1.00 8.00  ? 30  ARG A CA  1 
ATOM   232  C C   . ARG A 1 33  ? -9.936  -6.260  0.917   1.00 6.95  ? 30  ARG A C   1 
ATOM   233  O O   . ARG A 1 33  ? -9.481  -5.557  0.006   1.00 7.08  ? 30  ARG A O   1 
ATOM   234  C CB  . ARG A 1 33  ? -10.614 -5.076  2.948   1.00 9.64  ? 30  ARG A CB  1 
ATOM   235  C CG  . ARG A 1 33  ? -10.427 -4.761  4.412   1.00 7.27  ? 30  ARG A CG  1 
ATOM   236  C CD  . ARG A 1 33  ? -11.494 -3.792  4.858   1.00 13.01 ? 30  ARG A CD  1 
ATOM   237  N NE  . ARG A 1 33  ? -11.567 -3.713  6.307   1.00 13.49 ? 30  ARG A NE  1 
ATOM   238  C CZ  . ARG A 1 33  ? -10.836 -2.888  7.038   1.00 10.82 ? 30  ARG A CZ  1 
ATOM   239  N NH1 . ARG A 1 33  ? -9.966  -2.082  6.452   1.00 11.34 ? 30  ARG A NH1 1 
ATOM   240  N NH2 . ARG A 1 33  ? -10.973 -2.873  8.353   1.00 22.14 ? 30  ARG A NH2 1 
ATOM   241  N N   . LEU A 1 34  ? -10.778 -7.267  0.727   1.00 6.38  ? 31  LEU A N   1 
ATOM   242  C CA  . LEU A 1 34  ? -11.397 -7.524  -0.560  1.00 8.82  ? 31  LEU A CA  1 
ATOM   243  C C   . LEU A 1 34  ? -12.651 -6.648  -0.659  1.00 9.21  ? 31  LEU A C   1 
ATOM   244  O O   . LEU A 1 34  ? -13.065 -6.041  0.327   1.00 7.40  ? 31  LEU A O   1 
ATOM   245  C CB  . LEU A 1 34  ? -11.747 -9.009  -0.690  1.00 8.21  ? 31  LEU A CB  1 
ATOM   246  C CG  . LEU A 1 34  ? -10.609 -10.032 -0.527  1.00 11.02 ? 31  LEU A CG  1 
ATOM   247  C CD1 . LEU A 1 34  ? -11.156 -11.469 -0.630  1.00 8.30  ? 31  LEU A CD1 1 
ATOM   248  C CD2 . LEU A 1 34  ? -9.526  -9.806  -1.577  1.00 5.24  ? 31  LEU A CD2 1 
ATOM   249  N N   . THR A 1 35  ? -13.260 -6.575  -1.835  1.00 6.57  ? 32  THR A N   1 
ATOM   250  C CA  . THR A 1 35  ? -14.413 -5.685  -1.999  1.00 10.02 ? 32  THR A CA  1 
ATOM   251  C C   . THR A 1 35  ? -15.689 -6.205  -1.344  1.00 16.70 ? 32  THR A C   1 
ATOM   252  O O   . THR A 1 35  ? -16.683 -5.486  -1.287  1.00 19.96 ? 32  THR A O   1 
ATOM   253  C CB  . THR A 1 35  ? -14.717 -5.390  -3.459  1.00 10.65 ? 32  THR A CB  1 
ATOM   254  O OG1 . THR A 1 35  ? -15.064 -6.607  -4.117  1.00 8.33  ? 32  THR A OG1 1 
ATOM   255  C CG2 . THR A 1 35  ? -13.505 -4.770  -4.138  1.00 10.62 ? 32  THR A CG2 1 
ATOM   256  N N   . ASP A 1 36  ? -15.664 -7.437  -0.845  1.00 12.17 ? 33  ASP A N   1 
ATOM   257  C CA  . ASP A 1 36  ? -16.764 -7.903  -0.009  1.00 13.25 ? 33  ASP A CA  1 
ATOM   258  C C   . ASP A 1 36  ? -16.618 -7.407  1.436   1.00 17.84 ? 33  ASP A C   1 
ATOM   259  O O   . ASP A 1 36  ? -17.448 -7.699  2.290   1.00 12.51 ? 33  ASP A O   1 
ATOM   260  C CB  . ASP A 1 36  ? -16.943 -9.433  -0.082  1.00 15.12 ? 33  ASP A CB  1 
ATOM   261  C CG  . ASP A 1 36  ? -15.809 -10.215 0.594   1.00 21.70 ? 33  ASP A CG  1 
ATOM   262  O OD1 . ASP A 1 36  ? -14.870 -9.613  1.160   1.00 15.75 ? 33  ASP A OD1 1 
ATOM   263  O OD2 . ASP A 1 36  ? -15.865 -11.464 0.559   1.00 24.18 ? 33  ASP A OD2 1 
ATOM   264  N N   . GLY A 1 37  ? -15.546 -6.667  1.700   1.00 11.57 ? 34  GLY A N   1 
ATOM   265  C CA  . GLY A 1 37  ? -15.319 -6.097  3.008   1.00 15.34 ? 34  GLY A CA  1 
ATOM   266  C C   . GLY A 1 37  ? -14.444 -6.919  3.942   1.00 17.35 ? 34  GLY A C   1 
ATOM   267  O O   . GLY A 1 37  ? -14.118 -6.471  5.045   1.00 15.46 ? 34  GLY A O   1 
ATOM   268  N N   . SER A 1 38  ? -14.051 -8.114  3.520   1.00 11.80 ? 35  SER A N   1 
ATOM   269  C CA  . SER A 1 38  ? -13.299 -8.992  4.415   1.00 14.16 ? 35  SER A CA  1 
ATOM   270  C C   . SER A 1 38  ? -11.792 -8.754  4.361   1.00 11.35 ? 35  SER A C   1 
ATOM   271  O O   . SER A 1 38  ? -11.226 -8.582  3.281   1.00 8.75  ? 35  SER A O   1 
ATOM   272  C CB  . SER A 1 38  ? -13.610 -10.458 4.105   1.00 15.39 ? 35  SER A CB  1 
ATOM   273  O OG  . SER A 1 38  ? -13.236 -10.776 2.780   1.00 20.44 ? 35  SER A OG  1 
ATOM   274  N N   . LYS A 1 39  ? -11.141 -8.762  5.524   1.00 7.16  ? 36  LYS A N   1 
ATOM   275  C CA  . LYS A 1 39  ? -9.698  -8.571  5.571   1.00 8.71  ? 36  LYS A CA  1 
ATOM   276  C C   . LYS A 1 39  ? -9.030  -9.812  5.056   1.00 10.08 ? 36  LYS A C   1 
ATOM   277  O O   . LYS A 1 39  ? -9.455  -10.912 5.380   1.00 9.99  ? 36  LYS A O   1 
ATOM   278  C CB  . LYS A 1 39  ? -9.218  -8.320  6.996   1.00 6.31  ? 36  LYS A CB  1 
ATOM   279  C CG  . LYS A 1 39  ? -9.641  -6.982  7.555   1.00 9.02  ? 36  LYS A CG  1 
ATOM   280  C CD  . LYS A 1 39  ? -9.459  -6.964  9.054   1.00 9.03  ? 36  LYS A CD  1 
ATOM   281  C CE  . LYS A 1 39  ? -10.090 -5.728  9.654   1.00 19.86 ? 36  LYS A CE  1 
ATOM   282  N NZ  . LYS A 1 39  ? -10.109 -5.829  11.137  1.00 26.73 ? 36  LYS A NZ  1 
ATOM   283  N N   . PHE A 1 40  ? -7.987  -9.639  4.252   1.00 7.34  ? 37  PHE A N   1 
ATOM   284  C CA  . PHE A 1 40  ? -7.163  -10.775 3.860   1.00 7.03  ? 37  PHE A CA  1 
ATOM   285  C C   . PHE A 1 40  ? -5.780  -10.752 4.530   1.00 7.75  ? 37  PHE A C   1 
ATOM   286  O O   . PHE A 1 40  ? -5.134  -11.791 4.679   1.00 5.29  ? 37  PHE A O   1 
ATOM   287  C CB  . PHE A 1 40  ? -7.060  -10.891 2.331   1.00 7.86  ? 37  PHE A CB  1 
ATOM   288  C CG  . PHE A 1 40  ? -6.434  -9.695  1.665   1.00 6.63  ? 37  PHE A CG  1 
ATOM   289  C CD1 . PHE A 1 40  ? -5.055  -9.554  1.611   1.00 5.10  ? 37  PHE A CD1 1 
ATOM   290  C CD2 . PHE A 1 40  ? -7.229  -8.731  1.058   1.00 7.40  ? 37  PHE A CD2 1 
ATOM   291  C CE1 . PHE A 1 40  ? -4.480  -8.457  0.986   1.00 7.86  ? 37  PHE A CE1 1 
ATOM   292  C CE2 . PHE A 1 40  ? -6.664  -7.633  0.422   1.00 7.81  ? 37  PHE A CE2 1 
ATOM   293  C CZ  . PHE A 1 40  ? -5.281  -7.496  0.392   1.00 8.85  ? 37  PHE A CZ  1 
ATOM   294  N N   . ASP A 1 41  ? -5.323  -9.572  4.937   1.00 9.52  ? 38  ASP A N   1 
ATOM   295  C CA  . ASP A 1 41  ? -4.045  -9.474  5.648   1.00 9.99  ? 38  ASP A CA  1 
ATOM   296  C C   . ASP A 1 41  ? -3.954  -8.158  6.418   1.00 10.39 ? 38  ASP A C   1 
ATOM   297  O O   . ASP A 1 41  ? -4.601  -7.175  6.049   1.00 8.16  ? 38  ASP A O   1 
ATOM   298  C CB  . ASP A 1 41  ? -2.867  -9.616  4.670   1.00 9.16  ? 38  ASP A CB  1 
ATOM   299  C CG  . ASP A 1 41  ? -1.512  -9.694  5.377   1.00 19.13 ? 38  ASP A CG  1 
ATOM   300  O OD1 . ASP A 1 41  ? -1.465  -10.152 6.538   1.00 15.67 ? 38  ASP A OD1 1 
ATOM   301  O OD2 . ASP A 1 41  ? -0.491  -9.291  4.773   1.00 16.61 ? 38  ASP A OD2 1 
ATOM   302  N N   . SER A 1 42  ? -3.172  -8.147  7.495   1.00 7.62  ? 39  SER A N   1 
ATOM   303  C CA  . SER A 1 42  ? -2.913  -6.912  8.235   1.00 8.43  ? 39  SER A CA  1 
ATOM   304  C C   . SER A 1 42  ? -1.587  -6.959  9.007   1.00 12.88 ? 39  SER A C   1 
ATOM   305  O O   . SER A 1 42  ? -1.373  -7.833  9.845   1.00 15.45 ? 39  SER A O   1 
ATOM   306  C CB  . SER A 1 42  ? -4.068  -6.595  9.186   1.00 9.96  ? 39  SER A CB  1 
ATOM   307  O OG  . SER A 1 42  ? -3.792  -5.427  9.942   1.00 13.47 ? 39  SER A OG  1 
ATOM   308  N N   . SER A 1 43  ? -0.694  -6.019  8.714   1.00 9.31  ? 40  SER A N   1 
ATOM   309  C CA  . SER A 1 43  ? 0.537   -5.873  9.486   1.00 11.60 ? 40  SER A CA  1 
ATOM   310  C C   . SER A 1 43  ? 0.219   -5.349  10.891  1.00 9.90  ? 40  SER A C   1 
ATOM   311  O O   . SER A 1 43  ? 0.944   -5.616  11.850  1.00 11.69 ? 40  SER A O   1 
ATOM   312  C CB  . SER A 1 43  ? 1.484   -4.911  8.780   1.00 6.86  ? 40  SER A CB  1 
ATOM   313  O OG  . SER A 1 43  ? 0.942   -3.606  8.771   1.00 9.38  ? 40  SER A OG  1 
ATOM   314  N N   . VAL A 1 44  ? -0.870  -4.596  11.005  1.00 11.86 ? 41  VAL A N   1 
ATOM   315  C CA  . VAL A 1 44  ? -1.286  -4.056  12.296  1.00 14.84 ? 41  VAL A CA  1 
ATOM   316  C C   . VAL A 1 44  ? -1.662  -5.180  13.269  1.00 13.14 ? 41  VAL A C   1 
ATOM   317  O O   . VAL A 1 44  ? -1.137  -5.259  14.376  1.00 11.32 ? 41  VAL A O   1 
ATOM   318  C CB  . VAL A 1 44  ? -2.462  -3.071  12.146  1.00 13.26 ? 41  VAL A CB  1 
ATOM   319  C CG1 . VAL A 1 44  ? -2.907  -2.551  13.518  1.00 17.34 ? 41  VAL A CG1 1 
ATOM   320  C CG2 . VAL A 1 44  ? -2.070  -1.930  11.234  1.00 8.92  ? 41  VAL A CG2 1 
ATOM   321  N N   . ASP A 1 45  ? -2.562  -6.060  12.847  1.00 18.63 ? 42  ASP A N   1 
ATOM   322  C CA  . ASP A 1 45  ? -2.978  -7.184  13.685  1.00 18.30 ? 42  ASP A CA  1 
ATOM   323  C C   . ASP A 1 45  ? -1.789  -8.081  14.016  1.00 18.58 ? 42  ASP A C   1 
ATOM   324  O O   . ASP A 1 45  ? -1.724  -8.681  15.087  1.00 11.37 ? 42  ASP A O   1 
ATOM   325  C CB  . ASP A 1 45  ? -4.095  -7.980  12.997  1.00 20.91 ? 42  ASP A CB  1 
ATOM   326  C CG  . ASP A 1 45  ? -5.361  -7.159  12.808  1.00 19.71 ? 42  ASP A CG  1 
ATOM   327  O OD1 . ASP A 1 45  ? -5.563  -6.189  13.577  1.00 23.92 ? 42  ASP A OD1 1 
ATOM   328  O OD2 . ASP A 1 45  ? -6.154  -7.472  11.888  1.00 26.73 ? 42  ASP A OD2 1 
ATOM   329  N N   . ARG A 1 46  ? -0.839  -8.137  13.092  1.00 14.88 ? 43  ARG A N   1 
ATOM   330  C CA  . ARG A 1 46  ? 0.392   -8.887  13.284  1.00 18.10 ? 43  ARG A CA  1 
ATOM   331  C C   . ARG A 1 46  ? 1.359   -8.114  14.185  1.00 18.93 ? 43  ARG A C   1 
ATOM   332  O O   . ARG A 1 46  ? 2.372   -8.647  14.640  1.00 20.85 ? 43  ARG A O   1 
ATOM   333  C CB  . ARG A 1 46  ? 1.026   -9.151  11.919  1.00 17.90 ? 43  ARG A CB  1 
ATOM   334  C CG  . ARG A 1 46  ? 2.046   -10.252 11.897  1.00 24.65 ? 43  ARG A CG  1 
ATOM   335  C CD  . ARG A 1 46  ? 2.184   -10.824 10.508  1.00 26.56 ? 43  ARG A CD  1 
ATOM   336  N NE  . ARG A 1 46  ? 2.262   -9.790  9.481   1.00 18.39 ? 43  ARG A NE  1 
ATOM   337  C CZ  . ARG A 1 46  ? 1.381   -9.668  8.496   1.00 19.37 ? 43  ARG A CZ  1 
ATOM   338  N NH1 . ARG A 1 46  ? 0.361   -10.511 8.426   1.00 18.42 ? 43  ARG A NH1 1 
ATOM   339  N NH2 . ARG A 1 46  ? 1.523   -8.716  7.585   1.00 13.56 ? 43  ARG A NH2 1 
ATOM   340  N N   . ASN A 1 47  ? 1.035   -6.850  14.431  1.00 17.41 ? 44  ASN A N   1 
ATOM   341  C CA  . ASN A 1 47  ? 1.879   -5.955  15.228  1.00 23.43 ? 44  ASN A CA  1 
ATOM   342  C C   . ASN A 1 47  ? 3.340   -5.899  14.765  1.00 23.44 ? 44  ASN A C   1 
ATOM   343  O O   . ASN A 1 47  ? 4.247   -5.757  15.575  1.00 23.03 ? 44  ASN A O   1 
ATOM   344  C CB  . ASN A 1 47  ? 1.787   -6.306  16.720  1.00 23.40 ? 44  ASN A CB  1 
ATOM   345  C CG  . ASN A 1 47  ? 2.138   -5.136  17.620  1.00 27.73 ? 44  ASN A CG  1 
ATOM   346  O OD1 . ASN A 1 47  ? 2.477   -4.047  17.144  1.00 27.15 ? 44  ASN A OD1 1 
ATOM   347  N ND2 . ASN A 1 47  ? 2.054   -5.351  18.932  1.00 23.24 ? 44  ASN A ND2 1 
ATOM   348  N N   . GLU A 1 48  ? 3.556   -6.022  13.456  1.00 18.57 ? 45  GLU A N   1 
ATOM   349  C CA  . GLU A 1 48  ? 4.891   -5.876  12.880  1.00 17.08 ? 45  GLU A CA  1 
ATOM   350  C C   . GLU A 1 48  ? 4.852   -4.963  11.659  1.00 17.58 ? 45  GLU A C   1 
ATOM   351  O O   . GLU A 1 48  ? 4.096   -5.202  10.719  1.00 15.03 ? 45  GLU A O   1 
ATOM   352  C CB  . GLU A 1 48  ? 5.573   -7.223  12.600  1.00 17.90 ? 45  GLU A CB  1 
ATOM   353  C CG  . GLU A 1 48  ? 4.870   -8.127  11.597  1.00 31.14 ? 45  GLU A CG  1 
ATOM   354  C CD  . GLU A 1 48  ? 5.832   -9.171  11.024  1.00 29.65 ? 45  GLU A CD  1 
ATOM   355  O OE1 . GLU A 1 48  ? 6.552   -8.851  10.046  1.00 27.57 ? 45  GLU A OE1 1 
ATOM   356  O OE2 . GLU A 1 48  ? 5.895   -10.287 11.586  1.00 33.77 ? 45  GLU A OE2 1 
ATOM   357  N N   . PRO A 1 49  ? 5.679   -3.901  11.684  1.00 15.40 ? 46  PRO A N   1 
ATOM   358  C CA  . PRO A 1 49  ? 5.749   -2.933  10.589  1.00 14.23 ? 46  PRO A CA  1 
ATOM   359  C C   . PRO A 1 49  ? 6.273   -3.619  9.342   1.00 10.32 ? 46  PRO A C   1 
ATOM   360  O O   . PRO A 1 49  ? 7.132   -4.493  9.448   1.00 10.54 ? 46  PRO A O   1 
ATOM   361  C CB  . PRO A 1 49  ? 6.793   -1.919  11.084  1.00 12.33 ? 46  PRO A CB  1 
ATOM   362  C CG  . PRO A 1 49  ? 6.928   -2.144  12.534  1.00 17.28 ? 46  PRO A CG  1 
ATOM   363  C CD  . PRO A 1 49  ? 6.666   -3.598  12.734  1.00 17.96 ? 46  PRO A CD  1 
ATOM   364  N N   . PHE A 1 50  ? 5.769   -3.220  8.179   1.00 11.89 ? 47  PHE A N   1 
ATOM   365  C CA  . PHE A 1 50  ? 6.222   -3.790  6.918   1.00 8.87  ? 47  PHE A CA  1 
ATOM   366  C C   . PHE A 1 50  ? 7.249   -2.871  6.269   1.00 10.75 ? 47  PHE A C   1 
ATOM   367  O O   . PHE A 1 50  ? 7.082   -1.649  6.234   1.00 9.28  ? 47  PHE A O   1 
ATOM   368  C CB  . PHE A 1 50  ? 5.048   -4.024  5.972   1.00 8.41  ? 47  PHE A CB  1 
ATOM   369  C CG  . PHE A 1 50  ? 5.464   -4.465  4.596   1.00 9.75  ? 47  PHE A CG  1 
ATOM   370  C CD1 . PHE A 1 50  ? 6.083   -5.690  4.403   1.00 10.59 ? 47  PHE A CD1 1 
ATOM   371  C CD2 . PHE A 1 50  ? 5.238   -3.654  3.494   1.00 11.05 ? 47  PHE A CD2 1 
ATOM   372  C CE1 . PHE A 1 50  ? 6.469   -6.099  3.135   1.00 15.17 ? 47  PHE A CE1 1 
ATOM   373  C CE2 . PHE A 1 50  ? 5.620   -4.058  2.219   1.00 8.72  ? 47  PHE A CE2 1 
ATOM   374  C CZ  . PHE A 1 50  ? 6.239   -5.276  2.042   1.00 8.41  ? 47  PHE A CZ  1 
ATOM   375  N N   . GLN A 1 51  ? 8.316   -3.461  5.752   1.00 10.47 ? 48  GLN A N   1 
ATOM   376  C CA  . GLN A 1 51  ? 9.422   -2.674  5.217   1.00 12.83 ? 48  GLN A CA  1 
ATOM   377  C C   . GLN A 1 51  ? 9.764   -3.129  3.806   1.00 6.94  ? 48  GLN A C   1 
ATOM   378  O O   . GLN A 1 51  ? 9.859   -4.320  3.565   1.00 8.15  ? 48  GLN A O   1 
ATOM   379  C CB  . GLN A 1 51  ? 10.645  -2.825  6.119   1.00 18.33 ? 48  GLN A CB  1 
ATOM   380  C CG  . GLN A 1 51  ? 11.878  -2.133  5.597   1.00 19.30 ? 48  GLN A CG  1 
ATOM   381  C CD  . GLN A 1 51  ? 11.841  -0.655  5.883   1.00 21.28 ? 48  GLN A CD  1 
ATOM   382  O OE1 . GLN A 1 51  ? 11.021  -0.199  6.675   1.00 24.88 ? 48  GLN A OE1 1 
ATOM   383  N NE2 . GLN A 1 51  ? 12.723  0.110   5.237   1.00 21.29 ? 48  GLN A NE2 1 
ATOM   384  N N   . THR A 1 52  ? 9.958   -2.190  2.886   1.00 7.09  ? 49  THR A N   1 
ATOM   385  C CA  . THR A 1 52  ? 10.255  -2.537  1.495   1.00 5.22  ? 49  THR A CA  1 
ATOM   386  C C   . THR A 1 52  ? 10.792  -1.366  0.693   1.00 6.39  ? 49  THR A C   1 
ATOM   387  O O   . THR A 1 52  ? 10.529  -0.200  1.002   1.00 6.00  ? 49  THR A O   1 
ATOM   388  C CB  . THR A 1 52  ? 8.995   -3.037  0.753   1.00 6.35  ? 49  THR A CB  1 
ATOM   389  O OG1 . THR A 1 52  ? 9.348   -3.490  -0.562  1.00 5.96  ? 49  THR A OG1 1 
ATOM   390  C CG2 . THR A 1 52  ? 7.953   -1.926  0.658   1.00 3.85  ? 49  THR A CG2 1 
ATOM   391  N N   . GLN A 1 53  ? 11.539  -1.681  -0.356  1.00 3.76  ? 50  GLN A N   1 
ATOM   392  C CA  . GLN A 1 53  ? 11.902  -0.651  -1.306  1.00 7.57  ? 50  GLN A CA  1 
ATOM   393  C C   . GLN A 1 53  ? 10.650  -0.335  -2.104  1.00 6.37  ? 50  GLN A C   1 
ATOM   394  O O   . GLN A 1 53  ? 9.820   -1.217  -2.333  1.00 6.47  ? 50  GLN A O   1 
ATOM   395  C CB  . GLN A 1 53  ? 13.026  -1.099  -2.233  1.00 4.80  ? 50  GLN A CB  1 
ATOM   396  C CG  . GLN A 1 53  ? 13.643  0.083   -2.966  1.00 7.93  ? 50  GLN A CG  1 
ATOM   397  C CD  . GLN A 1 53  ? 14.813  -0.296  -3.820  1.00 7.84  ? 50  GLN A CD  1 
ATOM   398  O OE1 . GLN A 1 53  ? 14.882  -1.411  -4.350  1.00 7.50  ? 50  GLN A OE1 1 
ATOM   399  N NE2 . GLN A 1 53  ? 15.755  0.629   -3.960  1.00 7.28  ? 50  GLN A NE2 1 
ATOM   400  N N   . ILE A 1 54  ? 10.495  0.918   -2.510  1.00 3.55  ? 51  ILE A N   1 
ATOM   401  C CA  . ILE A 1 54  ? 9.326   1.300   -3.292  1.00 7.12  ? 51  ILE A CA  1 
ATOM   402  C C   . ILE A 1 54  ? 9.730   1.686   -4.713  1.00 5.45  ? 51  ILE A C   1 
ATOM   403  O O   . ILE A 1 54  ? 10.847  2.162   -4.940  1.00 4.95  ? 51  ILE A O   1 
ATOM   404  C CB  . ILE A 1 54  ? 8.544   2.458   -2.614  1.00 6.30  ? 51  ILE A CB  1 
ATOM   405  C CG1 . ILE A 1 54  ? 7.096   2.489   -3.101  1.00 5.05  ? 51  ILE A CG1 1 
ATOM   406  C CG2 . ILE A 1 54  ? 9.253   3.795   -2.819  1.00 10.53 ? 51  ILE A CG2 1 
ATOM   407  C CD1 . ILE A 1 54  ? 6.258   1.310   -2.597  1.00 6.57  ? 51  ILE A CD1 1 
ATOM   408  N N   . GLY A 1 55  ? 8.836   1.452   -5.673  1.00 6.76  ? 52  GLY A N   1 
ATOM   409  C CA  . GLY A 1 55  ? 9.082   1.847   -7.045  1.00 3.77  ? 52  GLY A CA  1 
ATOM   410  C C   . GLY A 1 55  ? 10.117  1.019   -7.787  1.00 8.72  ? 52  GLY A C   1 
ATOM   411  O O   . GLY A 1 55  ? 10.665  1.450   -8.808  1.00 9.98  ? 52  GLY A O   1 
ATOM   412  N N   . THR A 1 56  ? 10.403  -0.183  -7.303  1.00 6.22  ? 53  THR A N   1 
ATOM   413  C CA  . THR A 1 56  ? 11.348  -1.027  -8.027  1.00 7.00  ? 53  THR A CA  1 
ATOM   414  C C   . THR A 1 56  ? 10.786  -2.425  -8.271  1.00 8.56  ? 53  THR A C   1 
ATOM   415  O O   . THR A 1 56  ? 11.541  -3.377  -8.443  1.00 6.88  ? 53  THR A O   1 
ATOM   416  C CB  . THR A 1 56  ? 12.709  -1.116  -7.298  1.00 8.53  ? 53  THR A CB  1 
ATOM   417  O OG1 . THR A 1 56  ? 12.529  -1.756  -6.032  1.00 6.61  ? 53  THR A OG1 1 
ATOM   418  C CG2 . THR A 1 56  ? 13.305  0.278   -7.083  1.00 5.43  ? 53  THR A CG2 1 
ATOM   419  N N   . GLY A 1 57  ? 9.458   -2.537  -8.265  1.00 7.31  ? 54  GLY A N   1 
ATOM   420  C CA  . GLY A 1 57  ? 8.789   -3.799  -8.509  1.00 5.44  ? 54  GLY A CA  1 
ATOM   421  C C   . GLY A 1 57  ? 8.864   -4.840  -7.403  1.00 10.44 ? 54  GLY A C   1 
ATOM   422  O O   . GLY A 1 57  ? 8.564   -6.002  -7.650  1.00 7.68  ? 54  GLY A O   1 
ATOM   423  N N   . ARG A 1 58  ? 9.256   -4.439  -6.193  1.00 6.56  ? 55  ARG A N   1 
ATOM   424  C CA  . ARG A 1 58  ? 9.315   -5.361  -5.055  1.00 9.96  ? 55  ARG A CA  1 
ATOM   425  C C   . ARG A 1 58  ? 7.913   -5.759  -4.587  1.00 9.95  ? 55  ARG A C   1 
ATOM   426  O O   . ARG A 1 58  ? 7.719   -6.821  -3.992  1.00 6.87  ? 55  ARG A O   1 
ATOM   427  C CB  . ARG A 1 58  ? 10.050  -4.718  -3.865  1.00 8.50  ? 55  ARG A CB  1 
ATOM   428  C CG  . ARG A 1 58  ? 11.573  -4.858  -3.826  1.00 19.88 ? 55  ARG A CG  1 
ATOM   429  C CD  . ARG A 1 58  ? 12.089  -5.968  -4.714  1.00 16.97 ? 55  ARG A CD  1 
ATOM   430  N NE  . ARG A 1 58  ? 12.397  -5.465  -6.047  1.00 20.26 ? 55  ARG A NE  1 
ATOM   431  C CZ  . ARG A 1 58  ? 12.391  -6.215  -7.143  1.00 22.44 ? 55  ARG A CZ  1 
ATOM   432  N NH1 . ARG A 1 58  ? 12.084  -7.503  -7.062  1.00 21.61 ? 55  ARG A NH1 1 
ATOM   433  N NH2 . ARG A 1 58  ? 12.690  -5.680  -8.316  1.00 20.95 ? 55  ARG A NH2 1 
ATOM   434  N N   . VAL A 1 59  ? 6.953   -4.873  -4.820  1.00 7.63  ? 56  VAL A N   1 
ATOM   435  C CA  . VAL A 1 59  ? 5.582   -5.068  -4.367  1.00 4.14  ? 56  VAL A CA  1 
ATOM   436  C C   . VAL A 1 59  ? 4.637   -4.859  -5.550  1.00 6.28  ? 56  VAL A C   1 
ATOM   437  O O   . VAL A 1 59  ? 5.084   -4.496  -6.625  1.00 2.53  ? 56  VAL A O   1 
ATOM   438  C CB  . VAL A 1 59  ? 5.238   -4.092  -3.237  1.00 6.03  ? 56  VAL A CB  1 
ATOM   439  C CG1 . VAL A 1 59  ? 6.122   -4.353  -1.987  1.00 5.86  ? 56  VAL A CG1 1 
ATOM   440  C CG2 . VAL A 1 59  ? 5.390   -2.656  -3.703  1.00 4.54  ? 56  VAL A CG2 1 
ATOM   441  N N   . ILE A 1 60  ? 3.337   -5.089  -5.363  1.00 5.39  ? 57  ILE A N   1 
ATOM   442  C CA  . ILE A 1 60  ? 2.387   -4.939  -6.463  1.00 7.79  ? 57  ILE A CA  1 
ATOM   443  C C   . ILE A 1 60  ? 2.405   -3.514  -7.026  1.00 6.90  ? 57  ILE A C   1 
ATOM   444  O O   . ILE A 1 60  ? 2.732   -2.569  -6.316  1.00 3.79  ? 57  ILE A O   1 
ATOM   445  C CB  . ILE A 1 60  ? 0.952   -5.324  -6.041  1.00 9.06  ? 57  ILE A CB  1 
ATOM   446  C CG1 . ILE A 1 60  ? 0.557   -4.582  -4.769  1.00 5.13  ? 57  ILE A CG1 1 
ATOM   447  C CG2 . ILE A 1 60  ? 0.840   -6.836  -5.817  1.00 6.89  ? 57  ILE A CG2 1 
ATOM   448  C CD1 . ILE A 1 60  ? -0.909  -4.739  -4.410  1.00 7.51  ? 57  ILE A CD1 1 
ATOM   449  N N   . LYS A 1 61  ? 2.063   -3.376  -8.306  1.00 7.58  ? 58  LYS A N   1 
ATOM   450  C CA  . LYS A 1 61  ? 2.134   -2.086  -9.003  1.00 7.83  ? 58  LYS A CA  1 
ATOM   451  C C   . LYS A 1 61  ? 1.341   -1.021  -8.270  1.00 6.57  ? 58  LYS A C   1 
ATOM   452  O O   . LYS A 1 61  ? 1.732   0.140   -8.240  1.00 7.32  ? 58  LYS A O   1 
ATOM   453  C CB  . LYS A 1 61  ? 1.572   -2.197  -10.428 1.00 9.37  ? 58  LYS A CB  1 
ATOM   454  C CG  . LYS A 1 61  ? 2.560   -2.575  -11.500 1.00 24.68 ? 58  LYS A CG  1 
ATOM   455  C CD  . LYS A 1 61  ? 2.048   -2.128  -12.877 1.00 19.79 ? 58  LYS A CD  1 
ATOM   456  C CE  . LYS A 1 61  ? 2.997   -1.103  -13.493 1.00 26.39 ? 58  LYS A CE  1 
ATOM   457  N NZ  . LYS A 1 61  ? 2.278   0.017   -14.164 1.00 32.25 ? 58  LYS A NZ  1 
ATOM   458  N N   . GLY A 1 62  ? 0.214   -1.426  -7.696  1.00 6.28  ? 59  GLY A N   1 
ATOM   459  C CA  . GLY A 1 62  ? -0.677  -0.502  -7.022  1.00 7.33  ? 59  GLY A CA  1 
ATOM   460  C C   . GLY A 1 62  ? -0.032  0.185   -5.828  1.00 6.10  ? 59  GLY A C   1 
ATOM   461  O O   . GLY A 1 62  ? -0.318  1.348   -5.562  1.00 5.89  ? 59  GLY A O   1 
ATOM   462  N N   . TRP A 1 63  ? 0.830   -0.541  -5.112  1.00 4.49  ? 60  TRP A N   1 
ATOM   463  C CA  . TRP A 1 63  ? 1.658   0.047   -4.053  1.00 6.40  ? 60  TRP A CA  1 
ATOM   464  C C   . TRP A 1 63  ? 2.767   0.936   -4.639  1.00 4.83  ? 60  TRP A C   1 
ATOM   465  O O   . TRP A 1 63  ? 2.911   2.093   -4.255  1.00 3.67  ? 60  TRP A O   1 
ATOM   466  C CB  . TRP A 1 63  ? 2.266   -1.056  -3.165  1.00 4.43  ? 60  TRP A CB  1 
ATOM   467  C CG  . TRP A 1 63  ? 1.383   -1.488  -2.013  1.00 4.72  ? 60  TRP A CG  1 
ATOM   468  C CD1 . TRP A 1 63  ? 0.094   -1.918  -2.084  1.00 4.60  ? 60  TRP A CD1 1 
ATOM   469  C CD2 . TRP A 1 63  ? 1.741   -1.528  -0.622  1.00 4.71  ? 60  TRP A CD2 1 
ATOM   470  N NE1 . TRP A 1 63  ? -0.382  -2.213  -0.831  1.00 4.96  ? 60  TRP A NE1 1 
ATOM   471  C CE2 . TRP A 1 63  ? 0.610   -1.983  0.088   1.00 6.84  ? 60  TRP A CE2 1 
ATOM   472  C CE3 . TRP A 1 63  ? 2.899   -1.202  0.093   1.00 7.92  ? 60  TRP A CE3 1 
ATOM   473  C CZ2 . TRP A 1 63  ? 0.606   -2.134  1.481   1.00 6.34  ? 60  TRP A CZ2 1 
ATOM   474  C CZ3 . TRP A 1 63  ? 2.898   -1.358  1.484   1.00 6.61  ? 60  TRP A CZ3 1 
ATOM   475  C CH2 . TRP A 1 63  ? 1.759   -1.819  2.156   1.00 5.99  ? 60  TRP A CH2 1 
ATOM   476  N N   . ASP A 1 64  ? 3.539   0.397   -5.576  1.00 2.92  ? 61  ASP A N   1 
ATOM   477  C CA  . ASP A 1 64  ? 4.589   1.172   -6.236  1.00 4.36  ? 61  ASP A CA  1 
ATOM   478  C C   . ASP A 1 64  ? 4.105   2.525   -6.791  1.00 8.22  ? 61  ASP A C   1 
ATOM   479  O O   . ASP A 1 64  ? 4.838   3.512   -6.748  1.00 9.01  ? 61  ASP A O   1 
ATOM   480  C CB  . ASP A 1 64  ? 5.252   0.365   -7.358  1.00 7.03  ? 61  ASP A CB  1 
ATOM   481  C CG  . ASP A 1 64  ? 6.436   -0.467  -6.866  1.00 7.73  ? 61  ASP A CG  1 
ATOM   482  O OD1 . ASP A 1 64  ? 6.815   -0.346  -5.678  1.00 6.20  ? 61  ASP A OD1 1 
ATOM   483  O OD2 . ASP A 1 64  ? 7.014   -1.218  -7.683  1.00 7.92  ? 61  ASP A OD2 1 
ATOM   484  N N   . GLU A 1 65  ? 2.879   2.572   -7.299  1.00 6.22  ? 62  GLU A N   1 
ATOM   485  C CA  . GLU A 1 65  ? 2.329   3.800   -7.872  1.00 7.56  ? 62  GLU A CA  1 
ATOM   486  C C   . GLU A 1 65  ? 1.503   4.608   -6.874  1.00 4.84  ? 62  GLU A C   1 
ATOM   487  O O   . GLU A 1 65  ? 1.296   5.801   -7.062  1.00 4.01  ? 62  GLU A O   1 
ATOM   488  C CB  . GLU A 1 65  ? 1.459   3.483   -9.100  1.00 10.95 ? 62  GLU A CB  1 
ATOM   489  C CG  . GLU A 1 65  ? 2.201   2.839   -10.259 1.00 18.94 ? 62  GLU A CG  1 
ATOM   490  C CD  . GLU A 1 65  ? 3.344   3.694   -10.747 1.00 25.63 ? 62  GLU A CD  1 
ATOM   491  O OE1 . GLU A 1 65  ? 3.095   4.828   -11.215 1.00 29.73 ? 62  GLU A OE1 1 
ATOM   492  O OE2 . GLU A 1 65  ? 4.501   3.238   -10.647 1.00 39.82 ? 62  GLU A OE2 1 
ATOM   493  N N   . GLY A 1 66  ? 1.010   3.957   -5.828  1.00 4.39  ? 63  GLY A N   1 
ATOM   494  C CA  . GLY A 1 66  ? 0.159   4.630   -4.852  1.00 6.27  ? 63  GLY A CA  1 
ATOM   495  C C   . GLY A 1 66  ? 0.895   5.261   -3.684  1.00 7.40  ? 63  GLY A C   1 
ATOM   496  O O   . GLY A 1 66  ? 0.590   6.376   -3.256  1.00 7.96  ? 63  GLY A O   1 
ATOM   497  N N   . VAL A 1 67  ? 1.872   4.535   -3.158  1.00 5.35  ? 64  VAL A N   1 
ATOM   498  C CA  . VAL A 1 67  ? 2.637   4.994   -2.003  1.00 4.22  ? 64  VAL A CA  1 
ATOM   499  C C   . VAL A 1 67  ? 3.432   6.304   -2.182  1.00 6.30  ? 64  VAL A C   1 
ATOM   500  O O   . VAL A 1 67  ? 3.397   7.150   -1.282  1.00 5.19  ? 64  VAL A O   1 
ATOM   501  C CB  . VAL A 1 67  ? 3.491   3.838   -1.413  1.00 4.50  ? 64  VAL A CB  1 
ATOM   502  C CG1 . VAL A 1 67  ? 4.617   4.358   -0.507  1.00 5.45  ? 64  VAL A CG1 1 
ATOM   503  C CG2 . VAL A 1 67  ? 2.576   2.873   -0.671  1.00 4.05  ? 64  VAL A CG2 1 
ATOM   504  N N   . PRO A 1 68  ? 4.137   6.487   -3.328  1.00 7.79  ? 65  PRO A N   1 
ATOM   505  C CA  . PRO A 1 68  ? 4.820   7.769   -3.572  1.00 6.10  ? 65  PRO A CA  1 
ATOM   506  C C   . PRO A 1 68  ? 3.900   8.990   -3.569  1.00 9.89  ? 65  PRO A C   1 
ATOM   507  O O   . PRO A 1 68  ? 4.392   10.112  -3.524  1.00 9.08  ? 65  PRO A O   1 
ATOM   508  C CB  . PRO A 1 68  ? 5.422   7.593   -4.966  1.00 6.06  ? 65  PRO A CB  1 
ATOM   509  C CG  . PRO A 1 68  ? 5.585   6.117   -5.125  1.00 7.34  ? 65  PRO A CG  1 
ATOM   510  C CD  . PRO A 1 68  ? 4.427   5.505   -4.396  1.00 5.68  ? 65  PRO A CD  1 
ATOM   511  N N   . GLN A 1 69  ? 2.588   8.779   -3.599  1.00 7.91  ? 66  GLN A N   1 
ATOM   512  C CA  . GLN A 1 69  ? 1.641   9.890   -3.564  1.00 7.46  ? 66  GLN A CA  1 
ATOM   513  C C   . GLN A 1 69  ? 1.330   10.376  -2.137  1.00 10.54 ? 66  GLN A C   1 
ATOM   514  O O   . GLN A 1 69  ? 0.751   11.446  -1.954  1.00 7.15  ? 66  GLN A O   1 
ATOM   515  C CB  . GLN A 1 69  ? 0.348   9.502   -4.285  1.00 7.65  ? 66  GLN A CB  1 
ATOM   516  C CG  . GLN A 1 69  ? 0.549   8.986   -5.704  1.00 9.62  ? 66  GLN A CG  1 
ATOM   517  C CD  . GLN A 1 69  ? -0.766  8.871   -6.453  1.00 12.06 ? 66  GLN A CD  1 
ATOM   518  O OE1 . GLN A 1 69  ? -1.613  9.750   -6.364  1.00 19.18 ? 66  GLN A OE1 1 
ATOM   519  N NE2 . GLN A 1 69  ? -0.938  7.788   -7.190  1.00 11.22 ? 66  GLN A NE2 1 
ATOM   520  N N   . MET A 1 70  ? 1.733   9.592   -1.138  1.00 8.48  ? 67  MET A N   1 
ATOM   521  C CA  . MET A 1 70  ? 1.485   9.914   0.268   1.00 8.07  ? 67  MET A CA  1 
ATOM   522  C C   . MET A 1 70  ? 2.674   10.636  0.900   1.00 8.99  ? 67  MET A C   1 
ATOM   523  O O   . MET A 1 70  ? 3.814   10.394  0.528   1.00 5.63  ? 67  MET A O   1 
ATOM   524  C CB  . MET A 1 70  ? 1.232   8.631   1.067   1.00 8.00  ? 67  MET A CB  1 
ATOM   525  C CG  . MET A 1 70  ? 0.156   7.720   0.517   1.00 6.75  ? 67  MET A CG  1 
ATOM   526  S SD  . MET A 1 70  ? 0.206   6.131   1.349   1.00 8.14  ? 67  MET A SD  1 
ATOM   527  C CE  . MET A 1 70  ? -0.050  6.643   3.044   1.00 8.05  ? 67  MET A CE  1 
ATOM   528  N N   . SER A 1 71  ? 2.421   11.499  1.878   1.00 5.68  ? 68  SER A N   1 
ATOM   529  C CA  . SER A 1 71  ? 3.532   12.101  2.619   1.00 9.74  ? 68  SER A CA  1 
ATOM   530  C C   . SER A 1 71  ? 3.769   11.376  3.946   1.00 7.05  ? 68  SER A C   1 
ATOM   531  O O   . SER A 1 71  ? 2.908   10.642  4.431   1.00 5.85  ? 68  SER A O   1 
ATOM   532  C CB  . SER A 1 71  ? 3.315   13.604  2.841   1.00 8.11  ? 68  SER A CB  1 
ATOM   533  O OG  . SER A 1 71  ? 2.320   13.839  3.817   1.00 6.57  ? 68  SER A OG  1 
ATOM   534  N N   . LEU A 1 72  ? 4.952   11.573  4.510   1.00 6.15  ? 69  LEU A N   1 
ATOM   535  C CA  . LEU A 1 72  ? 5.345   10.918  5.750   1.00 7.20  ? 69  LEU A CA  1 
ATOM   536  C C   . LEU A 1 72  ? 4.315   11.118  6.860   1.00 5.68  ? 69  LEU A C   1 
ATOM   537  O O   . LEU A 1 72  ? 4.032   12.240  7.252   1.00 5.31  ? 69  LEU A O   1 
ATOM   538  C CB  . LEU A 1 72  ? 6.709   11.448  6.206   1.00 5.50  ? 69  LEU A CB  1 
ATOM   539  C CG  . LEU A 1 72  ? 7.293   10.781  7.451   1.00 8.08  ? 69  LEU A CG  1 
ATOM   540  C CD1 . LEU A 1 72  ? 7.476   9.283   7.208   1.00 6.97  ? 69  LEU A CD1 1 
ATOM   541  C CD2 . LEU A 1 72  ? 8.608   11.437  7.887   1.00 8.31  ? 69  LEU A CD2 1 
ATOM   542  N N   . GLY A 1 73  ? 3.755   10.025  7.359   1.00 5.96  ? 70  GLY A N   1 
ATOM   543  C CA  . GLY A 1 73  ? 2.783   10.091  8.432   1.00 9.28  ? 70  GLY A CA  1 
ATOM   544  C C   . GLY A 1 73  ? 1.348   9.984   7.955   1.00 9.31  ? 70  GLY A C   1 
ATOM   545  O O   . GLY A 1 73  ? 0.431   9.837   8.763   1.00 7.87  ? 70  GLY A O   1 
ATOM   546  N N   . GLU A 1 74  ? 1.159   10.053  6.643   1.00 5.12  ? 71  GLU A N   1 
ATOM   547  C CA  . GLU A 1 74  ? -0.181  10.052  6.058   1.00 6.81  ? 71  GLU A CA  1 
ATOM   548  C C   . GLU A 1 74  ? -0.917  8.730   6.267   1.00 7.05  ? 71  GLU A C   1 
ATOM   549  O O   . GLU A 1 74  ? -0.320  7.655   6.184   1.00 5.42  ? 71  GLU A O   1 
ATOM   550  C CB  . GLU A 1 74  ? -0.131  10.391  4.558   1.00 6.34  ? 71  GLU A CB  1 
ATOM   551  C CG  . GLU A 1 74  ? -1.503  10.368  3.885   1.00 9.99  ? 71  GLU A CG  1 
ATOM   552  C CD  . GLU A 1 74  ? -1.486  10.832  2.428   1.00 10.49 ? 71  GLU A CD  1 
ATOM   553  O OE1 . GLU A 1 74  ? -0.640  11.683  2.065   1.00 10.16 ? 71  GLU A OE1 1 
ATOM   554  O OE2 . GLU A 1 74  ? -2.342  10.351  1.647   1.00 11.68 ? 71  GLU A OE2 1 
ATOM   555  N N   . LYS A 1 75  ? -2.216  8.815   6.544   1.00 4.10  ? 72  LYS A N   1 
ATOM   556  C CA  . LYS A 1 75  ? -3.078  7.637   6.468   1.00 6.37  ? 72  LYS A CA  1 
ATOM   557  C C   . LYS A 1 75  ? -3.968  7.738   5.237   1.00 6.92  ? 72  LYS A C   1 
ATOM   558  O O   . LYS A 1 75  ? -4.665  8.738   5.047   1.00 4.68  ? 72  LYS A O   1 
ATOM   559  C CB  . LYS A 1 75  ? -3.929  7.500   7.732   1.00 8.31  ? 72  LYS A CB  1 
ATOM   560  C CG  . LYS A 1 75  ? -3.104  7.312   9.001   1.00 10.16 ? 72  LYS A CG  1 
ATOM   561  C CD  . LYS A 1 75  ? -4.009  7.267   10.237  1.00 16.83 ? 72  LYS A CD  1 
ATOM   562  C CE  . LYS A 1 75  ? -3.281  6.689   11.447  1.00 23.00 ? 72  LYS A CE  1 
ATOM   563  N NZ  . LYS A 1 75  ? -4.213  6.257   12.533  1.00 26.59 ? 72  LYS A NZ  1 
ATOM   564  N N   . ALA A 1 76  ? -3.931  6.706   4.395   1.00 4.80  ? 73  ALA A N   1 
ATOM   565  C CA  . ALA A 1 76  ? -4.693  6.702   3.155   1.00 7.41  ? 73  ALA A CA  1 
ATOM   566  C C   . ALA A 1 76  ? -5.338  5.350   2.873   1.00 5.84  ? 73  ALA A C   1 
ATOM   567  O O   . ALA A 1 76  ? -5.068  4.350   3.553   1.00 5.38  ? 73  ALA A O   1 
ATOM   568  C CB  . ALA A 1 76  ? -3.800  7.129   1.966   1.00 5.47  ? 73  ALA A CB  1 
ATOM   569  N N   . VAL A 1 77  ? -6.200  5.333   1.868   1.00 4.62  ? 74  VAL A N   1 
ATOM   570  C CA  . VAL A 1 77  ? -6.729  4.086   1.332   1.00 6.26  ? 74  VAL A CA  1 
ATOM   571  C C   . VAL A 1 77  ? -6.281  3.987   -0.103  1.00 7.22  ? 74  VAL A C   1 
ATOM   572  O O   . VAL A 1 77  ? -6.505  4.909   -0.887  1.00 6.66  ? 74  VAL A O   1 
ATOM   573  C CB  . VAL A 1 77  ? -8.270  4.031   1.362   1.00 6.82  ? 74  VAL A CB  1 
ATOM   574  C CG1 . VAL A 1 77  ? -8.760  2.811   0.617   1.00 8.23  ? 74  VAL A CG1 1 
ATOM   575  C CG2 . VAL A 1 77  ? -8.789  4.049   2.798   1.00 7.78  ? 74  VAL A CG2 1 
ATOM   576  N N   . LEU A 1 78  ? -5.635  2.881   -0.453  1.00 4.35  ? 75  LEU A N   1 
ATOM   577  C CA  . LEU A 1 78  ? -5.301  2.636   -1.847  1.00 5.70  ? 75  LEU A CA  1 
ATOM   578  C C   . LEU A 1 78  ? -6.258  1.598   -2.394  1.00 4.29  ? 75  LEU A C   1 
ATOM   579  O O   . LEU A 1 78  ? -6.342  0.485   -1.872  1.00 5.12  ? 75  LEU A O   1 
ATOM   580  C CB  . LEU A 1 78  ? -3.860  2.138   -1.996  1.00 4.37  ? 75  LEU A CB  1 
ATOM   581  C CG  . LEU A 1 78  ? -2.729  3.047   -1.532  1.00 5.19  ? 75  LEU A CG  1 
ATOM   582  C CD1 . LEU A 1 78  ? -1.385  2.354   -1.743  1.00 8.61  ? 75  LEU A CD1 1 
ATOM   583  C CD2 . LEU A 1 78  ? -2.763  4.363   -2.270  1.00 4.81  ? 75  LEU A CD2 1 
ATOM   584  N N   . THR A 1 79  ? -6.987  1.959   -3.438  1.00 5.81  ? 76  THR A N   1 
ATOM   585  C CA  . THR A 1 79  ? -7.900  1.014   -4.087  1.00 4.71  ? 76  THR A CA  1 
ATOM   586  C C   . THR A 1 79  ? -7.258  0.605   -5.388  1.00 4.48  ? 76  THR A C   1 
ATOM   587  O O   . THR A 1 79  ? -6.978  1.451   -6.243  1.00 5.54  ? 76  THR A O   1 
ATOM   588  C CB  . THR A 1 79  ? -9.283  1.625   -4.359  1.00 6.99  ? 76  THR A CB  1 
ATOM   589  O OG1 . THR A 1 79  ? -9.854  2.093   -3.129  1.00 6.22  ? 76  THR A OG1 1 
ATOM   590  C CG2 . THR A 1 79  ? -10.219 0.571   -4.973  1.00 7.25  ? 76  THR A CG2 1 
ATOM   591  N N   . ILE A 1 80  ? -7.018  -0.693  -5.526  1.00 3.00  ? 77  ILE A N   1 
ATOM   592  C CA  . ILE A 1 80  ? -6.181  -1.228  -6.582  1.00 4.47  ? 77  ILE A CA  1 
ATOM   593  C C   . ILE A 1 80  ? -6.931  -2.186  -7.502  1.00 4.44  ? 77  ILE A C   1 
ATOM   594  O O   . ILE A 1 80  ? -7.467  -3.187  -7.052  1.00 4.48  ? 77  ILE A O   1 
ATOM   595  C CB  . ILE A 1 80  ? -4.988  -1.978  -5.955  1.00 8.49  ? 77  ILE A CB  1 
ATOM   596  C CG1 . ILE A 1 80  ? -4.211  -1.046  -5.027  1.00 7.28  ? 77  ILE A CG1 1 
ATOM   597  C CG2 . ILE A 1 80  ? -4.086  -2.572  -7.023  1.00 7.05  ? 77  ILE A CG2 1 
ATOM   598  C CD1 . ILE A 1 80  ? -3.098  -1.744  -4.301  1.00 5.42  ? 77  ILE A CD1 1 
ATOM   599  N N   . THR A 1 81  ? -6.961  -1.871  -8.796  1.00 6.12  ? 78  THR A N   1 
ATOM   600  C CA  . THR A 1 81  ? -7.525  -2.764  -9.803  1.00 6.00  ? 78  THR A CA  1 
ATOM   601  C C   . THR A 1 81  ? -6.742  -4.076  -9.854  1.00 6.63  ? 78  THR A C   1 
ATOM   602  O O   . THR A 1 81  ? -5.543  -4.090  -9.562  1.00 6.04  ? 78  THR A O   1 
ATOM   603  C CB  . THR A 1 81  ? -7.429  -2.138  -11.209 1.00 4.20  ? 78  THR A CB  1 
ATOM   604  O OG1 . THR A 1 81  ? -6.046  -2.004  -11.562 1.00 10.16 ? 78  THR A OG1 1 
ATOM   605  C CG2 . THR A 1 81  ? -8.113  -0.786  -11.258 1.00 8.56  ? 78  THR A CG2 1 
ATOM   606  N N   . PRO A 1 82  ? -7.406  -5.174  -10.265 1.00 7.29  ? 79  PRO A N   1 
ATOM   607  C CA  . PRO A 1 82  ? -6.734  -6.477  -10.372 1.00 5.70  ? 79  PRO A CA  1 
ATOM   608  C C   . PRO A 1 82  ? -5.425  -6.408  -11.148 1.00 5.89  ? 79  PRO A C   1 
ATOM   609  O O   . PRO A 1 82  ? -4.441  -7.029  -10.762 1.00 7.28  ? 79  PRO A O   1 
ATOM   610  C CB  . PRO A 1 82  ? -7.749  -7.328  -11.135 1.00 8.09  ? 79  PRO A CB  1 
ATOM   611  C CG  . PRO A 1 82  ? -9.073  -6.746  -10.771 1.00 8.98  ? 79  PRO A CG  1 
ATOM   612  C CD  . PRO A 1 82  ? -8.838  -5.264  -10.609 1.00 9.09  ? 79  PRO A CD  1 
ATOM   613  N N   . ASP A 1 83  ? -5.426  -5.648  -12.234 1.00 7.66  ? 80  ASP A N   1 
ATOM   614  C CA  . ASP A 1 83  ? -4.262  -5.513  -13.109 1.00 11.73 ? 80  ASP A CA  1 
ATOM   615  C C   . ASP A 1 83  ? -3.074  -4.883  -12.374 1.00 10.10 ? 80  ASP A C   1 
ATOM   616  O O   . ASP A 1 83  ? -1.918  -5.106  -12.739 1.00 13.94 ? 80  ASP A O   1 
ATOM   617  C CB  . ASP A 1 83  ? -4.651  -4.661  -14.321 1.00 11.69 ? 80  ASP A CB  1 
ATOM   618  C CG  . ASP A 1 83  ? -3.524  -4.487  -15.309 1.00 38.12 ? 80  ASP A CG  1 
ATOM   619  O OD1 . ASP A 1 83  ? -2.834  -5.489  -15.613 1.00 34.94 ? 80  ASP A OD1 1 
ATOM   620  O OD2 . ASP A 1 83  ? -3.341  -3.343  -15.791 1.00 47.15 ? 80  ASP A OD2 1 
ATOM   621  N N   . TYR A 1 84  ? -3.367  -4.100  -11.340 1.00 5.66  ? 81  TYR A N   1 
ATOM   622  C CA  . TYR A 1 84  ? -2.339  -3.453  -10.531 1.00 7.32  ? 81  TYR A CA  1 
ATOM   623  C C   . TYR A 1 84  ? -2.092  -4.228  -9.234  1.00 9.34  ? 81  TYR A C   1 
ATOM   624  O O   . TYR A 1 84  ? -1.312  -3.804  -8.366  1.00 6.56  ? 81  TYR A O   1 
ATOM   625  C CB  . TYR A 1 84  ? -2.735  -2.002  -10.232 1.00 8.04  ? 81  TYR A CB  1 
ATOM   626  C CG  . TYR A 1 84  ? -2.142  -1.027  -11.207 1.00 11.74 ? 81  TYR A CG  1 
ATOM   627  C CD1 . TYR A 1 84  ? -1.471  0.105   -10.769 1.00 13.07 ? 81  TYR A CD1 1 
ATOM   628  C CD2 . TYR A 1 84  ? -2.219  -1.260  -12.573 1.00 13.81 ? 81  TYR A CD2 1 
ATOM   629  C CE1 . TYR A 1 84  ? -0.903  0.990   -11.669 1.00 17.34 ? 81  TYR A CE1 1 
ATOM   630  C CE2 . TYR A 1 84  ? -1.655  -0.383  -13.478 1.00 20.09 ? 81  TYR A CE2 1 
ATOM   631  C CZ  . TYR A 1 84  ? -1.001  0.740   -13.024 1.00 20.06 ? 81  TYR A CZ  1 
ATOM   632  O OH  . TYR A 1 84  ? -0.444  1.617   -13.931 1.00 25.18 ? 81  TYR A OH  1 
ATOM   633  N N   . GLY A 1 85  ? -2.762  -5.368  -9.118  1.00 6.15  ? 82  GLY A N   1 
ATOM   634  C CA  . GLY A 1 85  ? -2.617  -6.228  -7.962  1.00 5.13  ? 82  GLY A CA  1 
ATOM   635  C C   . GLY A 1 85  ? -2.074  -7.574  -8.399  1.00 6.20  ? 82  GLY A C   1 
ATOM   636  O O   . GLY A 1 85  ? -0.993  -7.646  -8.987  1.00 4.32  ? 82  GLY A O   1 
ATOM   637  N N   . TYR A 1 86  ? -2.838  -8.633  -8.140  1.00 5.47  ? 83  TYR A N   1 
ATOM   638  C CA  . TYR A 1 86  ? -2.403  -9.996  -8.468  1.00 5.67  ? 83  TYR A CA  1 
ATOM   639  C C   . TYR A 1 86  ? -3.077  -10.601 -9.706  1.00 6.82  ? 83  TYR A C   1 
ATOM   640  O O   . TYR A 1 86  ? -2.915  -11.789 -10.001 1.00 6.42  ? 83  TYR A O   1 
ATOM   641  C CB  . TYR A 1 86  ? -2.595  -10.900 -7.258  1.00 5.57  ? 83  TYR A CB  1 
ATOM   642  C CG  . TYR A 1 86  ? -1.734  -10.474 -6.104  1.00 7.86  ? 83  TYR A CG  1 
ATOM   643  C CD1 . TYR A 1 86  ? -0.382  -10.802 -6.066  1.00 10.11 ? 83  TYR A CD1 1 
ATOM   644  C CD2 . TYR A 1 86  ? -2.260  -9.719  -5.060  1.00 5.92  ? 83  TYR A CD2 1 
ATOM   645  C CE1 . TYR A 1 86  ? 0.430   -10.390 -5.013  1.00 8.77  ? 83  TYR A CE1 1 
ATOM   646  C CE2 . TYR A 1 86  ? -1.462  -9.305  -4.010  1.00 8.29  ? 83  TYR A CE2 1 
ATOM   647  C CZ  . TYR A 1 86  ? -0.116  -9.646  -3.989  1.00 14.07 ? 83  TYR A CZ  1 
ATOM   648  O OH  . TYR A 1 86  ? 0.681   -9.235  -2.943  1.00 11.03 ? 83  TYR A OH  1 
ATOM   649  N N   . GLY A 1 87  ? -3.844  -9.784  -10.420 1.00 5.31  ? 84  GLY A N   1 
ATOM   650  C CA  . GLY A 1 87  ? -4.374  -10.185 -11.712 1.00 9.02  ? 84  GLY A CA  1 
ATOM   651  C C   . GLY A 1 87  ? -5.204  -11.456 -11.717 1.00 9.33  ? 84  GLY A C   1 
ATOM   652  O O   . GLY A 1 87  ? -5.891  -11.780 -10.738 1.00 6.46  ? 84  GLY A O   1 
ATOM   653  N N   . ALA A 1 88  ? -5.122  -12.196 -12.820 1.00 7.17  ? 85  ALA A N   1 
ATOM   654  C CA  . ALA A 1 88  ? -6.015  -13.330 -13.032 1.00 13.63 ? 85  ALA A CA  1 
ATOM   655  C C   . ALA A 1 88  ? -5.728  -14.469 -12.063 1.00 10.06 ? 85  ALA A C   1 
ATOM   656  O O   . ALA A 1 88  ? -6.631  -15.192 -11.657 1.00 12.19 ? 85  ALA A O   1 
ATOM   657  C CB  . ALA A 1 88  ? -5.919  -13.822 -14.469 1.00 10.44 ? 85  ALA A CB  1 
ATOM   658  N N   . ARG A 1 89  ? -4.467  -14.627 -11.691 1.00 8.68  ? 86  ARG A N   1 
ATOM   659  C CA  . ARG A 1 89  ? -4.078  -15.751 -10.852 1.00 13.86 ? 86  ARG A CA  1 
ATOM   660  C C   . ARG A 1 89  ? -4.486  -15.547 -9.395  1.00 12.14 ? 86  ARG A C   1 
ATOM   661  O O   . ARG A 1 89  ? -4.836  -16.498 -8.706  1.00 8.19  ? 86  ARG A O   1 
ATOM   662  C CB  . ARG A 1 89  ? -2.571  -15.995 -10.929 1.00 14.71 ? 86  ARG A CB  1 
ATOM   663  C CG  . ARG A 1 89  ? -2.133  -17.255 -10.211 1.00 14.99 ? 86  ARG A CG  1 
ATOM   664  C CD  . ARG A 1 89  ? -0.633  -17.360 -10.086 1.00 14.12 ? 86  ARG A CD  1 
ATOM   665  N NE  . ARG A 1 89  ? -0.250  -18.694 -9.625  1.00 17.92 ? 86  ARG A NE  1 
ATOM   666  C CZ  . ARG A 1 89  ? 0.679   -18.935 -8.706  1.00 18.87 ? 86  ARG A CZ  1 
ATOM   667  N NH1 . ARG A 1 89  ? 1.340   -17.931 -8.134  1.00 22.57 ? 86  ARG A NH1 1 
ATOM   668  N NH2 . ARG A 1 89  ? 0.947   -20.183 -8.358  1.00 14.64 ? 86  ARG A NH2 1 
ATOM   669  N N   . GLY A 1 90  ? -4.448  -14.301 -8.941  1.00 8.29  ? 87  GLY A N   1 
ATOM   670  C CA  . GLY A 1 90  ? -4.592  -14.015 -7.532  1.00 8.05  ? 87  GLY A CA  1 
ATOM   671  C C   . GLY A 1 90  ? -3.327  -14.391 -6.793  1.00 8.63  ? 87  GLY A C   1 
ATOM   672  O O   . GLY A 1 90  ? -2.257  -14.491 -7.393  1.00 9.49  ? 87  GLY A O   1 
ATOM   673  N N   . PHE A 1 91  ? -3.441  -14.596 -5.487  1.00 11.27 ? 88  PHE A N   1 
ATOM   674  C CA  . PHE A 1 91  ? -2.307  -15.037 -4.683  1.00 9.97  ? 88  PHE A CA  1 
ATOM   675  C C   . PHE A 1 91  ? -2.744  -16.267 -3.911  1.00 10.33 ? 88  PHE A C   1 
ATOM   676  O O   . PHE A 1 91  ? -3.570  -16.170 -2.993  1.00 7.99  ? 88  PHE A O   1 
ATOM   677  C CB  . PHE A 1 91  ? -1.826  -13.940 -3.733  1.00 10.71 ? 88  PHE A CB  1 
ATOM   678  C CG  . PHE A 1 91  ? -0.488  -14.229 -3.113  1.00 10.46 ? 88  PHE A CG  1 
ATOM   679  C CD1 . PHE A 1 91  ? 0.681   -13.815 -3.734  1.00 17.00 ? 88  PHE A CD1 1 
ATOM   680  C CD2 . PHE A 1 91  ? -0.395  -14.942 -1.929  1.00 11.73 ? 88  PHE A CD2 1 
ATOM   681  C CE1 . PHE A 1 91  ? 1.921   -14.095 -3.175  1.00 18.53 ? 88  PHE A CE1 1 
ATOM   682  C CE2 . PHE A 1 91  ? 0.845   -15.223 -1.361  1.00 14.22 ? 88  PHE A CE2 1 
ATOM   683  C CZ  . PHE A 1 91  ? 2.000   -14.794 -1.984  1.00 17.12 ? 88  PHE A CZ  1 
ATOM   684  N N   . PRO A 1 92  ? -2.222  -17.434 -4.316  1.00 9.20  ? 89  PRO A N   1 
ATOM   685  C CA  . PRO A 1 92  ? -2.691  -18.725 -3.807  1.00 11.92 ? 89  PRO A CA  1 
ATOM   686  C C   . PRO A 1 92  ? -2.810  -18.699 -2.294  1.00 10.67 ? 89  PRO A C   1 
ATOM   687  O O   . PRO A 1 92  ? -1.872  -18.285 -1.622  1.00 6.98  ? 89  PRO A O   1 
ATOM   688  C CB  . PRO A 1 92  ? -1.599  -19.701 -4.269  1.00 12.16 ? 89  PRO A CB  1 
ATOM   689  C CG  . PRO A 1 92  ? -1.121  -19.097 -5.589  1.00 10.02 ? 89  PRO A CG  1 
ATOM   690  C CD  . PRO A 1 92  ? -1.193  -17.583 -5.366  1.00 12.18 ? 89  PRO A CD  1 
ATOM   691  N N   . GLY A 1 93  ? -3.982  -19.066 -1.779  1.00 10.88 ? 90  GLY A N   1 
ATOM   692  C CA  . GLY A 1 93  ? -4.187  -19.158 -0.342  1.00 12.80 ? 90  GLY A CA  1 
ATOM   693  C C   . GLY A 1 93  ? -4.537  -17.864 0.366   1.00 15.43 ? 90  GLY A C   1 
ATOM   694  O O   . GLY A 1 93  ? -4.726  -17.859 1.586   1.00 12.17 ? 90  GLY A O   1 
ATOM   695  N N   . VAL A 1 94  ? -4.609  -16.759 -0.374  1.00 11.39 ? 91  VAL A N   1 
ATOM   696  C CA  . VAL A 1 94  ? -4.932  -15.466 0.242   1.00 12.13 ? 91  VAL A CA  1 
ATOM   697  C C   . VAL A 1 94  ? -5.904  -14.631 -0.599  1.00 15.81 ? 91  VAL A C   1 
ATOM   698  O O   . VAL A 1 94  ? -6.912  -14.129 -0.093  1.00 12.61 ? 91  VAL A O   1 
ATOM   699  C CB  . VAL A 1 94  ? -3.667  -14.609 0.519   1.00 10.11 ? 91  VAL A CB  1 
ATOM   700  C CG1 . VAL A 1 94  ? -4.043  -13.354 1.274   1.00 12.72 ? 91  VAL A CG1 1 
ATOM   701  C CG2 . VAL A 1 94  ? -2.626  -15.394 1.312   1.00 15.36 ? 91  VAL A CG2 1 
ATOM   702  N N   . ILE A 1 95  ? -5.594  -14.472 -1.881  1.00 11.71 ? 92  ILE A N   1 
ATOM   703  C CA  . ILE A 1 95  ? -6.365  -13.567 -2.735  1.00 12.83 ? 92  ILE A CA  1 
ATOM   704  C C   . ILE A 1 95  ? -6.890  -14.263 -3.985  1.00 8.65  ? 92  ILE A C   1 
ATOM   705  O O   . ILE A 1 95  ? -6.112  -14.776 -4.786  1.00 7.20  ? 92  ILE A O   1 
ATOM   706  C CB  . ILE A 1 95  ? -5.511  -12.352 -3.170  1.00 12.28 ? 92  ILE A CB  1 
ATOM   707  C CG1 . ILE A 1 95  ? -5.110  -11.531 -1.948  1.00 9.16  ? 92  ILE A CG1 1 
ATOM   708  C CG2 . ILE A 1 95  ? -6.254  -11.498 -4.210  1.00 6.20  ? 92  ILE A CG2 1 
ATOM   709  C CD1 . ILE A 1 95  ? -4.012  -10.582 -2.216  1.00 12.71 ? 92  ILE A CD1 1 
ATOM   710  N N   . PRO A 1 96  ? -8.219  -14.273 -4.157  1.00 11.36 ? 93  PRO A N   1 
ATOM   711  C CA  . PRO A 1 96  ? -8.829  -14.884 -5.339  1.00 9.64  ? 93  PRO A CA  1 
ATOM   712  C C   . PRO A 1 96  ? -8.355  -14.178 -6.598  1.00 10.89 ? 93  PRO A C   1 
ATOM   713  O O   . PRO A 1 96  ? -7.957  -13.012 -6.531  1.00 7.59  ? 93  PRO A O   1 
ATOM   714  C CB  . PRO A 1 96  ? -10.325 -14.632 -5.130  1.00 11.89 ? 93  PRO A CB  1 
ATOM   715  C CG  . PRO A 1 96  ? -10.474 -14.442 -3.656  1.00 14.17 ? 93  PRO A CG  1 
ATOM   716  C CD  . PRO A 1 96  ? -9.226  -13.736 -3.226  1.00 10.57 ? 93  PRO A CD  1 
ATOM   717  N N   . GLY A 1 97  ? -8.396  -14.870 -7.732  1.00 9.96  ? 94  GLY A N   1 
ATOM   718  C CA  . GLY A 1 97  ? -8.018  -14.254 -8.985  1.00 9.68  ? 94  GLY A CA  1 
ATOM   719  C C   . GLY A 1 97  ? -8.979  -13.126 -9.286  1.00 9.94  ? 94  GLY A C   1 
ATOM   720  O O   . GLY A 1 97  ? -10.117 -13.138 -8.813  1.00 8.17  ? 94  GLY A O   1 
ATOM   721  N N   . ASN A 1 98  ? -8.517  -12.140 -10.047 1.00 9.36  ? 95  ASN A N   1 
ATOM   722  C CA  . ASN A 1 98  ? -9.375  -11.038 -10.477 1.00 10.79 ? 95  ASN A CA  1 
ATOM   723  C C   . ASN A 1 98  ? -9.987  -10.243 -9.315  1.00 9.26  ? 95  ASN A C   1 
ATOM   724  O O   . ASN A 1 98  ? -11.163 -9.917  -9.342  1.00 7.99  ? 95  ASN A O   1 
ATOM   725  C CB  . ASN A 1 98  ? -10.485 -11.568 -11.396 1.00 13.35 ? 95  ASN A CB  1 
ATOM   726  C CG  . ASN A 1 98  ? -11.052 -10.499 -12.309 1.00 19.31 ? 95  ASN A CG  1 
ATOM   727  O OD1 . ASN A 1 98  ? -10.343 -9.578  -12.720 1.00 18.12 ? 95  ASN A OD1 1 
ATOM   728  N ND2 . ASN A 1 98  ? -12.334 -10.619 -12.637 1.00 24.70 ? 95  ASN A ND2 1 
ATOM   729  N N   . SER A 1 99  ? -9.174  -9.927  -8.309  1.00 8.05  ? 96  SER A N   1 
ATOM   730  C CA  . SER A 1 99  ? -9.646  -9.221  -7.122  1.00 8.24  ? 96  SER A CA  1 
ATOM   731  C C   . SER A 1 99  ? -9.166  -7.781  -7.094  1.00 6.24  ? 96  SER A C   1 
ATOM   732  O O   . SER A 1 99  ? -7.980  -7.512  -7.234  1.00 6.20  ? 96  SER A O   1 
ATOM   733  C CB  . SER A 1 99  ? -9.167  -9.916  -5.838  1.00 6.12  ? 96  SER A CB  1 
ATOM   734  O OG  . SER A 1 99  ? -9.659  -11.237 -5.761  1.00 8.90  ? 96  SER A OG  1 
ATOM   735  N N   . THR A 1 100 ? -10.100 -6.860  -6.926  1.00 6.59  ? 97  THR A N   1 
ATOM   736  C CA  . THR A 1 100 ? -9.757  -5.507  -6.519  1.00 6.19  ? 97  THR A CA  1 
ATOM   737  C C   . THR A 1 100 ? -9.269  -5.553  -5.069  1.00 5.71  ? 97  THR A C   1 
ATOM   738  O O   . THR A 1 100 ? -9.849  -6.247  -4.241  1.00 5.42  ? 97  THR A O   1 
ATOM   739  C CB  . THR A 1 100 ? -10.966 -4.573  -6.656  1.00 8.08  ? 97  THR A CB  1 
ATOM   740  O OG1 . THR A 1 100 ? -11.292 -4.425  -8.046  1.00 11.26 ? 97  THR A OG1 1 
ATOM   741  C CG2 . THR A 1 100 ? -10.680 -3.198  -6.043  1.00 5.64  ? 97  THR A CG2 1 
ATOM   742  N N   . LEU A 1 101 ? -8.194  -4.824  -4.777  1.00 5.27  ? 98  LEU A N   1 
ATOM   743  C CA  . LEU A 1 101 ? -7.620  -4.810  -3.435  1.00 7.54  ? 98  LEU A CA  1 
ATOM   744  C C   . LEU A 1 101 ? -7.787  -3.434  -2.808  1.00 7.48  ? 98  LEU A C   1 
ATOM   745  O O   . LEU A 1 101 ? -7.522  -2.417  -3.448  1.00 5.79  ? 98  LEU A O   1 
ATOM   746  C CB  . LEU A 1 101 ? -6.128  -5.162  -3.488  1.00 4.98  ? 98  LEU A CB  1 
ATOM   747  C CG  . LEU A 1 101 ? -5.768  -6.414  -4.290  1.00 5.03  ? 98  LEU A CG  1 
ATOM   748  C CD1 . LEU A 1 101 ? -4.253  -6.551  -4.403  1.00 4.95  ? 98  LEU A CD1 1 
ATOM   749  C CD2 . LEU A 1 101 ? -6.398  -7.661  -3.678  1.00 4.83  ? 98  LEU A CD2 1 
ATOM   750  N N   . ILE A 1 102 ? -8.236  -3.403  -1.560  1.00 6.53  ? 99  ILE A N   1 
ATOM   751  C CA  . ILE A 1 102 ? -8.392  -2.143  -0.859  1.00 6.03  ? 99  ILE A CA  1 
ATOM   752  C C   . ILE A 1 102 ? -7.491  -2.116  0.364   1.00 7.85  ? 99  ILE A C   1 
ATOM   753  O O   . ILE A 1 102 ? -7.763  -2.812  1.347   1.00 7.65  ? 99  ILE A O   1 
ATOM   754  C CB  . ILE A 1 102 ? -9.834  -1.950  -0.404  1.00 6.90  ? 99  ILE A CB  1 
ATOM   755  C CG1 . ILE A 1 102 ? -10.771 -2.078  -1.598  1.00 8.17  ? 99  ILE A CG1 1 
ATOM   756  C CG2 . ILE A 1 102 ? -10.003 -0.589  0.271   1.00 9.65  ? 99  ILE A CG2 1 
ATOM   757  C CD1 . ILE A 1 102 ? -12.179 -2.007  -1.227  1.00 12.85 ? 99  ILE A CD1 1 
ATOM   758  N N   . PHE A 1 103 ? -6.429  -1.314  0.314   1.00 4.95  ? 100 PHE A N   1 
ATOM   759  C CA  . PHE A 1 103 ? -5.503  -1.225  1.451   1.00 6.61  ? 100 PHE A CA  1 
ATOM   760  C C   . PHE A 1 103 ? -5.644  0.078   2.223   1.00 6.73  ? 100 PHE A C   1 
ATOM   761  O O   . PHE A 1 103 ? -5.630  1.150   1.635   1.00 7.14  ? 100 PHE A O   1 
ATOM   762  C CB  . PHE A 1 103 ? -4.045  -1.315  0.995   1.00 4.44  ? 100 PHE A CB  1 
ATOM   763  C CG  . PHE A 1 103 ? -3.612  -2.679  0.533   1.00 7.00  ? 100 PHE A CG  1 
ATOM   764  C CD1 . PHE A 1 103 ? -2.984  -3.551  1.408   1.00 6.40  ? 100 PHE A CD1 1 
ATOM   765  C CD2 . PHE A 1 103 ? -3.777  -3.065  -0.788  1.00 7.07  ? 100 PHE A CD2 1 
ATOM   766  C CE1 . PHE A 1 103 ? -2.557  -4.796  0.984   1.00 9.25  ? 100 PHE A CE1 1 
ATOM   767  C CE2 . PHE A 1 103 ? -3.349  -4.313  -1.221  1.00 5.28  ? 100 PHE A CE2 1 
ATOM   768  C CZ  . PHE A 1 103 ? -2.740  -5.175  -0.334  1.00 8.84  ? 100 PHE A CZ  1 
ATOM   769  N N   . GLU A 1 104 ? -5.762  -0.020  3.541   1.00 6.01  ? 101 GLU A N   1 
ATOM   770  C CA  . GLU A 1 104 ? -5.502  1.121   4.420   1.00 7.15  ? 101 GLU A CA  1 
ATOM   771  C C   . GLU A 1 104 ? -4.002  1.116   4.588   1.00 6.69  ? 101 GLU A C   1 
ATOM   772  O O   . GLU A 1 104 ? -3.418  0.074   4.882   1.00 8.36  ? 101 GLU A O   1 
ATOM   773  C CB  . GLU A 1 104 ? -6.144  0.931   5.797   1.00 9.61  ? 101 GLU A CB  1 
ATOM   774  C CG  . GLU A 1 104 ? -7.658  0.822   5.783   1.00 10.59 ? 101 GLU A CG  1 
ATOM   775  C CD  . GLU A 1 104 ? -8.225  0.397   7.132   1.00 18.79 ? 101 GLU A CD  1 
ATOM   776  O OE1 . GLU A 1 104 ? -7.442  0.134   8.074   1.00 19.98 ? 101 GLU A OE1 1 
ATOM   777  O OE2 . GLU A 1 104 ? -9.463  0.313   7.249   1.00 22.67 ? 101 GLU A OE2 1 
ATOM   778  N N   . VAL A 1 105 ? -3.369  2.258   4.369   1.00 6.79  ? 102 VAL A N   1 
ATOM   779  C CA  . VAL A 1 105 ? -1.918  2.346   4.440   1.00 5.59  ? 102 VAL A CA  1 
ATOM   780  C C   . VAL A 1 105 ? -1.520  3.503   5.340   1.00 6.20  ? 102 VAL A C   1 
ATOM   781  O O   . VAL A 1 105 ? -2.018  4.605   5.178   1.00 4.83  ? 102 VAL A O   1 
ATOM   782  C CB  . VAL A 1 105 ? -1.314  2.581   3.051   1.00 4.63  ? 102 VAL A CB  1 
ATOM   783  C CG1 . VAL A 1 105 ? 0.190   2.783   3.146   1.00 6.87  ? 102 VAL A CG1 1 
ATOM   784  C CG2 . VAL A 1 105 ? -1.612  1.389   2.142   1.00 6.97  ? 102 VAL A CG2 1 
ATOM   785  N N   . GLU A 1 106 ? -0.638  3.245   6.301   1.00 7.17  ? 103 GLU A N   1 
ATOM   786  C CA  . GLU A 1 106 ? -0.018  4.323   7.061   1.00 7.27  ? 103 GLU A CA  1 
ATOM   787  C C   . GLU A 1 106 ? 1.483   4.361   6.759   1.00 8.75  ? 103 GLU A C   1 
ATOM   788  O O   . GLU A 1 106 ? 2.183   3.376   6.985   1.00 7.04  ? 103 GLU A O   1 
ATOM   789  C CB  . GLU A 1 106 ? -0.241  4.142   8.563   1.00 10.60 ? 103 GLU A CB  1 
ATOM   790  C CG  . GLU A 1 106 ? 0.305   5.294   9.400   1.00 9.24  ? 103 GLU A CG  1 
ATOM   791  C CD  . GLU A 1 106 ? 0.029   5.139   10.894  1.00 19.94 ? 103 GLU A CD  1 
ATOM   792  O OE1 . GLU A 1 106 ? -0.450  4.055   11.307  1.00 13.92 ? 103 GLU A OE1 1 
ATOM   793  O OE2 . GLU A 1 106 ? 0.300   6.106   11.654  1.00 17.37 ? 103 GLU A OE2 1 
ATOM   794  N N   . LEU A 1 107 ? 1.963   5.488   6.230   1.00 4.59  ? 104 LEU A N   1 
ATOM   795  C CA  . LEU A 1 107 ? 3.368   5.636   5.888   1.00 5.88  ? 104 LEU A CA  1 
ATOM   796  C C   . LEU A 1 107 ? 4.159   6.063   7.115   1.00 6.56  ? 104 LEU A C   1 
ATOM   797  O O   . LEU A 1 107 ? 4.107   7.218   7.518   1.00 5.21  ? 104 LEU A O   1 
ATOM   798  C CB  . LEU A 1 107 ? 3.540   6.687   4.799   1.00 5.88  ? 104 LEU A CB  1 
ATOM   799  C CG  . LEU A 1 107 ? 4.973   6.899   4.323   1.00 5.81  ? 104 LEU A CG  1 
ATOM   800  C CD1 . LEU A 1 107 ? 5.570   5.599   3.804   1.00 4.56  ? 104 LEU A CD1 1 
ATOM   801  C CD2 . LEU A 1 107 ? 5.006   7.968   3.240   1.00 8.01  ? 104 LEU A CD2 1 
ATOM   802  N N   . LEU A 1 108 ? 4.895   5.133   7.699   1.00 6.68  ? 105 LEU A N   1 
ATOM   803  C CA  . LEU A 1 108 ? 5.554   5.388   8.975   1.00 9.10  ? 105 LEU A CA  1 
ATOM   804  C C   . LEU A 1 108 ? 6.999   5.851   8.817   1.00 8.63  ? 105 LEU A C   1 
ATOM   805  O O   . LEU A 1 108 ? 7.555   6.515   9.701   1.00 5.61  ? 105 LEU A O   1 
ATOM   806  C CB  . LEU A 1 108 ? 5.488   4.134   9.850   1.00 5.04  ? 105 LEU A CB  1 
ATOM   807  C CG  . LEU A 1 108 ? 4.250   3.944   10.732  1.00 12.37 ? 105 LEU A CG  1 
ATOM   808  C CD1 . LEU A 1 108 ? 3.648   5.279   11.193  1.00 9.12  ? 105 LEU A CD1 1 
ATOM   809  C CD2 . LEU A 1 108 ? 3.214   3.126   10.016  1.00 22.26 ? 105 LEU A CD2 1 
ATOM   810  N N   . GLY A 1 109 ? 7.606   5.513   7.685   1.00 5.45  ? 106 GLY A N   1 
ATOM   811  C CA  . GLY A 1 109 ? 8.992   5.867   7.461   1.00 5.98  ? 106 GLY A CA  1 
ATOM   812  C C   . GLY A 1 109 ? 9.410   5.919   6.006   1.00 8.57  ? 106 GLY A C   1 
ATOM   813  O O   . GLY A 1 109 ? 8.901   5.170   5.181   1.00 5.56  ? 106 GLY A O   1 
ATOM   814  N N   . ILE A 1 110 ? 10.340  6.822   5.700   1.00 6.75  ? 107 ILE A N   1 
ATOM   815  C CA  . ILE A 1 110 ? 10.978  6.906   4.390   1.00 5.80  ? 107 ILE A CA  1 
ATOM   816  C C   . ILE A 1 110 ? 12.472  7.029   4.643   1.00 7.26  ? 107 ILE A C   1 
ATOM   817  O O   . ILE A 1 110 ? 12.908  7.978   5.289   1.00 7.44  ? 107 ILE A O   1 
ATOM   818  C CB  . ILE A 1 110 ? 10.544  8.158   3.614   1.00 6.92  ? 107 ILE A CB  1 
ATOM   819  C CG1 . ILE A 1 110 ? 9.017   8.251   3.531   1.00 6.40  ? 107 ILE A CG1 1 
ATOM   820  C CG2 . ILE A 1 110 ? 11.172  8.174   2.219   1.00 6.49  ? 107 ILE A CG2 1 
ATOM   821  C CD1 . ILE A 1 110 ? 8.495   9.658   3.166   1.00 5.44  ? 107 ILE A CD1 1 
ATOM   822  N N   . ASN A 1 111 ? 13.250  6.069   4.151   1.00 10.18 ? 108 ASN A N   1 
ATOM   823  C CA  . ASN A 1 111 ? 14.687  6.015   4.442   1.00 11.84 ? 108 ASN A CA  1 
ATOM   824  C C   . ASN A 1 111 ? 15.000  6.304   5.919   1.00 12.65 ? 108 ASN A C   1 
ATOM   825  O O   . ASN A 1 111 ? 14.577  5.560   6.800   1.00 9.22  ? 108 ASN A O   1 
ATOM   826  C CB  . ASN A 1 111 ? 15.460  6.947   3.501   1.00 10.01 ? 108 ASN A CB  1 
ATOM   827  C CG  . ASN A 1 111 ? 15.301  6.540   2.048   1.00 12.15 ? 108 ASN A CG  1 
ATOM   828  O OD1 . ASN A 1 111 ? 15.218  5.349   1.742   1.00 8.35  ? 108 ASN A OD1 1 
ATOM   829  N ND2 . ASN A 1 111 ? 15.212  7.521   1.155   1.00 9.45  ? 108 ASN A ND2 1 
ATOM   830  N N   . ASN A 1 112 ? 15.685  7.409   6.188   1.00 12.26 ? 109 ASN A N   1 
ATOM   831  C CA  . ASN A 1 112 ? 16.072  7.732   7.561   1.00 15.68 ? 109 ASN A CA  1 
ATOM   832  C C   . ASN A 1 112 ? 15.005  8.473   8.367   1.00 19.40 ? 109 ASN A C   1 
ATOM   833  O O   . ASN A 1 112 ? 15.124  8.599   9.588   1.00 13.42 ? 109 ASN A O   1 
ATOM   834  C CB  . ASN A 1 112 ? 17.362  8.552   7.572   1.00 17.99 ? 109 ASN A CB  1 
ATOM   835  C CG  . ASN A 1 112 ? 18.381  8.038   6.582   1.00 34.79 ? 109 ASN A CG  1 
ATOM   836  O OD1 . ASN A 1 112 ? 18.776  8.750   5.654   1.00 42.73 ? 109 ASN A OD1 1 
ATOM   837  N ND2 . ASN A 1 112 ? 18.809  6.787   6.766   1.00 30.48 ? 109 ASN A ND2 1 
ATOM   838  N N   . LYS A 1 113 ? 13.971  8.964   7.689   1.00 10.58 ? 110 LYS A N   1 
ATOM   839  C CA  . LYS A 1 113 ? 12.970  9.792   8.345   1.00 13.60 ? 110 LYS A CA  1 
ATOM   840  C C   . LYS A 1 113 ? 11.810  8.960   8.883   1.00 11.03 ? 110 LYS A C   1 
ATOM   841  O O   . LYS A 1 113 ? 11.364  8.010   8.241   1.00 9.16  ? 110 LYS A O   1 
ATOM   842  C CB  . LYS A 1 113 ? 12.442  10.862  7.388   1.00 11.57 ? 110 LYS A CB  1 
ATOM   843  C CG  . LYS A 1 113 ? 13.520  11.627  6.653   1.00 15.64 ? 110 LYS A CG  1 
ATOM   844  C CD  . LYS A 1 113 ? 12.911  12.585  5.662   1.00 11.75 ? 110 LYS A CD  1 
ATOM   845  C CE  . LYS A 1 113 ? 13.975  13.199  4.779   1.00 19.72 ? 110 LYS A CE  1 
ATOM   846  N NZ  . LYS A 1 113 ? 14.858  14.110  5.541   1.00 30.04 ? 110 LYS A NZ  1 
ATOM   847  N N   . ARG A 1 114 ? 11.318  9.341   10.054  1.00 10.52 ? 111 ARG A N   1 
ATOM   848  C CA  . ARG A 1 114 ? 10.232  8.615   10.697  1.00 11.32 ? 111 ARG A CA  1 
ATOM   849  C C   . ARG A 1 114 ? 9.073   9.528   11.046  1.00 13.57 ? 111 ARG A C   1 
ATOM   850  O O   . ARG A 1 114 ? 9.275   10.645  11.529  1.00 7.73  ? 111 ARG A O   1 
ATOM   851  C CB  . ARG A 1 114 ? 10.737  7.940   11.969  1.00 14.25 ? 111 ARG A CB  1 
ATOM   852  C CG  . ARG A 1 114 ? 11.775  6.885   11.717  1.00 15.64 ? 111 ARG A CG  1 
ATOM   853  C CD  . ARG A 1 114 ? 11.993  6.066   12.956  1.00 25.01 ? 111 ARG A CD  1 
ATOM   854  N NE  . ARG A 1 114 ? 12.399  6.880   14.105  1.00 29.91 ? 111 ARG A NE  1 
ATOM   855  C CZ  . ARG A 1 114 ? 13.636  7.323   14.312  1.00 25.24 ? 111 ARG A CZ  1 
ATOM   856  N NH1 . ARG A 1 114 ? 14.598  7.059   13.436  1.00 30.42 ? 111 ARG A NH1 1 
ATOM   857  N NH2 . ARG A 1 114 ? 13.908  8.047   15.386  1.00 17.34 ? 111 ARG A NH2 1 
ATOM   858  N N   . ALA A 1 115 ? 7.856   9.049   10.813  1.00 6.77  ? 112 ALA A N   1 
ATOM   859  C CA  . ALA A 1 115 ? 6.682   9.766   11.274  1.00 10.46 ? 112 ALA A CA  1 
ATOM   860  C C   . ALA A 1 115 ? 6.599   9.664   12.800  1.00 13.28 ? 112 ALA A C   1 
ATOM   861  O O   . ALA A 1 115 ? 6.034   10.540  13.453  1.00 10.50 ? 112 ALA A O   1 
ATOM   862  C CB  . ALA A 1 115 ? 5.427   9.206   10.631  1.00 10.29 ? 112 ALA A CB  1 
HETATM 863  C C1  . FK5 B 2 .   ? 2.805   -7.228  -1.754  1.00 10.91 ? 201 FK5 A C1  1 
HETATM 864  C C2  . FK5 B 2 .   ? 1.539   -6.652  -1.173  1.00 12.30 ? 201 FK5 A C2  1 
HETATM 865  C C3  . FK5 B 2 .   ? 1.750   -5.161  -0.924  1.00 7.82  ? 201 FK5 A C3  1 
HETATM 866  C C4  . FK5 B 2 .   ? 2.744   -4.923  0.210   1.00 7.79  ? 201 FK5 A C4  1 
HETATM 867  C C5  . FK5 B 2 .   ? 2.261   -5.594  1.496   1.00 12.22 ? 201 FK5 A C5  1 
HETATM 868  C C6  . FK5 B 2 .   ? 2.020   -7.089  1.286   1.00 17.14 ? 201 FK5 A C6  1 
HETATM 869  C C8  . FK5 B 2 .   ? 0.107   -8.101  0.125   1.00 14.71 ? 201 FK5 A C8  1 
HETATM 870  C C9  . FK5 B 2 .   ? -0.304  -8.725  1.294   1.00 19.38 ? 201 FK5 A C9  1 
HETATM 871  C C10 . FK5 B 2 .   ? 0.209   -10.123 1.649   1.00 23.47 ? 201 FK5 A C10 1 
HETATM 872  C C11 . FK5 B 2 .   ? 0.499   -10.974 0.401   1.00 17.76 ? 201 FK5 A C11 1 
HETATM 873  C C12 . FK5 B 2 .   ? 1.320   -12.220 0.728   1.00 18.95 ? 201 FK5 A C12 1 
HETATM 874  C C13 . FK5 B 2 .   ? 2.467   -11.927 1.682   1.00 23.19 ? 201 FK5 A C13 1 
HETATM 875  C C14 . FK5 B 2 .   ? 1.929   -11.131 2.864   1.00 26.33 ? 201 FK5 A C14 1 
HETATM 876  C C15 . FK5 B 2 .   ? 2.991   -10.803 3.908   1.00 24.21 ? 201 FK5 A C15 1 
HETATM 877  C C16 . FK5 B 2 .   ? 4.237   -10.257 3.210   1.00 20.43 ? 201 FK5 A C16 1 
HETATM 878  C C17 . FK5 B 2 .   ? 5.318   -9.771  4.176   1.00 28.43 ? 201 FK5 A C17 1 
HETATM 879  C C18 . FK5 B 2 .   ? 6.316   -10.893 4.447   1.00 20.77 ? 201 FK5 A C18 1 
HETATM 880  C C19 . FK5 B 2 .   ? 7.248   -11.109 3.277   1.00 18.52 ? 201 FK5 A C19 1 
HETATM 881  C C20 . FK5 B 2 .   ? 6.890   -12.108 2.255   1.00 23.01 ? 201 FK5 A C20 1 
HETATM 882  C C21 . FK5 B 2 .   ? 7.768   -12.502 1.111   1.00 18.14 ? 201 FK5 A C21 1 
HETATM 883  C C22 . FK5 B 2 .   ? 7.395   -11.704 -0.106  1.00 19.21 ? 201 FK5 A C22 1 
HETATM 884  C C23 . FK5 B 2 .   ? 7.791   -10.253 -0.261  1.00 19.91 ? 201 FK5 A C23 1 
HETATM 885  C C24 . FK5 B 2 .   ? 6.915   -9.603  -1.326  1.00 19.67 ? 201 FK5 A C24 1 
HETATM 886  C C25 . FK5 B 2 .   ? 5.531   -9.231  -0.791  1.00 17.97 ? 201 FK5 A C25 1 
HETATM 887  C C26 . FK5 B 2 .   ? 4.616   -8.602  -1.847  1.00 15.82 ? 201 FK5 A C26 1 
HETATM 888  C C27 . FK5 B 2 .   ? 4.302   -9.625  -2.902  1.00 15.09 ? 201 FK5 A C27 1 
HETATM 889  C C28 . FK5 B 2 .   ? 4.789   -9.466  -4.279  1.00 14.34 ? 201 FK5 A C28 1 
HETATM 890  C C29 . FK5 B 2 .   ? 4.394   -10.463 -5.338  1.00 19.09 ? 201 FK5 A C29 1 
HETATM 891  C C30 . FK5 B 2 .   ? 3.757   -9.731  -6.517  1.00 18.85 ? 201 FK5 A C30 1 
HETATM 892  C C31 . FK5 B 2 .   ? 3.445   -10.662 -7.691  1.00 17.90 ? 201 FK5 A C31 1 
HETATM 893  C C32 . FK5 B 2 .   ? 4.665   -11.473 -8.125  1.00 28.93 ? 201 FK5 A C32 1 
HETATM 894  C C33 . FK5 B 2 .   ? 5.281   -12.204 -6.934  1.00 23.39 ? 201 FK5 A C33 1 
HETATM 895  C C34 . FK5 B 2 .   ? 5.634   -11.224 -5.816  1.00 22.54 ? 201 FK5 A C34 1 
HETATM 896  C C35 . FK5 B 2 .   ? -0.763  -11.420 -0.329  1.00 16.78 ? 201 FK5 A C35 1 
HETATM 897  C C36 . FK5 B 2 .   ? 4.736   -9.234  5.486   1.00 19.84 ? 201 FK5 A C36 1 
HETATM 898  C C37 . FK5 B 2 .   ? 8.518   -10.320 3.180   1.00 15.99 ? 201 FK5 A C37 1 
HETATM 899  C C38 . FK5 B 2 .   ? 7.438   -13.954 0.790   1.00 26.81 ? 201 FK5 A C38 1 
HETATM 900  C C39 . FK5 B 2 .   ? 8.109   -14.926 1.733   1.00 16.54 ? 201 FK5 A C39 1 
HETATM 901  C C40 . FK5 B 2 .   ? 9.551   -15.150 1.597   1.00 25.83 ? 201 FK5 A C40 1 
HETATM 902  C C41 . FK5 B 2 .   ? 5.641   -8.323  0.425   1.00 13.07 ? 201 FK5 A C41 1 
HETATM 903  C C42 . FK5 B 2 .   ? 3.462   -10.816 -2.544  1.00 13.24 ? 201 FK5 A C42 1 
HETATM 904  C C43 . FK5 B 2 .   ? 3.581   -13.900 1.094   1.00 25.08 ? 201 FK5 A C43 1 
HETATM 905  C C44 . FK5 B 2 .   ? 2.363   -12.168 5.719   1.00 17.19 ? 201 FK5 A C44 1 
HETATM 906  C C45 . FK5 B 2 .   ? 1.598   -9.691  -8.776  1.00 15.74 ? 201 FK5 A C45 1 
HETATM 907  N N7  . FK5 B 2 .   ? 1.186   -7.320  0.087   1.00 9.38  ? 201 FK5 A N7  1 
HETATM 908  O O1  . FK5 B 2 .   ? 3.415   -8.196  -1.213  1.00 13.20 ? 201 FK5 A O1  1 
HETATM 909  O O2  . FK5 B 2 .   ? 3.284   -6.644  -2.933  1.00 8.76  ? 201 FK5 A O2  1 
HETATM 910  O O3  . FK5 B 2 .   ? -0.661  -8.290  -1.037  1.00 17.98 ? 201 FK5 A O3  1 
HETATM 911  O O4  . FK5 B 2 .   ? -1.187  -8.035  2.146   1.00 19.28 ? 201 FK5 A O4  1 
HETATM 912  O O5  . FK5 B 2 .   ? 1.414   -9.928  2.352   1.00 18.74 ? 201 FK5 A O5  1 
HETATM 913  O O6  . FK5 B 2 .   ? -0.740  -10.807 2.516   1.00 17.12 ? 201 FK5 A O6  1 
HETATM 914  O O7  . FK5 B 2 .   ? 3.003   -13.150 2.138   1.00 24.17 ? 201 FK5 A O7  1 
HETATM 915  O O8  . FK5 B 2 .   ? 3.281   -11.965 4.666   1.00 25.92 ? 201 FK5 A O8  1 
HETATM 916  O O9  . FK5 B 2 .   ? 6.649   -12.319 -1.125  1.00 18.43 ? 201 FK5 A O9  1 
HETATM 917  O O10 . FK5 B 2 .   ? 7.583   -8.448  -1.767  1.00 21.43 ? 201 FK5 A O10 1 
HETATM 918  O O11 . FK5 B 2 .   ? 2.996   -9.892  -8.784  1.00 22.85 ? 201 FK5 A O11 1 
HETATM 919  O O12 . FK5 B 2 .   ? 4.305   -12.414 -9.125  1.00 30.31 ? 201 FK5 A O12 1 
HETATM 920  O O   . HOH C 3 .   ? 0.062   -18.518 -1.538  1.00 24.58 ? 301 HOH A O   1 
HETATM 921  O O   . HOH C 3 .   ? -7.724  2.875   -10.966 1.00 18.38 ? 302 HOH A O   1 
HETATM 922  O O   . HOH C 3 .   ? -7.910  -6.342  11.801  1.00 29.34 ? 303 HOH A O   1 
HETATM 923  O O   . HOH C 3 .   ? 7.353   -7.384  8.530   1.00 25.64 ? 304 HOH A O   1 
HETATM 924  O O   . HOH C 3 .   ? -11.119 5.081   -0.780  1.00 9.19  ? 305 HOH A O   1 
HETATM 925  O O   . HOH C 3 .   ? 6.750   2.768   -10.495 1.00 14.77 ? 306 HOH A O   1 
HETATM 926  O O   . HOH C 3 .   ? 3.604   -2.923  15.382  1.00 18.54 ? 307 HOH A O   1 
HETATM 927  O O   . HOH C 3 .   ? -6.164  -13.936 4.500   1.00 18.36 ? 308 HOH A O   1 
HETATM 928  O O   . HOH C 3 .   ? -2.430  -13.683 -12.696 1.00 23.88 ? 309 HOH A O   1 
HETATM 929  O O   . HOH C 3 .   ? -0.580  13.854  3.229   1.00 14.12 ? 310 HOH A O   1 
HETATM 930  O O   . HOH C 3 .   ? -6.881  -3.828  10.551  1.00 15.01 ? 311 HOH A O   1 
HETATM 931  O O   . HOH C 3 .   ? 15.069  7.320   -4.140  1.00 8.96  ? 312 HOH A O   1 
HETATM 932  O O   . HOH C 3 .   ? -11.170 1.329   5.588   1.00 20.40 ? 313 HOH A O   1 
HETATM 933  O O   . HOH C 3 .   ? 0.313   -0.823  -15.629 1.00 32.24 ? 314 HOH A O   1 
HETATM 934  O O   . HOH C 3 .   ? -9.101  4.502   -2.531  1.00 4.72  ? 315 HOH A O   1 
HETATM 935  O O   . HOH C 3 .   ? 6.647   4.493   -8.338  1.00 10.36 ? 316 HOH A O   1 
HETATM 936  O O   . HOH C 3 .   ? 12.162  10.876  -0.892  1.00 14.29 ? 317 HOH A O   1 
HETATM 937  O O   . HOH C 3 .   ? -1.999  1.942   11.146  1.00 11.15 ? 318 HOH A O   1 
HETATM 938  O O   . HOH C 3 .   ? -5.639  4.500   6.122   1.00 7.49  ? 319 HOH A O   1 
HETATM 939  O O   . HOH C 3 .   ? -3.211  7.104   -8.598  1.00 7.15  ? 320 HOH A O   1 
HETATM 940  O O   . HOH C 3 .   ? 16.586  8.285   12.197  1.00 35.42 ? 321 HOH A O   1 
HETATM 941  O O   . HOH C 3 .   ? -6.627  -9.319  10.055  1.00 19.94 ? 322 HOH A O   1 
HETATM 942  O O   . HOH C 3 .   ? -17.505 -3.203  -2.388  1.00 5.50  ? 323 HOH A O   1 
HETATM 943  O O   . HOH C 3 .   ? -4.760  -0.695  9.064   1.00 6.78  ? 324 HOH A O   1 
HETATM 944  O O   . HOH C 3 .   ? 6.886   3.835   -13.333 1.00 27.05 ? 325 HOH A O   1 
HETATM 945  O O   . HOH C 3 .   ? -5.123  8.719   -6.464  1.00 4.61  ? 326 HOH A O   1 
HETATM 946  O O   . HOH C 3 .   ? 7.454   18.033  -0.952  1.00 14.46 ? 327 HOH A O   1 
HETATM 947  O O   . HOH C 3 .   ? -3.131  -13.261 5.700   1.00 24.67 ? 328 HOH A O   1 
HETATM 948  O O   . HOH C 3 .   ? 9.208   -5.814  6.696   1.00 22.43 ? 329 HOH A O   1 
HETATM 949  O O   . HOH C 3 .   ? -8.267  1.477   -8.602  1.00 13.68 ? 330 HOH A O   1 
HETATM 950  O O   . HOH C 3 .   ? -7.777  -10.350 -13.143 1.00 11.92 ? 331 HOH A O   1 
HETATM 951  O O   . HOH C 3 .   ? 1.398   8.554   11.251  1.00 15.31 ? 332 HOH A O   1 
HETATM 952  O O   . HOH C 3 .   ? -11.868 -8.043  -3.973  1.00 6.63  ? 333 HOH A O   1 
HETATM 953  O O   . HOH C 3 .   ? -12.666 -7.773  -6.864  1.00 8.82  ? 334 HOH A O   1 
HETATM 954  O O   . HOH C 3 .   ? 10.976  11.835  13.300  1.00 18.83 ? 335 HOH A O   1 
HETATM 955  O O   . HOH C 3 .   ? 9.125   -1.749  -5.282  1.00 4.77  ? 336 HOH A O   1 
HETATM 956  O O   . HOH C 3 .   ? 6.899   11.091  -4.942  1.00 11.40 ? 337 HOH A O   1 
HETATM 957  O O   . HOH C 3 .   ? -0.408  13.274  -0.147  1.00 16.79 ? 338 HOH A O   1 
HETATM 958  O O   . HOH C 3 .   ? 2.929   7.700   -8.168  1.00 15.43 ? 339 HOH A O   1 
HETATM 959  O O   . HOH C 3 .   ? -0.051  14.834  10.316  1.00 22.93 ? 340 HOH A O   1 
HETATM 960  O O   . HOH C 3 .   ? -7.818  -14.111 2.504   1.00 21.93 ? 341 HOH A O   1 
HETATM 961  O O   . HOH C 3 .   ? -5.674  -20.420 -3.478  1.00 16.40 ? 342 HOH A O   1 
HETATM 962  O O   . HOH C 3 .   ? -12.052 -10.936 -4.428  1.00 12.16 ? 343 HOH A O   1 
HETATM 963  O O   . HOH C 3 .   ? 12.522  5.385   8.633   1.00 20.27 ? 344 HOH A O   1 
HETATM 964  O O   . HOH C 3 .   ? 12.609  2.200   -10.620 1.00 11.20 ? 345 HOH A O   1 
HETATM 965  O O   . HOH C 3 .   ? 16.658  10.244  4.679   1.00 21.18 ? 346 HOH A O   1 
HETATM 966  O O   . HOH C 3 .   ? -9.077  -1.522  9.855   1.00 17.77 ? 347 HOH A O   1 
HETATM 967  O O   . HOH C 3 .   ? -7.654  -4.694  -13.578 1.00 16.47 ? 348 HOH A O   1 
HETATM 968  O O   . HOH C 3 .   ? -2.056  10.869  9.428   1.00 15.77 ? 349 HOH A O   1 
HETATM 969  O O   . HOH C 3 .   ? 11.908  3.990   5.927   1.00 18.20 ? 350 HOH A O   1 
HETATM 970  O O   . HOH C 3 .   ? -9.189  -15.343 -12.738 1.00 27.07 ? 351 HOH A O   1 
HETATM 971  O O   . HOH C 3 .   ? 9.101   -6.264  -0.484  1.00 12.68 ? 352 HOH A O   1 
HETATM 972  O O   . HOH C 3 .   ? 5.985   -1.466  -10.266 1.00 17.60 ? 353 HOH A O   1 
HETATM 973  O O   . HOH C 3 .   ? -6.435  -11.165 -7.995  1.00 4.82  ? 354 HOH A O   1 
HETATM 974  O O   . HOH C 3 .   ? -9.227  -1.769  3.763   1.00 10.95 ? 355 HOH A O   1 
HETATM 975  O O   . HOH C 3 .   ? 7.026   15.088  -3.523  1.00 28.32 ? 356 HOH A O   1 
HETATM 976  O O   . HOH C 3 .   ? -5.401  -8.846  -7.011  1.00 3.76  ? 357 HOH A O   1 
HETATM 977  O O   . HOH C 3 .   ? 8.997   -9.223  -4.695  1.00 16.39 ? 358 HOH A O   1 
HETATM 978  O O   . HOH C 3 .   ? 2.756   20.570  4.872   1.00 13.90 ? 359 HOH A O   1 
HETATM 979  O O   . HOH C 3 .   ? -2.357  4.421   13.602  1.00 25.72 ? 360 HOH A O   1 
HETATM 980  O O   . HOH C 3 .   ? -13.222 -5.399  7.862   1.00 17.43 ? 361 HOH A O   1 
HETATM 981  O O   . HOH C 3 .   ? -5.998  6.836   -10.750 1.00 13.61 ? 362 HOH A O   1 
HETATM 982  O O   . HOH C 3 .   ? 4.546   13.462  9.763   1.00 15.79 ? 363 HOH A O   1 
HETATM 983  O O   . HOH C 3 .   ? 10.978  6.543   -14.014 1.00 16.18 ? 364 HOH A O   1 
HETATM 984  O O   . HOH C 3 .   ? -6.061  -18.995 -9.326  1.00 24.53 ? 365 HOH A O   1 
HETATM 985  O O   . HOH C 3 .   ? 17.083  4.674   -1.267  1.00 13.66 ? 366 HOH A O   1 
HETATM 986  O O   . HOH C 3 .   ? -13.624 8.524   6.193   1.00 30.61 ? 367 HOH A O   1 
HETATM 987  O O   . HOH C 3 .   ? 5.452   19.795  7.707   1.00 20.32 ? 368 HOH A O   1 
HETATM 988  O O   . HOH C 3 .   ? 1.092   -5.770  -9.585  1.00 7.19  ? 369 HOH A O   1 
HETATM 989  O O   . HOH C 3 .   ? -1.009  -18.826 1.067   1.00 15.48 ? 370 HOH A O   1 
HETATM 990  O O   . HOH C 3 .   ? -12.701 4.598   2.944   1.00 24.28 ? 371 HOH A O   1 
HETATM 991  O O   . HOH C 3 .   ? -15.357 -4.494  6.754   1.00 23.62 ? 372 HOH A O   1 
HETATM 992  O O   . HOH C 3 .   ? 12.717  11.417  11.512  1.00 18.89 ? 373 HOH A O   1 
HETATM 993  O O   . HOH C 3 .   ? 12.842  -4.252  -0.753  1.00 7.49  ? 374 HOH A O   1 
HETATM 994  O O   . HOH C 3 .   ? -15.001 -6.086  -6.982  1.00 20.06 ? 375 HOH A O   1 
HETATM 995  O O   . HOH C 3 .   ? 5.022   -3.373  -9.317  1.00 24.44 ? 376 HOH A O   1 
HETATM 996  O O   . HOH C 3 .   ? -2.826  1.195   8.347   1.00 8.16  ? 377 HOH A O   1 
HETATM 997  O O   . HOH C 3 .   ? -9.140  -17.702 -7.610  1.00 11.27 ? 378 HOH A O   1 
HETATM 998  O O   . HOH C 3 .   ? 3.611   -9.402  17.188  1.00 22.28 ? 379 HOH A O   1 
HETATM 999  O O   . HOH C 3 .   ? -9.683  -5.504  14.021  1.00 27.59 ? 380 HOH A O   1 
HETATM 1000 O O   . HOH C 3 .   ? -12.883 -8.382  7.855   1.00 11.33 ? 381 HOH A O   1 
HETATM 1001 O O   . HOH C 3 .   ? -4.818  -17.427 -5.903  1.00 21.38 ? 382 HOH A O   1 
HETATM 1002 O O   . HOH C 3 .   ? 4.630   0.339   -11.202 1.00 18.78 ? 383 HOH A O   1 
HETATM 1003 O O   . HOH C 3 .   ? -10.267 -11.738 2.653   1.00 23.83 ? 384 HOH A O   1 
HETATM 1004 O O   . HOH C 3 .   ? -20.253 -8.538  1.813   1.00 29.92 ? 385 HOH A O   1 
HETATM 1005 O O   . HOH C 3 .   ? 10.053  -3.936  9.362   1.00 30.20 ? 386 HOH A O   1 
HETATM 1006 O O   . HOH C 3 .   ? 3.798   -7.203  -9.792  1.00 21.78 ? 387 HOH A O   1 
HETATM 1007 O O   . HOH C 3 .   ? 7.403   6.372   12.680  1.00 10.65 ? 388 HOH A O   1 
HETATM 1008 O O   . HOH C 3 .   ? 0.062   4.816   -14.084 1.00 36.38 ? 389 HOH A O   1 
HETATM 1009 O O   . HOH C 3 .   ? 9.877   14.592  -0.683  1.00 11.24 ? 390 HOH A O   1 
HETATM 1010 O O   . HOH C 3 .   ? 13.622  16.522  6.854   1.00 32.16 ? 391 HOH A O   1 
HETATM 1011 O O   . HOH C 3 .   ? 5.513   5.770   -12.752 1.00 25.40 ? 392 HOH A O   1 
HETATM 1012 O O   . HOH C 3 .   ? 9.830   6.834   15.690  1.00 19.55 ? 393 HOH A O   1 
HETATM 1013 O O   . HOH C 3 .   ? -16.650 -8.581  5.070   1.00 24.20 ? 394 HOH A O   1 
HETATM 1014 O O   . HOH C 3 .   ? -13.719 -8.434  -10.015 1.00 16.91 ? 395 HOH A O   1 
HETATM 1015 O O   . HOH C 3 .   ? -2.059  -4.641  -18.428 1.00 26.76 ? 396 HOH A O   1 
HETATM 1016 O O   . HOH C 3 .   ? -0.460  -9.170  -11.573 1.00 15.08 ? 397 HOH A O   1 
HETATM 1017 O O   . HOH C 3 .   ? 1.092   -5.596  -12.786 1.00 28.08 ? 398 HOH A O   1 
HETATM 1018 O O   . HOH C 3 .   ? 5.364   -14.874 -2.213  1.00 12.90 ? 399 HOH A O   1 
HETATM 1019 O O   . HOH C 3 .   ? -1.125  12.775  -6.591  1.00 26.44 ? 400 HOH A O   1 
HETATM 1020 O O   . HOH C 3 .   ? -13.786 -9.952  -7.737  1.00 28.94 ? 401 HOH A O   1 
HETATM 1021 O O   . HOH C 3 .   ? 8.814   1.898   -11.249 1.00 14.24 ? 402 HOH A O   1 
HETATM 1022 O O   . HOH C 3 .   ? -12.463 -6.553  -9.974  1.00 17.41 ? 403 HOH A O   1 
HETATM 1023 O O   . HOH C 3 .   ? 11.367  2.636   -13.115 1.00 10.77 ? 404 HOH A O   1 
HETATM 1024 O O   . HOH C 3 .   ? 15.153  -3.966  -2.563  1.00 30.33 ? 405 HOH A O   1 
HETATM 1025 O O   . HOH C 3 .   ? -6.019  -11.265 7.689   1.00 21.94 ? 406 HOH A O   1 
HETATM 1026 O O   . HOH C 3 .   ? 8.481   -9.173  -7.286  1.00 26.11 ? 407 HOH A O   1 
HETATM 1027 O O   . HOH C 3 .   ? 3.592   12.126  12.080  1.00 21.33 ? 408 HOH A O   1 
HETATM 1028 O O   . HOH C 3 .   ? -5.035  8.645   -12.657 1.00 27.17 ? 409 HOH A O   1 
HETATM 1029 O O   . HOH C 3 .   ? -0.787  7.067   -14.681 1.00 36.89 ? 410 HOH A O   1 
HETATM 1030 O O   . HOH C 3 .   ? -1.087  -1.603  -17.348 1.00 22.82 ? 411 HOH A O   1 
HETATM 1031 O O   . HOH C 3 .   ? -12.124 -10.449 -15.915 1.00 23.56 ? 412 HOH A O   1 
HETATM 1032 O O   . HOH C 3 .   ? -5.509  3.703   10.835  1.00 28.03 ? 413 HOH A O   1 
HETATM 1033 O O   . HOH C 3 .   ? 1.198   12.006  11.172  1.00 23.72 ? 414 HOH A O   1 
HETATM 1034 O O   . HOH C 3 .   ? -5.856  -8.265  -14.250 1.00 15.66 ? 415 HOH A O   1 
HETATM 1035 O O   . HOH C 3 .   ? -6.200  -17.900 -13.580 1.00 19.57 ? 416 HOH A O   1 
HETATM 1036 O O   . HOH C 3 .   ? 16.214  17.204  5.384   1.00 40.36 ? 417 HOH A O   1 
HETATM 1037 O O   . HOH C 3 .   ? -4.613  10.089  12.550  1.00 30.66 ? 418 HOH A O   1 
HETATM 1038 O O   . HOH C 3 .   ? -3.964  -17.232 -13.961 1.00 18.04 ? 419 HOH A O   1 
HETATM 1039 O O   . HOH C 3 .   ? 2.560   15.801  10.300  1.00 17.55 ? 420 HOH A O   1 
HETATM 1040 O O   . HOH C 3 .   ? 1.851   20.460  7.693   1.00 28.46 ? 421 HOH A O   1 
HETATM 1041 O O   . HOH C 3 .   ? -10.860 4.109   5.828   1.00 22.39 ? 422 HOH A O   1 
HETATM 1042 O O   . HOH C 3 .   ? 1.592   -1.089  19.034  1.00 32.33 ? 423 HOH A O   1 
HETATM 1043 O O   . HOH C 3 .   ? 3.574   10.409  -8.301  1.00 28.60 ? 424 HOH A O   1 
HETATM 1044 O O   . HOH C 3 .   ? 4.524   -1.482  18.951  1.00 32.29 ? 425 HOH A O   1 
HETATM 1045 O O   . HOH C 3 .   ? -1.555  -22.973 -8.629  1.00 27.78 ? 426 HOH A O   1 
HETATM 1046 O O   . HOH C 3 .   ? -2.278  -19.352 -12.752 1.00 26.23 ? 427 HOH A O   1 
HETATM 1047 O O   . HOH C 3 .   ? -15.203 4.881   3.761   1.00 26.14 ? 428 HOH A O   1 
HETATM 1048 O O   . HOH C 3 .   ? 9.262   4.635   14.411  1.00 25.22 ? 429 HOH A O   1 
HETATM 1049 O O   . HOH C 3 .   ? 1.176   12.529  -6.141  1.00 25.22 ? 430 HOH A O   1 
HETATM 1050 O O   . HOH C 3 .   ? -15.493 -12.931 5.230   1.00 28.71 ? 431 HOH A O   1 
HETATM 1051 O O   . HOH C 3 .   ? 18.020  15.575  3.623   1.00 34.57 ? 432 HOH A O   1 
HETATM 1052 O O   . HOH C 3 .   ? -11.197 0.138   3.386   1.00 15.06 ? 433 HOH A O   1 
HETATM 1053 O O   . HOH C 3 .   ? 6.159   6.657   -8.984  1.00 19.03 ? 434 HOH A O   1 
HETATM 1054 O O   . HOH C 3 .   ? -4.264  3.595   8.437   1.00 8.46  ? 435 HOH A O   1 
HETATM 1055 O O   . HOH C 3 .   ? 6.268   -2.269  16.466  1.00 31.16 ? 436 HOH A O   1 
HETATM 1056 O O   . HOH C 3 .   ? -8.871  4.400   7.368   1.00 24.10 ? 437 HOH A O   1 
HETATM 1057 O O   . HOH C 3 .   ? -5.640  -0.178  11.799  1.00 27.11 ? 438 HOH A O   1 
HETATM 1058 O O   . HOH C 3 .   ? -4.519  -21.430 -5.149  1.00 22.38 ? 439 HOH A O   1 
HETATM 1059 O O   . HOH C 3 .   ? -8.212  -7.262  -15.447 1.00 28.50 ? 440 HOH A O   1 
HETATM 1060 O O   . HOH C 3 .   ? -0.842  16.693  3.109   1.00 20.14 ? 441 HOH A O   1 
HETATM 1061 O O   . HOH C 3 .   ? -2.056  6.145   -17.340 1.00 34.95 ? 442 HOH A O   1 
HETATM 1062 O O   . HOH C 3 .   ? 11.063  -11.415 -0.943  1.00 31.52 ? 443 HOH A O   1 
HETATM 1063 O O   . HOH C 3 .   ? -16.053 -10.897 6.612   1.00 34.43 ? 444 HOH A O   1 
HETATM 1064 O O   . HOH C 3 .   ? 19.289  3.490   0.391   1.00 22.57 ? 445 HOH A O   1 
HETATM 1065 O O   . HOH C 3 .   ? -3.200  0.886   13.523  1.00 36.56 ? 446 HOH A O   1 
HETATM 1066 O O   . HOH C 3 .   ? 11.955  13.794  14.542  1.00 32.49 ? 447 HOH A O   1 
# 
